data_5VMP
#
_entry.id   5VMP
#
_cell.length_a   58.140
_cell.length_b   101.429
_cell.length_c   142.673
_cell.angle_alpha   90.000
_cell.angle_beta   99.850
_cell.angle_gamma   90.000
#
_symmetry.space_group_name_H-M   'P 1 21 1'
#
loop_
_entity.id
_entity.type
_entity.pdbx_description
1 polymer 'Lysine-specific demethylase 4A'
2 non-polymer 'NICKEL (II) ION'
3 non-polymer 'ZINC ION'
4 non-polymer '3-({[(1R)-6-methoxy-1,2,3,4-tetrahydronaphthalen-1-yl]methyl}amino)pyridine-4-carboxylic acid'
5 water water
#
_entity_poly.entity_id   1
_entity_poly.type   'polypeptide(L)'
_entity_poly.pdbx_seq_one_letter_code
;MGHHHHHHGSGENLYFQSNSETLNPSARIMTFYPTMEEFRNFSRYIAYIESQGAHRAGLAKVVPPKEWKPRASYDDIDDL
VIPAPIQQLVTGQSGLFTQYNIQKKAMTVREFRKIANSDKYCTPRYSEFEELERKYWKNLTFNPPIYGADVNGTLYEKHV
DEWNIGRLRTILDLVEKESGITIEGVNTPYLYFGMWKTSFAWHTEDMDLYSINYLHFGEPKSWYSVPPEHGKRLERLAKG
FFPGSAQSCEAFLRHKMTLISPLMLKKYGIPFDKVTQEAGEFMITFPYGYHAGFNHGFNCAESTNFATRRWIEYGKQAVL
CSCRKDMVKISMDVFVRKFQPERYKLWKAGKDNTVIDHTLPTPEAAEFL
;
_entity_poly.pdbx_strand_id   A,B,C,D
#
# COMPACT_ATOMS: atom_id res chain seq x y z
N SER A 20 55.22 5.86 -53.33
CA SER A 20 55.47 6.98 -54.32
C SER A 20 54.29 7.99 -54.52
N GLU A 21 53.09 7.49 -54.86
CA GLU A 21 51.85 8.28 -54.60
C GLU A 21 51.74 8.56 -53.08
N THR A 22 52.15 7.57 -52.27
CA THR A 22 52.38 7.70 -50.83
C THR A 22 53.16 8.95 -50.43
N LEU A 23 54.37 9.08 -50.96
CA LEU A 23 55.32 10.11 -50.54
C LEU A 23 55.24 11.44 -51.31
N ASN A 24 54.41 11.55 -52.36
CA ASN A 24 54.47 12.70 -53.28
C ASN A 24 54.19 14.07 -52.57
N PRO A 25 55.24 14.92 -52.44
CA PRO A 25 55.11 16.15 -51.65
C PRO A 25 54.17 17.18 -52.23
N SER A 26 53.83 17.01 -53.50
CA SER A 26 52.78 17.85 -54.08
C SER A 26 51.41 17.63 -53.41
N ALA A 27 51.27 16.50 -52.71
CA ALA A 27 50.05 16.10 -52.05
C ALA A 27 50.23 15.93 -50.55
N ARG A 28 51.32 16.46 -50.00
CA ARG A 28 51.61 16.37 -48.58
C ARG A 28 51.27 17.72 -47.92
N ILE A 29 51.02 17.69 -46.61
CA ILE A 29 50.45 18.87 -45.91
C ILE A 29 51.44 20.01 -45.75
N MET A 30 51.07 21.14 -46.35
CA MET A 30 51.88 22.35 -46.32
C MET A 30 51.46 23.31 -45.19
N THR A 31 52.48 24.02 -44.71
CA THR A 31 52.37 25.10 -43.73
C THR A 31 52.80 26.44 -44.39
N PHE A 32 52.09 27.49 -44.02
CA PHE A 32 52.29 28.81 -44.59
C PHE A 32 52.36 29.84 -43.48
N TYR A 33 53.21 30.86 -43.64
CA TYR A 33 53.44 31.89 -42.58
C TYR A 33 53.25 33.29 -43.14
N PRO A 34 52.01 33.66 -43.50
CA PRO A 34 51.71 35.00 -44.08
C PRO A 34 52.12 36.24 -43.25
N THR A 35 52.40 37.32 -43.95
CA THR A 35 52.65 38.63 -43.30
C THR A 35 51.32 39.21 -42.95
N MET A 36 51.31 40.24 -42.12
CA MET A 36 50.06 40.90 -41.78
C MET A 36 49.36 41.38 -43.06
N GLU A 37 50.08 42.12 -43.90
CA GLU A 37 49.63 42.48 -45.27
C GLU A 37 48.84 41.37 -46.03
N GLU A 38 49.42 40.19 -46.18
CA GLU A 38 48.79 39.10 -46.94
C GLU A 38 47.64 38.46 -46.13
N PHE A 39 47.78 38.47 -44.81
CA PHE A 39 46.77 37.90 -43.92
C PHE A 39 45.46 38.66 -43.91
N ARG A 40 45.49 39.96 -44.17
CA ARG A 40 44.31 40.79 -44.11
C ARG A 40 43.25 40.46 -45.15
N ASN A 41 43.65 39.88 -46.29
CA ASN A 41 42.68 39.45 -47.32
C ASN A 41 42.62 37.93 -47.29
N PHE A 42 41.48 37.43 -46.78
CA PHE A 42 41.29 36.03 -46.44
C PHE A 42 41.16 35.18 -47.68
N SER A 43 40.16 35.51 -48.50
CA SER A 43 39.81 34.73 -49.68
C SER A 43 40.89 34.71 -50.73
N ARG A 44 41.72 35.75 -50.78
CA ARG A 44 42.77 35.81 -51.76
C ARG A 44 43.98 35.04 -51.24
N TYR A 45 44.18 34.97 -49.93
CA TYR A 45 45.27 34.15 -49.42
C TYR A 45 44.99 32.67 -49.65
N ILE A 46 43.71 32.31 -49.58
CA ILE A 46 43.30 30.95 -49.87
C ILE A 46 43.63 30.57 -51.31
N ALA A 47 43.34 31.46 -52.25
CA ALA A 47 43.76 31.30 -53.65
C ALA A 47 45.29 31.24 -53.75
N TYR A 48 45.97 32.10 -52.99
CA TYR A 48 47.44 32.02 -52.91
C TYR A 48 47.87 30.62 -52.50
N ILE A 49 47.43 30.15 -51.33
CA ILE A 49 47.88 28.82 -50.89
C ILE A 49 47.51 27.71 -51.89
N GLU A 50 46.40 27.86 -52.63
CA GLU A 50 46.10 26.86 -53.71
C GLU A 50 47.08 27.01 -54.86
N SER A 51 47.43 28.24 -55.21
CA SER A 51 48.46 28.46 -56.23
C SER A 51 49.74 27.68 -55.91
N GLN A 52 50.05 27.51 -54.63
CA GLN A 52 51.24 26.77 -54.16
C GLN A 52 51.01 25.25 -53.95
N GLY A 53 49.87 24.73 -54.36
CA GLY A 53 49.50 23.33 -54.11
C GLY A 53 48.90 22.92 -52.76
N ALA A 54 48.61 23.86 -51.88
CA ALA A 54 48.04 23.50 -50.58
C ALA A 54 46.87 22.52 -50.67
N HIS A 55 45.98 22.80 -51.61
CA HIS A 55 44.77 22.00 -51.73
C HIS A 55 44.95 20.47 -51.92
N ARG A 56 45.99 20.05 -52.62
CA ARG A 56 46.07 18.64 -53.03
C ARG A 56 46.24 17.66 -51.86
N ALA A 57 46.75 18.13 -50.72
CA ALA A 57 46.77 17.29 -49.49
C ALA A 57 45.39 17.11 -48.85
N GLY A 58 44.52 18.07 -49.11
CA GLY A 58 43.21 18.15 -48.46
C GLY A 58 43.24 18.95 -47.16
N LEU A 59 44.43 19.36 -46.71
CA LEU A 59 44.59 20.01 -45.43
C LEU A 59 45.86 20.87 -45.45
N ALA A 60 45.75 22.11 -44.97
CA ALA A 60 46.90 23.02 -44.85
C ALA A 60 46.92 23.77 -43.50
N LYS A 61 48.13 24.06 -42.98
CA LYS A 61 48.28 24.90 -41.82
C LYS A 61 48.67 26.31 -42.25
N VAL A 62 48.04 27.29 -41.62
CA VAL A 62 48.37 28.67 -41.82
C VAL A 62 48.67 29.21 -40.43
N VAL A 63 49.91 29.63 -40.21
CA VAL A 63 50.35 30.25 -38.97
C VAL A 63 50.18 31.77 -39.09
N PRO A 64 49.20 32.37 -38.37
CA PRO A 64 49.01 33.81 -38.56
C PRO A 64 50.22 34.59 -38.04
N PRO A 65 50.39 35.84 -38.50
CA PRO A 65 51.46 36.67 -38.01
C PRO A 65 51.40 36.87 -36.51
N LYS A 66 52.57 36.98 -35.89
CA LYS A 66 52.74 36.90 -34.45
C LYS A 66 51.98 37.98 -33.65
N GLU A 67 51.95 39.21 -34.15
CA GLU A 67 51.24 40.29 -33.42
C GLU A 67 49.74 40.03 -33.26
N TRP A 68 49.17 39.30 -34.22
CA TRP A 68 47.72 39.14 -34.35
C TRP A 68 47.11 38.22 -33.27
N LYS A 69 46.09 38.73 -32.61
CA LYS A 69 45.37 38.01 -31.55
C LYS A 69 43.86 38.23 -31.78
N PRO A 70 43.10 37.12 -31.91
CA PRO A 70 41.65 37.29 -32.09
C PRO A 70 40.91 37.70 -30.80
N ARG A 71 41.51 37.46 -29.65
CA ARG A 71 40.92 37.80 -28.37
C ARG A 71 42.02 38.15 -27.38
N ALA A 72 41.73 39.06 -26.45
CA ALA A 72 42.75 39.58 -25.55
C ALA A 72 43.13 38.49 -24.56
N SER A 73 42.12 37.94 -23.89
CA SER A 73 42.28 36.94 -22.82
C SER A 73 41.16 35.89 -22.92
N TYR A 74 41.47 34.66 -22.52
CA TYR A 74 40.50 33.55 -22.42
C TYR A 74 40.18 33.19 -20.98
N ASP A 75 40.36 34.17 -20.08
CA ASP A 75 40.16 33.94 -18.64
C ASP A 75 38.74 34.22 -18.17
N ASP A 76 37.85 34.54 -19.09
CA ASP A 76 36.55 35.11 -18.75
C ASP A 76 35.41 34.27 -19.34
N ILE A 77 35.66 32.97 -19.58
CA ILE A 77 34.69 32.03 -20.15
C ILE A 77 34.37 30.83 -19.23
N ASP A 78 34.83 30.84 -17.99
CA ASP A 78 34.50 29.74 -17.04
C ASP A 78 32.99 29.36 -16.99
N ASP A 79 32.11 30.35 -17.16
CA ASP A 79 30.63 30.23 -16.99
C ASP A 79 29.89 29.90 -18.27
N LEU A 80 30.64 29.90 -19.38
CA LEU A 80 30.12 29.57 -20.68
C LEU A 80 29.55 28.17 -20.65
N VAL A 81 28.35 28.05 -21.20
CA VAL A 81 27.62 26.81 -21.14
C VAL A 81 27.94 26.04 -22.39
N ILE A 82 28.28 24.78 -22.17
CA ILE A 82 28.34 23.75 -23.19
C ILE A 82 26.94 23.05 -23.13
N PRO A 83 25.99 23.42 -24.02
CA PRO A 83 24.62 22.91 -23.93
C PRO A 83 24.48 21.39 -23.95
N ALA A 84 25.30 20.72 -24.76
CA ALA A 84 25.10 19.31 -25.04
C ALA A 84 26.38 18.49 -25.14
N PRO A 85 27.20 18.46 -24.06
CA PRO A 85 28.45 17.67 -24.12
C PRO A 85 28.20 16.24 -24.53
N ILE A 86 29.14 15.64 -25.22
CA ILE A 86 28.95 14.29 -25.73
C ILE A 86 30.05 13.42 -25.20
N GLN A 87 29.65 12.22 -24.81
CA GLN A 87 30.55 11.21 -24.34
C GLN A 87 30.79 10.21 -25.49
N GLN A 88 32.06 10.01 -25.83
CA GLN A 88 32.47 9.33 -27.06
C GLN A 88 32.85 7.88 -26.80
N LEU A 89 31.87 7.00 -27.02
CA LEU A 89 32.07 5.58 -26.85
C LEU A 89 32.54 5.06 -28.18
N VAL A 90 33.58 4.24 -28.16
CA VAL A 90 34.11 3.73 -29.41
C VAL A 90 34.15 2.23 -29.34
N THR A 91 33.79 1.58 -30.42
CA THR A 91 33.69 0.15 -30.45
C THR A 91 34.42 -0.38 -31.66
N GLY A 92 35.31 -1.33 -31.45
CA GLY A 92 35.99 -2.00 -32.54
C GLY A 92 37.27 -2.65 -32.09
N GLN A 93 38.03 -3.07 -33.09
CA GLN A 93 39.29 -3.78 -32.93
C GLN A 93 40.06 -3.69 -34.28
N SER A 94 41.32 -4.12 -34.33
CA SER A 94 42.07 -4.20 -35.61
C SER A 94 41.99 -2.90 -36.47
N GLY A 95 42.16 -1.75 -35.83
CA GLY A 95 42.15 -0.47 -36.52
C GLY A 95 40.84 0.02 -37.13
N LEU A 96 39.70 -0.59 -36.84
CA LEU A 96 38.45 -0.23 -37.46
C LEU A 96 37.45 -0.02 -36.36
N PHE A 97 36.88 1.19 -36.28
CA PHE A 97 36.05 1.56 -35.16
C PHE A 97 34.83 2.37 -35.56
N THR A 98 33.87 2.43 -34.64
CA THR A 98 32.66 3.22 -34.78
C THR A 98 32.45 3.96 -33.45
N GLN A 99 32.28 5.28 -33.56
CA GLN A 99 32.14 6.19 -32.44
C GLN A 99 30.69 6.63 -32.30
N TYR A 100 30.13 6.45 -31.11
CA TYR A 100 28.78 6.82 -30.77
C TYR A 100 28.87 7.94 -29.76
N ASN A 101 28.28 9.08 -30.07
CA ASN A 101 28.26 10.20 -29.17
C ASN A 101 27.02 10.22 -28.31
N ILE A 102 27.18 10.04 -27.00
CA ILE A 102 26.04 9.92 -26.05
C ILE A 102 25.92 11.27 -25.42
N GLN A 103 24.71 11.82 -25.38
CA GLN A 103 24.53 13.18 -24.87
C GLN A 103 24.47 13.19 -23.37
N LYS A 104 25.08 14.21 -22.79
CA LYS A 104 25.19 14.33 -21.34
C LYS A 104 24.48 15.59 -20.93
N LYS A 105 24.40 15.80 -19.62
CA LYS A 105 23.82 17.05 -19.11
C LYS A 105 24.76 18.21 -19.44
N ALA A 106 24.18 19.41 -19.62
CA ALA A 106 24.93 20.65 -19.78
C ALA A 106 25.90 20.89 -18.61
N MET A 107 27.11 21.38 -18.93
CA MET A 107 28.08 21.75 -17.93
C MET A 107 28.73 23.00 -18.42
N THR A 108 29.30 23.78 -17.52
CA THR A 108 30.07 24.98 -17.87
C THR A 108 31.48 24.59 -18.30
N VAL A 109 32.17 25.55 -18.90
CA VAL A 109 33.59 25.35 -19.30
C VAL A 109 34.42 24.93 -18.10
N ARG A 110 34.31 25.69 -17.01
CA ARG A 110 34.94 25.39 -15.71
C ARG A 110 34.81 23.92 -15.25
N GLU A 111 33.60 23.37 -15.36
CA GLU A 111 33.37 21.98 -14.99
C GLU A 111 33.99 21.01 -16.06
N PHE A 112 33.95 21.41 -17.32
CA PHE A 112 34.64 20.66 -18.38
C PHE A 112 36.20 20.61 -18.16
N ARG A 113 36.83 21.77 -18.01
CA ARG A 113 38.25 21.85 -17.61
C ARG A 113 38.60 20.89 -16.43
N LYS A 114 37.81 20.95 -15.36
CA LYS A 114 37.96 20.05 -14.18
C LYS A 114 38.06 18.56 -14.53
N ILE A 115 37.14 18.09 -15.36
CA ILE A 115 37.14 16.67 -15.73
C ILE A 115 38.37 16.42 -16.60
N ALA A 116 38.62 17.29 -17.58
CA ALA A 116 39.76 17.12 -18.53
C ALA A 116 41.12 17.02 -17.87
N ASN A 117 41.36 17.89 -16.88
CA ASN A 117 42.63 17.91 -16.15
C ASN A 117 42.74 16.84 -15.04
N SER A 118 41.66 16.13 -14.69
CA SER A 118 41.69 15.16 -13.59
C SER A 118 42.51 13.93 -13.96
N ASP A 119 42.77 13.08 -12.96
CA ASP A 119 43.60 11.89 -13.12
C ASP A 119 42.98 10.92 -14.12
N LYS A 120 41.65 10.83 -14.14
CA LYS A 120 40.95 9.82 -14.96
C LYS A 120 41.02 10.13 -16.48
N TYR A 121 41.12 11.40 -16.86
CA TYR A 121 41.01 11.85 -18.25
C TYR A 121 42.18 12.62 -18.83
N CYS A 122 43.19 13.00 -18.03
CA CYS A 122 44.28 13.88 -18.52
C CYS A 122 45.17 13.20 -19.57
N THR A 123 45.96 14.00 -20.25
CA THR A 123 46.94 13.52 -21.17
C THR A 123 47.89 12.56 -20.45
N PRO A 124 48.12 11.35 -21.00
CA PRO A 124 49.13 10.44 -20.43
C PRO A 124 50.52 10.99 -20.66
N ARG A 125 51.51 10.39 -19.98
CA ARG A 125 52.91 10.84 -20.07
C ARG A 125 53.43 10.33 -21.41
N TYR A 126 54.24 11.15 -22.07
CA TYR A 126 54.81 10.82 -23.38
C TYR A 126 56.02 11.71 -23.77
N SER A 127 56.97 11.14 -24.51
CA SER A 127 58.18 11.87 -24.94
C SER A 127 57.95 12.73 -26.20
N GLU A 128 57.55 12.08 -27.30
CA GLU A 128 57.31 12.73 -28.59
C GLU A 128 55.97 12.27 -29.22
N PHE A 129 55.49 12.92 -30.29
CA PHE A 129 54.09 12.70 -30.76
C PHE A 129 53.74 11.24 -31.08
N GLU A 130 54.70 10.47 -31.63
CA GLU A 130 54.46 9.05 -32.03
C GLU A 130 54.00 8.17 -30.88
N GLU A 131 54.52 8.44 -29.68
CA GLU A 131 54.13 7.73 -28.45
C GLU A 131 52.68 8.01 -28.08
N LEU A 132 52.32 9.29 -28.11
CA LEU A 132 50.95 9.71 -27.85
C LEU A 132 50.00 9.15 -28.90
N GLU A 133 50.43 9.18 -30.16
CA GLU A 133 49.72 8.54 -31.25
C GLU A 133 49.46 7.05 -30.97
N ARG A 134 50.47 6.32 -30.52
CA ARG A 134 50.26 4.91 -30.19
C ARG A 134 49.31 4.74 -29.02
N LYS A 135 49.48 5.54 -27.97
CA LYS A 135 48.53 5.52 -26.87
C LYS A 135 47.10 5.81 -27.32
N TYR A 136 46.91 6.78 -28.21
CA TYR A 136 45.58 7.07 -28.74
C TYR A 136 44.94 5.86 -29.39
N TRP A 137 45.61 5.24 -30.36
CA TRP A 137 45.03 4.07 -31.07
C TRP A 137 44.91 2.80 -30.22
N LYS A 138 45.67 2.71 -29.14
CA LYS A 138 45.61 1.56 -28.25
C LYS A 138 44.41 1.67 -27.28
N ASN A 139 44.10 2.89 -26.81
CA ASN A 139 43.10 3.14 -25.77
C ASN A 139 41.84 3.92 -26.16
N LEU A 140 41.60 4.19 -27.44
CA LEU A 140 40.39 4.96 -27.80
C LEU A 140 39.07 4.28 -27.40
N THR A 141 39.04 2.94 -27.30
CA THR A 141 37.82 2.26 -26.82
C THR A 141 37.63 2.27 -25.30
N PHE A 142 38.60 2.81 -24.53
CA PHE A 142 38.56 2.78 -23.07
C PHE A 142 38.22 4.11 -22.50
N ASN A 143 37.72 4.14 -21.27
CA ASN A 143 37.58 5.37 -20.51
C ASN A 143 37.08 6.54 -21.38
N PRO A 144 35.81 6.45 -21.84
CA PRO A 144 35.25 7.37 -22.83
C PRO A 144 35.16 8.81 -22.40
N PRO A 145 35.92 9.69 -23.09
CA PRO A 145 35.95 11.09 -22.73
C PRO A 145 34.70 11.86 -23.14
N ILE A 146 34.59 13.07 -22.62
CA ILE A 146 33.53 14.00 -22.97
C ILE A 146 34.09 15.10 -23.90
N TYR A 147 33.37 15.39 -24.98
CA TYR A 147 33.79 16.40 -25.93
C TYR A 147 32.73 17.48 -25.93
N GLY A 148 33.10 18.69 -25.55
CA GLY A 148 32.17 19.80 -25.67
C GLY A 148 32.10 20.30 -27.09
N ALA A 149 31.57 19.46 -27.98
CA ALA A 149 31.60 19.75 -29.44
C ALA A 149 30.37 20.53 -29.89
N ASP A 150 30.47 21.19 -31.03
CA ASP A 150 29.35 21.85 -31.69
C ASP A 150 28.58 22.86 -30.83
N VAL A 151 29.30 23.62 -30.01
CA VAL A 151 28.74 24.76 -29.26
C VAL A 151 28.61 25.93 -30.22
N ASN A 152 27.42 26.51 -30.31
CA ASN A 152 27.20 27.71 -31.10
C ASN A 152 27.85 28.85 -30.35
N GLY A 153 28.55 29.71 -31.08
CA GLY A 153 29.36 30.74 -30.48
C GLY A 153 30.72 30.92 -31.14
N THR A 154 31.36 32.00 -30.76
CA THR A 154 32.63 32.41 -31.30
C THR A 154 33.39 33.12 -30.19
N LEU A 155 34.71 32.94 -30.15
CA LEU A 155 35.55 33.63 -29.19
C LEU A 155 36.28 34.84 -29.80
N TYR A 156 36.04 35.14 -31.07
CA TYR A 156 36.61 36.35 -31.66
C TYR A 156 36.02 37.59 -30.98
N GLU A 157 36.84 38.62 -30.77
CA GLU A 157 36.29 39.89 -30.30
C GLU A 157 35.55 40.53 -31.45
N LYS A 158 34.45 41.20 -31.13
CA LYS A 158 33.56 41.86 -32.12
C LYS A 158 34.27 42.58 -33.29
N HIS A 159 35.42 43.17 -33.01
CA HIS A 159 36.08 44.11 -33.90
C HIS A 159 37.17 43.49 -34.83
N VAL A 160 37.53 42.21 -34.67
CA VAL A 160 38.64 41.64 -35.44
C VAL A 160 38.23 41.38 -36.90
N ASP A 161 38.90 42.04 -37.84
CA ASP A 161 38.52 41.96 -39.28
C ASP A 161 39.34 40.96 -40.14
N GLU A 162 40.26 40.24 -39.51
CA GLU A 162 41.11 39.29 -40.20
C GLU A 162 40.70 37.88 -39.74
N TRP A 163 40.24 37.08 -40.70
CA TRP A 163 40.01 35.63 -40.52
C TRP A 163 38.95 35.34 -39.47
N ASN A 164 37.92 36.19 -39.49
CA ASN A 164 36.82 36.12 -38.56
C ASN A 164 35.90 34.99 -39.01
N ILE A 165 35.99 33.89 -38.26
CA ILE A 165 35.26 32.66 -38.52
C ILE A 165 33.75 32.89 -38.46
N GLY A 166 33.29 33.90 -37.73
CA GLY A 166 31.88 34.30 -37.74
C GLY A 166 31.41 35.13 -38.95
N ARG A 167 32.34 35.63 -39.76
CA ARG A 167 32.00 36.45 -40.93
C ARG A 167 33.15 36.49 -41.93
N LEU A 168 33.36 35.38 -42.63
CA LEU A 168 34.41 35.24 -43.63
C LEU A 168 34.08 35.86 -45.00
N ARG A 169 32.80 36.06 -45.30
CA ARG A 169 32.37 36.83 -46.49
C ARG A 169 32.78 36.20 -47.81
N THR A 170 32.86 34.88 -47.87
CA THR A 170 33.09 34.15 -49.13
C THR A 170 31.74 33.99 -49.88
N ILE A 171 31.78 33.45 -51.10
CA ILE A 171 30.56 33.15 -51.84
C ILE A 171 29.60 32.06 -51.28
N LEU A 172 30.04 31.30 -50.26
CA LEU A 172 29.07 30.49 -49.48
C LEU A 172 27.88 31.33 -48.99
N ASP A 173 28.13 32.59 -48.66
CA ASP A 173 27.07 33.52 -48.18
C ASP A 173 25.98 33.88 -49.19
N LEU A 174 26.15 33.52 -50.45
CA LEU A 174 25.08 33.63 -51.43
C LEU A 174 23.70 33.03 -51.03
N VAL A 175 23.65 31.89 -50.34
CA VAL A 175 22.35 31.38 -49.87
C VAL A 175 21.67 32.40 -48.96
N GLU A 176 22.41 32.96 -47.99
CA GLU A 176 21.85 33.95 -47.08
C GLU A 176 21.53 35.30 -47.77
N LYS A 177 22.30 35.73 -48.76
CA LYS A 177 21.96 36.98 -49.43
C LYS A 177 20.56 36.89 -50.03
N GLU A 178 20.29 35.75 -50.68
CA GLU A 178 19.05 35.53 -51.47
C GLU A 178 17.81 35.05 -50.72
N SER A 179 18.02 34.34 -49.61
CA SER A 179 16.94 33.70 -48.84
C SER A 179 16.88 34.08 -47.34
N GLY A 180 18.02 34.46 -46.74
CA GLY A 180 18.12 34.72 -45.31
C GLY A 180 18.36 33.48 -44.50
N ILE A 181 18.43 32.34 -45.20
CA ILE A 181 18.52 31.01 -44.59
C ILE A 181 19.98 30.75 -44.21
N THR A 182 20.19 30.32 -42.98
CA THR A 182 21.48 29.90 -42.48
C THR A 182 21.36 28.43 -42.05
N ILE A 183 22.51 27.79 -41.88
CA ILE A 183 22.57 26.42 -41.40
C ILE A 183 23.64 26.45 -40.34
N GLU A 184 23.23 26.06 -39.14
CA GLU A 184 24.06 26.03 -37.96
C GLU A 184 25.33 25.24 -38.27
N GLY A 185 26.49 25.85 -37.99
CA GLY A 185 27.80 25.16 -38.13
C GLY A 185 28.47 25.29 -39.50
N VAL A 186 27.66 25.31 -40.55
CA VAL A 186 28.10 25.59 -41.90
C VAL A 186 28.20 27.09 -42.17
N ASN A 187 27.16 27.86 -41.88
CA ASN A 187 27.17 29.31 -42.10
C ASN A 187 27.42 30.13 -40.85
N THR A 188 27.65 29.48 -39.72
CA THR A 188 27.79 30.15 -38.42
C THR A 188 28.93 29.48 -37.70
N PRO A 189 29.38 30.05 -36.60
CA PRO A 189 30.59 29.42 -36.03
C PRO A 189 30.32 28.41 -34.93
N TYR A 190 31.13 27.36 -34.86
CA TYR A 190 31.08 26.37 -33.75
C TYR A 190 32.37 26.34 -32.92
N LEU A 191 32.23 26.15 -31.61
CA LEU A 191 33.33 25.96 -30.71
C LEU A 191 33.41 24.51 -30.25
N TYR A 192 34.62 24.07 -29.95
CA TYR A 192 34.91 22.70 -29.57
C TYR A 192 35.91 22.67 -28.42
N PHE A 193 35.43 22.22 -27.26
CA PHE A 193 36.25 22.11 -26.08
C PHE A 193 36.64 20.64 -25.98
N GLY A 194 37.92 20.36 -26.17
CA GLY A 194 38.42 19.00 -26.22
C GLY A 194 39.04 18.65 -24.91
N MET A 195 39.11 17.36 -24.63
CA MET A 195 39.99 16.78 -23.62
C MET A 195 40.74 15.65 -24.28
N TRP A 196 41.65 15.03 -23.54
CA TRP A 196 42.50 14.00 -24.14
C TRP A 196 41.62 12.92 -24.77
N LYS A 197 41.92 12.60 -26.02
CA LYS A 197 41.44 11.40 -26.67
C LYS A 197 40.08 11.58 -27.35
N THR A 198 39.56 12.81 -27.34
CA THR A 198 38.28 13.09 -27.96
C THR A 198 38.57 13.17 -29.42
N SER A 199 37.63 12.72 -30.26
CA SER A 199 37.90 12.44 -31.65
C SER A 199 36.88 13.00 -32.61
N PHE A 200 37.33 13.21 -33.83
CA PHE A 200 36.44 13.41 -34.98
C PHE A 200 36.81 12.32 -35.99
N ALA A 201 35.77 11.68 -36.52
CA ALA A 201 35.90 10.62 -37.52
C ALA A 201 36.27 11.09 -38.93
N TRP A 202 36.52 10.10 -39.80
CA TRP A 202 36.82 10.34 -41.19
C TRP A 202 35.63 10.91 -41.93
N HIS A 203 35.82 12.08 -42.51
CA HIS A 203 34.76 12.77 -43.23
C HIS A 203 35.32 13.83 -44.14
N THR A 204 34.61 14.07 -45.25
CA THR A 204 34.71 15.37 -45.95
C THR A 204 33.66 16.26 -45.34
N GLU A 205 33.63 17.52 -45.72
CA GLU A 205 32.65 18.45 -45.14
C GLU A 205 31.30 18.28 -45.76
N ASP A 206 30.28 18.83 -45.10
CA ASP A 206 28.95 18.92 -45.65
C ASP A 206 29.05 19.60 -47.03
N MET A 207 28.44 18.96 -48.03
CA MET A 207 28.44 19.45 -49.43
C MET A 207 29.84 19.58 -50.00
N ASP A 208 30.80 18.87 -49.38
CA ASP A 208 32.21 18.90 -49.73
C ASP A 208 32.76 20.31 -49.78
N LEU A 209 32.29 21.15 -48.87
CA LEU A 209 32.80 22.49 -48.66
C LEU A 209 34.25 22.53 -48.12
N TYR A 210 34.83 23.75 -48.11
CA TYR A 210 36.06 24.01 -47.36
C TYR A 210 35.66 24.17 -45.88
N SER A 211 36.63 24.04 -44.96
CA SER A 211 36.45 24.40 -43.58
C SER A 211 37.67 25.10 -43.04
N ILE A 212 37.44 25.93 -42.02
CA ILE A 212 38.48 26.69 -41.32
C ILE A 212 38.40 26.30 -39.85
N ASN A 213 39.53 25.96 -39.20
CA ASN A 213 39.57 25.50 -37.79
C ASN A 213 40.74 26.22 -37.10
N TYR A 214 40.46 26.95 -36.04
CA TYR A 214 41.46 27.77 -35.38
C TYR A 214 41.51 27.32 -33.95
N LEU A 215 42.67 26.88 -33.50
CA LEU A 215 42.83 26.45 -32.12
C LEU A 215 43.07 27.68 -31.30
N HIS A 216 42.08 28.12 -30.50
CA HIS A 216 42.23 29.32 -29.67
C HIS A 216 43.26 29.17 -28.54
N PHE A 217 43.24 28.03 -27.84
CA PHE A 217 44.11 27.80 -26.69
C PHE A 217 44.22 26.33 -26.31
N GLY A 218 45.25 26.04 -25.53
CA GLY A 218 45.35 24.78 -24.82
C GLY A 218 46.18 23.79 -25.59
N GLU A 219 45.97 22.51 -25.29
CA GLU A 219 46.81 21.46 -25.85
C GLU A 219 46.54 21.23 -27.34
N PRO A 220 47.45 20.52 -28.02
CA PRO A 220 47.30 20.45 -29.50
C PRO A 220 46.15 19.57 -30.04
N LYS A 221 45.88 19.72 -31.33
CA LYS A 221 44.95 18.87 -32.07
C LYS A 221 45.71 18.26 -33.22
N SER A 222 45.72 16.92 -33.31
CA SER A 222 46.40 16.23 -34.42
C SER A 222 45.40 15.74 -35.43
N TRP A 223 45.82 15.72 -36.69
CA TRP A 223 44.94 15.57 -37.84
C TRP A 223 45.58 14.59 -38.80
N TYR A 224 44.75 13.74 -39.40
CA TYR A 224 45.10 12.91 -40.56
C TYR A 224 44.30 13.45 -41.69
N SER A 225 44.85 13.48 -42.90
CA SER A 225 44.15 13.91 -44.09
C SER A 225 44.51 12.96 -45.23
N VAL A 226 43.52 12.63 -46.07
CA VAL A 226 43.72 11.90 -47.31
C VAL A 226 43.59 12.92 -48.46
N PRO A 227 44.48 12.87 -49.48
CA PRO A 227 44.43 13.78 -50.63
C PRO A 227 43.14 13.58 -51.46
N PRO A 228 42.47 14.68 -51.88
CA PRO A 228 41.27 14.51 -52.68
C PRO A 228 41.47 13.66 -53.91
N GLU A 229 42.61 13.73 -54.56
CA GLU A 229 42.86 12.80 -55.66
C GLU A 229 42.85 11.31 -55.28
N HIS A 230 42.96 10.97 -54.00
CA HIS A 230 42.85 9.57 -53.54
C HIS A 230 41.66 9.25 -52.64
N GLY A 231 40.75 10.20 -52.48
CA GLY A 231 39.63 10.03 -51.56
C GLY A 231 38.76 8.80 -51.84
N LYS A 232 38.61 8.42 -53.12
CA LYS A 232 37.79 7.23 -53.49
C LYS A 232 38.32 5.96 -52.87
N ARG A 233 39.63 5.92 -52.66
CA ARG A 233 40.27 4.74 -52.09
C ARG A 233 39.84 4.55 -50.66
N LEU A 234 39.70 5.66 -49.95
CA LEU A 234 39.25 5.59 -48.57
C LEU A 234 37.80 5.12 -48.53
N GLU A 235 36.98 5.62 -49.45
CA GLU A 235 35.58 5.15 -49.51
C GLU A 235 35.55 3.63 -49.74
N ARG A 236 36.39 3.16 -50.67
CA ARG A 236 36.44 1.74 -51.04
C ARG A 236 36.92 0.88 -49.88
N LEU A 237 37.95 1.32 -49.19
CA LEU A 237 38.31 0.67 -47.95
C LEU A 237 37.10 0.64 -46.97
N ALA A 238 36.41 1.77 -46.81
CA ALA A 238 35.32 1.84 -45.85
C ALA A 238 34.13 0.94 -46.23
N LYS A 239 33.82 0.88 -47.52
CA LYS A 239 32.84 -0.08 -48.03
C LYS A 239 33.24 -1.52 -47.72
N GLY A 240 34.46 -1.88 -48.06
CA GLY A 240 35.00 -3.21 -47.79
C GLY A 240 34.75 -3.66 -46.37
N PHE A 241 35.15 -2.86 -45.39
CA PHE A 241 35.07 -3.27 -44.00
C PHE A 241 33.80 -2.90 -43.27
N PHE A 242 32.92 -2.14 -43.91
CA PHE A 242 31.56 -1.87 -43.36
C PHE A 242 30.43 -2.04 -44.42
N PRO A 243 30.32 -3.24 -45.06
CA PRO A 243 29.34 -3.42 -46.16
C PRO A 243 27.88 -3.17 -45.72
N GLY A 244 27.56 -3.57 -44.48
CA GLY A 244 26.30 -3.30 -43.85
C GLY A 244 25.92 -1.84 -43.93
N SER A 245 26.80 -0.99 -43.41
CA SER A 245 26.61 0.47 -43.41
C SER A 245 26.47 1.03 -44.82
N ALA A 246 27.18 0.40 -45.76
CA ALA A 246 27.17 0.76 -47.17
C ALA A 246 25.94 0.25 -47.95
N GLN A 247 25.38 -0.90 -47.60
CA GLN A 247 24.05 -1.27 -48.13
C GLN A 247 23.07 -0.16 -47.81
N SER A 248 23.02 0.22 -46.53
CA SER A 248 22.03 1.17 -46.02
C SER A 248 22.13 2.53 -46.61
N CYS A 249 23.34 2.98 -46.92
CA CYS A 249 23.55 4.37 -47.30
C CYS A 249 24.83 4.54 -48.08
N GLU A 250 24.73 4.94 -49.34
CA GLU A 250 25.94 5.05 -50.19
C GLU A 250 27.01 6.00 -49.58
N ALA A 251 26.57 7.14 -49.02
CA ALA A 251 27.47 8.04 -48.30
C ALA A 251 27.60 7.88 -46.74
N PHE A 252 27.81 6.67 -46.23
CA PHE A 252 27.81 6.45 -44.75
C PHE A 252 28.94 7.12 -43.98
N LEU A 253 30.01 7.55 -44.65
CA LEU A 253 31.07 8.31 -43.97
C LEU A 253 30.54 9.65 -43.48
N ARG A 254 29.45 10.10 -44.08
CA ARG A 254 28.89 11.38 -43.71
C ARG A 254 28.17 11.37 -42.36
N HIS A 255 28.00 10.20 -41.78
CA HIS A 255 27.47 10.09 -40.43
C HIS A 255 28.47 10.55 -39.39
N LYS A 256 29.76 10.59 -39.78
CA LYS A 256 30.88 11.04 -38.95
C LYS A 256 31.06 10.15 -37.72
N MET A 257 30.98 8.84 -37.98
CA MET A 257 31.06 7.81 -36.96
C MET A 257 32.20 6.81 -37.15
N THR A 258 32.96 6.89 -38.26
CA THR A 258 33.92 5.82 -38.63
C THR A 258 35.38 6.22 -38.44
N LEU A 259 36.11 5.52 -37.55
CA LEU A 259 37.52 5.72 -37.35
C LEU A 259 38.31 4.53 -37.91
N ILE A 260 39.40 4.85 -38.60
CA ILE A 260 40.26 3.93 -39.29
C ILE A 260 41.69 4.38 -38.96
N SER A 261 42.50 3.49 -38.39
CA SER A 261 43.87 3.83 -37.96
C SER A 261 44.81 4.07 -39.11
N PRO A 262 45.83 4.90 -38.87
CA PRO A 262 46.88 5.03 -39.88
C PRO A 262 47.49 3.72 -40.32
N LEU A 263 47.65 2.75 -39.42
CA LEU A 263 48.17 1.42 -39.81
C LEU A 263 47.32 0.75 -40.91
N MET A 264 46.00 0.82 -40.79
CA MET A 264 45.10 0.26 -41.80
C MET A 264 45.20 0.99 -43.14
N LEU A 265 45.29 2.33 -43.11
CA LEU A 265 45.44 3.09 -44.35
C LEU A 265 46.71 2.68 -45.10
N LYS A 266 47.82 2.64 -44.37
CA LYS A 266 49.08 2.22 -44.93
C LYS A 266 48.95 0.85 -45.54
N LYS A 267 48.38 -0.08 -44.76
CA LYS A 267 48.25 -1.48 -45.14
C LYS A 267 47.46 -1.69 -46.41
N TYR A 268 46.37 -0.91 -46.54
CA TYR A 268 45.54 -0.96 -47.73
C TYR A 268 45.92 0.05 -48.85
N GLY A 269 47.07 0.73 -48.75
CA GLY A 269 47.55 1.57 -49.85
C GLY A 269 46.84 2.91 -50.04
N ILE A 270 46.34 3.47 -48.94
CA ILE A 270 45.67 4.75 -48.98
C ILE A 270 46.71 5.75 -48.62
N PRO A 271 47.15 6.57 -49.59
CA PRO A 271 48.06 7.61 -49.15
C PRO A 271 47.35 8.55 -48.15
N PHE A 272 48.08 9.01 -47.14
CA PHE A 272 47.59 9.97 -46.17
C PHE A 272 48.78 10.79 -45.58
N ASP A 273 48.50 11.89 -44.90
CA ASP A 273 49.58 12.62 -44.18
C ASP A 273 49.05 13.09 -42.84
N LYS A 274 49.96 13.50 -41.96
CA LYS A 274 49.60 13.84 -40.61
C LYS A 274 50.27 15.15 -40.22
N VAL A 275 49.60 15.85 -39.33
CA VAL A 275 50.15 17.08 -38.81
C VAL A 275 49.51 17.35 -37.46
N THR A 276 50.24 18.11 -36.64
CA THR A 276 49.74 18.61 -35.36
C THR A 276 49.52 20.13 -35.30
N GLN A 277 48.32 20.53 -34.91
CA GLN A 277 47.91 21.93 -34.79
C GLN A 277 48.15 22.38 -33.36
N GLU A 278 48.87 23.48 -33.18
CA GLU A 278 49.21 24.00 -31.86
C GLU A 278 48.34 25.22 -31.64
N ALA A 279 48.18 25.61 -30.38
CA ALA A 279 47.43 26.82 -30.01
C ALA A 279 47.90 27.94 -30.88
N GLY A 280 46.96 28.67 -31.47
CA GLY A 280 47.25 29.85 -32.27
C GLY A 280 47.31 29.63 -33.77
N GLU A 281 47.13 28.39 -34.22
CA GLU A 281 47.28 28.04 -35.63
C GLU A 281 45.94 27.73 -36.27
N PHE A 282 45.82 28.01 -37.57
CA PHE A 282 44.63 27.67 -38.38
C PHE A 282 44.88 26.42 -39.21
N MET A 283 43.86 25.61 -39.39
CA MET A 283 43.93 24.53 -40.39
C MET A 283 42.82 24.76 -41.41
N ILE A 284 43.12 24.62 -42.69
CA ILE A 284 42.15 24.75 -43.76
C ILE A 284 41.98 23.35 -44.31
N THR A 285 40.74 22.86 -44.28
CA THR A 285 40.41 21.62 -45.04
C THR A 285 39.83 22.03 -46.38
N PHE A 286 40.10 21.23 -47.40
CA PHE A 286 39.71 21.56 -48.76
C PHE A 286 38.65 20.59 -49.29
N PRO A 287 37.91 21.03 -50.32
CA PRO A 287 36.89 20.23 -50.96
C PRO A 287 37.27 18.77 -51.24
N TYR A 288 36.46 17.86 -50.72
CA TYR A 288 36.65 16.44 -50.89
C TYR A 288 37.93 15.96 -50.20
N GLY A 289 38.34 16.66 -49.14
CA GLY A 289 39.50 16.26 -48.33
C GLY A 289 39.00 15.53 -47.12
N TYR A 290 39.26 14.22 -47.06
CA TYR A 290 38.89 13.40 -45.89
C TYR A 290 39.90 13.71 -44.78
N HIS A 291 39.41 13.91 -43.56
CA HIS A 291 40.24 14.12 -42.39
C HIS A 291 39.67 13.47 -41.15
N ALA A 292 40.52 13.27 -40.17
CA ALA A 292 40.18 12.72 -38.86
C ALA A 292 41.25 13.22 -37.88
N GLY A 293 40.98 13.07 -36.59
CA GLY A 293 42.00 13.31 -35.60
C GLY A 293 41.48 13.34 -34.21
N PHE A 294 42.31 13.84 -33.29
CA PHE A 294 42.00 13.79 -31.87
C PHE A 294 42.73 14.91 -31.17
N ASN A 295 42.25 15.26 -29.98
CA ASN A 295 42.87 16.29 -29.14
C ASN A 295 43.80 15.67 -28.08
N HIS A 296 44.85 16.42 -27.79
CA HIS A 296 45.87 15.94 -26.90
C HIS A 296 45.43 16.11 -25.48
N GLY A 297 44.55 17.09 -25.25
CA GLY A 297 44.17 17.49 -23.91
C GLY A 297 43.29 18.73 -23.91
N PHE A 298 43.06 19.30 -22.74
CA PHE A 298 42.10 20.38 -22.69
C PHE A 298 42.48 21.44 -23.73
N ASN A 299 41.53 21.79 -24.62
CA ASN A 299 41.76 22.85 -25.61
C ASN A 299 40.48 23.42 -26.21
N CYS A 300 40.57 24.44 -27.04
CA CYS A 300 39.39 25.07 -27.56
C CYS A 300 39.64 25.53 -28.95
N ALA A 301 38.78 25.09 -29.87
CA ALA A 301 38.92 25.37 -31.29
C ALA A 301 37.61 25.93 -31.82
N GLU A 302 37.70 26.86 -32.76
CA GLU A 302 36.53 27.41 -33.45
C GLU A 302 36.56 27.03 -34.95
N SER A 303 35.42 26.68 -35.56
CA SER A 303 35.35 26.41 -37.02
C SER A 303 34.06 26.78 -37.66
N THR A 304 34.11 26.92 -38.99
CA THR A 304 32.90 27.02 -39.79
C THR A 304 33.25 26.54 -41.20
N ASN A 305 32.31 26.58 -42.13
CA ASN A 305 32.59 26.20 -43.52
C ASN A 305 32.71 27.46 -44.40
N PHE A 306 33.40 27.36 -45.53
CA PHE A 306 33.38 28.45 -46.53
C PHE A 306 33.58 27.86 -47.93
N ALA A 307 33.52 28.74 -48.91
CA ALA A 307 33.58 28.37 -50.33
C ALA A 307 34.48 29.29 -51.16
N THR A 308 34.90 28.78 -52.32
CA THR A 308 35.53 29.57 -53.38
C THR A 308 34.80 29.17 -54.63
N ARG A 309 35.15 29.80 -55.75
CA ARG A 309 34.54 29.44 -57.01
C ARG A 309 34.78 27.96 -57.36
N ARG A 310 35.95 27.44 -57.03
CA ARG A 310 36.28 26.01 -57.29
C ARG A 310 35.29 25.02 -56.66
N TRP A 311 34.72 25.38 -55.50
CA TRP A 311 33.79 24.53 -54.79
C TRP A 311 32.49 24.19 -55.53
N ILE A 312 32.01 25.08 -56.37
CA ILE A 312 30.69 24.90 -56.97
C ILE A 312 30.52 23.51 -57.64
N GLU A 313 31.51 23.09 -58.41
CA GLU A 313 31.48 21.77 -59.04
C GLU A 313 31.45 20.64 -57.98
N TYR A 314 32.23 20.81 -56.91
CA TYR A 314 32.23 19.84 -55.80
C TYR A 314 30.84 19.77 -55.18
N GLY A 315 30.19 20.93 -55.05
CA GLY A 315 28.79 21.00 -54.59
C GLY A 315 27.75 20.32 -55.48
N LYS A 316 27.88 20.51 -56.79
CA LYS A 316 27.04 19.82 -57.79
C LYS A 316 27.20 18.31 -57.72
N GLN A 317 28.46 17.85 -57.56
CA GLN A 317 28.79 16.42 -57.62
C GLN A 317 28.84 15.68 -56.31
N ALA A 318 28.62 16.36 -55.19
CA ALA A 318 28.82 15.73 -53.89
C ALA A 318 27.87 14.56 -53.65
N VAL A 319 28.40 13.37 -53.38
CA VAL A 319 27.54 12.23 -53.05
C VAL A 319 27.03 12.32 -51.61
N LEU A 320 25.71 12.40 -51.44
CA LEU A 320 25.05 12.80 -50.19
C LEU A 320 24.36 11.66 -49.45
N CYS A 321 24.22 11.82 -48.12
CA CYS A 321 23.61 10.79 -47.27
C CYS A 321 22.23 10.39 -47.77
N SER A 322 22.05 9.11 -48.07
CA SER A 322 20.81 8.61 -48.66
C SER A 322 19.82 8.04 -47.61
N CYS A 323 20.01 8.35 -46.32
CA CYS A 323 19.26 7.68 -45.24
C CYS A 323 18.67 8.55 -44.06
N ARG A 324 18.63 9.89 -44.17
CA ARG A 324 18.07 10.76 -43.10
C ARG A 324 17.20 11.89 -43.69
N VAL A 328 21.55 17.41 -43.98
CA VAL A 328 22.11 18.72 -44.45
C VAL A 328 22.36 18.79 -45.92
N LYS A 329 21.76 19.78 -46.59
CA LYS A 329 21.78 19.83 -48.04
C LYS A 329 21.68 21.27 -48.52
N ILE A 330 22.59 21.69 -49.39
CA ILE A 330 22.52 23.03 -49.96
C ILE A 330 22.08 22.88 -51.40
N SER A 331 21.08 23.66 -51.79
CA SER A 331 20.58 23.67 -53.16
C SER A 331 21.60 24.46 -53.96
N MET A 332 22.15 23.80 -54.97
CA MET A 332 23.19 24.35 -55.80
C MET A 332 22.67 25.30 -56.86
N ASP A 333 21.37 25.22 -57.15
CA ASP A 333 20.75 26.03 -58.23
C ASP A 333 21.26 27.45 -58.26
N VAL A 334 21.16 28.12 -57.11
CA VAL A 334 21.64 29.50 -57.00
C VAL A 334 23.12 29.70 -57.41
N PHE A 335 23.98 28.74 -57.05
CA PHE A 335 25.39 28.84 -57.40
C PHE A 335 25.64 28.64 -58.88
N VAL A 336 24.95 27.66 -59.47
CA VAL A 336 25.10 27.40 -60.89
C VAL A 336 24.51 28.59 -61.65
N ARG A 337 23.32 29.05 -61.26
CA ARG A 337 22.71 30.28 -61.87
C ARG A 337 23.72 31.43 -61.95
N LYS A 338 24.34 31.79 -60.82
CA LYS A 338 25.19 32.99 -60.73
C LYS A 338 26.59 32.85 -61.36
N PHE A 339 27.22 31.69 -61.12
CA PHE A 339 28.61 31.47 -61.56
C PHE A 339 28.79 30.61 -62.80
N GLN A 340 27.80 29.78 -63.12
CA GLN A 340 27.87 28.88 -64.27
C GLN A 340 26.61 29.03 -65.16
N PRO A 341 26.24 30.29 -65.53
CA PRO A 341 24.92 30.62 -66.16
C PRO A 341 24.53 29.80 -67.41
N GLU A 342 25.48 29.60 -68.32
CA GLU A 342 25.27 28.84 -69.58
C GLU A 342 25.08 27.32 -69.36
N ARG A 343 25.76 26.80 -68.35
CA ARG A 343 25.72 25.40 -68.03
C ARG A 343 24.44 25.05 -67.29
N TYR A 344 23.71 26.05 -66.78
CA TYR A 344 22.55 25.85 -65.91
C TYR A 344 21.46 24.89 -66.44
N LYS A 345 21.08 25.12 -67.69
CA LYS A 345 20.02 24.39 -68.38
C LYS A 345 20.46 22.96 -68.70
N LEU A 346 21.63 22.86 -69.34
CA LEU A 346 22.37 21.60 -69.48
C LEU A 346 22.50 20.82 -68.15
N TRP A 347 22.75 21.54 -67.04
CA TRP A 347 22.87 20.92 -65.71
C TRP A 347 21.53 20.46 -65.16
N LYS A 348 20.49 21.28 -65.26
CA LYS A 348 19.13 20.88 -64.81
C LYS A 348 18.60 19.69 -65.62
N ALA A 349 19.02 19.62 -66.89
CA ALA A 349 18.75 18.46 -67.76
C ALA A 349 19.39 17.14 -67.28
N GLY A 350 20.41 17.24 -66.41
CA GLY A 350 21.12 16.09 -65.90
C GLY A 350 22.11 15.56 -66.91
N LYS A 351 22.60 16.44 -67.78
CA LYS A 351 23.50 16.05 -68.85
C LYS A 351 24.84 16.79 -68.76
N ASP A 352 25.16 17.30 -67.57
CA ASP A 352 26.40 18.01 -67.31
C ASP A 352 27.40 17.11 -66.61
N ASN A 353 28.21 16.45 -67.41
CA ASN A 353 29.18 15.47 -66.93
C ASN A 353 30.59 16.05 -66.83
N THR A 354 30.69 17.28 -66.29
CA THR A 354 31.98 17.89 -65.99
C THR A 354 32.74 16.93 -65.05
N VAL A 355 34.02 16.68 -65.34
CA VAL A 355 34.83 15.77 -64.53
C VAL A 355 35.82 16.62 -63.75
N ILE A 356 35.93 16.35 -62.45
CA ILE A 356 36.72 17.17 -61.57
C ILE A 356 38.17 16.74 -61.61
N ASP A 357 39.05 17.72 -61.74
CA ASP A 357 40.46 17.52 -61.62
C ASP A 357 40.85 18.10 -60.26
N HIS A 358 41.11 17.21 -59.31
CA HIS A 358 41.41 17.62 -57.90
C HIS A 358 42.76 18.33 -57.73
N THR A 359 43.67 18.19 -58.71
CA THR A 359 45.00 18.86 -58.67
C THR A 359 44.97 20.35 -59.06
N LEU A 360 43.87 20.80 -59.65
CA LEU A 360 43.76 22.17 -60.15
C LEU A 360 43.49 23.18 -59.07
N PRO A 361 44.23 24.30 -59.09
CA PRO A 361 43.84 25.45 -58.26
C PRO A 361 42.56 26.16 -58.70
N THR A 362 41.90 26.78 -57.72
CA THR A 362 40.73 27.63 -57.96
C THR A 362 41.09 28.73 -58.96
N PRO A 363 40.11 29.19 -59.78
CA PRO A 363 40.46 30.29 -60.72
C PRO A 363 40.94 31.63 -60.09
N GLU A 364 40.60 31.88 -58.83
CA GLU A 364 41.04 33.11 -58.10
C GLU A 364 42.58 33.18 -57.91
N ALA A 365 43.22 32.01 -58.04
CA ALA A 365 44.68 31.88 -57.97
C ALA A 365 45.48 32.37 -59.18
N ALA A 366 44.80 32.61 -60.31
CA ALA A 366 45.45 32.91 -61.60
C ALA A 366 46.48 34.04 -61.51
N GLU A 367 46.14 35.11 -60.78
CA GLU A 367 47.12 36.19 -60.49
C GLU A 367 48.50 35.68 -59.97
N PHE A 368 48.53 34.64 -59.12
CA PHE A 368 49.81 34.14 -58.56
C PHE A 368 50.54 33.15 -59.49
N LEU A 369 51.06 33.68 -60.60
CA LEU A 369 51.79 32.89 -61.62
C LEU A 369 52.88 33.72 -62.29
N SER B 20 19.45 -23.29 10.25
CA SER B 20 19.49 -22.02 9.43
C SER B 20 20.79 -21.92 8.60
N GLU B 21 21.92 -22.00 9.30
CA GLU B 21 23.25 -22.03 8.67
C GLU B 21 23.62 -23.40 8.08
N THR B 22 22.91 -24.44 8.52
CA THR B 22 23.03 -25.79 7.95
C THR B 22 22.22 -25.95 6.66
N LEU B 23 21.28 -25.04 6.42
CA LEU B 23 20.48 -25.06 5.20
C LEU B 23 21.19 -24.38 4.05
N ASN B 24 21.42 -25.12 2.95
CA ASN B 24 22.11 -24.69 1.74
C ASN B 24 23.36 -23.94 2.14
N PRO B 25 24.23 -24.62 2.91
CA PRO B 25 25.42 -23.97 3.43
C PRO B 25 26.41 -23.54 2.37
N SER B 26 26.46 -24.26 1.24
CA SER B 26 27.27 -23.83 0.08
C SER B 26 26.64 -22.60 -0.66
N ALA B 27 25.36 -22.35 -0.42
CA ALA B 27 24.65 -21.19 -0.94
C ALA B 27 24.57 -21.24 -2.45
N ARG B 28 24.35 -22.43 -2.99
CA ARG B 28 24.29 -22.62 -4.42
C ARG B 28 22.87 -22.42 -4.86
N ILE B 29 22.71 -22.06 -6.14
CA ILE B 29 21.41 -21.78 -6.74
C ILE B 29 20.63 -23.06 -6.78
N MET B 30 19.43 -23.02 -6.21
CA MET B 30 18.56 -24.17 -6.07
C MET B 30 17.50 -24.16 -7.13
N THR B 31 16.99 -25.34 -7.43
CA THR B 31 15.94 -25.48 -8.41
C THR B 31 14.73 -26.25 -7.83
N PHE B 32 13.54 -25.85 -8.27
CA PHE B 32 12.30 -26.25 -7.64
C PHE B 32 11.28 -26.63 -8.67
N TYR B 33 10.59 -27.74 -8.40
CA TYR B 33 9.54 -28.24 -9.28
C TYR B 33 8.26 -28.38 -8.46
N PRO B 34 7.57 -27.26 -8.27
CA PRO B 34 6.31 -27.39 -7.57
C PRO B 34 5.30 -28.26 -8.33
N THR B 35 4.48 -28.96 -7.55
CA THR B 35 3.22 -29.50 -8.04
C THR B 35 2.32 -28.30 -8.23
N MET B 36 1.16 -28.56 -8.82
CA MET B 36 0.20 -27.51 -9.05
C MET B 36 -0.38 -26.96 -7.75
N GLU B 37 -0.56 -27.84 -6.78
CA GLU B 37 -1.14 -27.50 -5.49
C GLU B 37 -0.22 -26.50 -4.75
N GLU B 38 1.07 -26.82 -4.73
CA GLU B 38 2.11 -25.98 -4.13
C GLU B 38 2.20 -24.61 -4.84
N PHE B 39 2.16 -24.67 -6.17
CA PHE B 39 2.29 -23.51 -7.05
C PHE B 39 1.20 -22.44 -6.89
N ARG B 40 -0.01 -22.83 -6.48
CA ARG B 40 -1.12 -21.86 -6.35
C ARG B 40 -0.74 -20.63 -5.51
N ASN B 41 -0.34 -20.87 -4.26
CA ASN B 41 -0.02 -19.77 -3.35
C ASN B 41 1.44 -19.31 -3.56
N PHE B 42 1.60 -18.06 -3.99
CA PHE B 42 2.89 -17.48 -4.33
C PHE B 42 3.75 -17.28 -3.06
N SER B 43 3.27 -16.47 -2.12
CA SER B 43 4.02 -16.17 -0.88
C SER B 43 4.32 -17.40 -0.05
N ARG B 44 3.38 -18.34 0.02
CA ARG B 44 3.62 -19.59 0.71
C ARG B 44 4.86 -20.20 0.12
N TYR B 45 4.86 -20.38 -1.20
CA TYR B 45 5.92 -21.17 -1.84
C TYR B 45 7.27 -20.50 -1.79
N ILE B 46 7.26 -19.17 -1.82
CA ILE B 46 8.48 -18.38 -1.63
C ILE B 46 8.96 -18.59 -0.19
N ALA B 47 8.04 -18.62 0.76
CA ALA B 47 8.41 -18.95 2.13
C ALA B 47 9.02 -20.34 2.23
N TYR B 48 8.43 -21.31 1.54
CA TYR B 48 8.94 -22.70 1.51
C TYR B 48 10.38 -22.81 0.97
N ILE B 49 10.65 -22.26 -0.21
CA ILE B 49 12.02 -22.32 -0.76
C ILE B 49 13.05 -21.63 0.17
N GLU B 50 12.64 -20.56 0.86
CA GLU B 50 13.48 -19.99 1.93
C GLU B 50 13.62 -21.05 3.02
N SER B 51 12.52 -21.68 3.43
CA SER B 51 12.65 -22.79 4.39
C SER B 51 13.74 -23.80 3.99
N GLN B 52 14.05 -23.93 2.69
CA GLN B 52 15.12 -24.85 2.21
C GLN B 52 16.48 -24.18 1.93
N GLY B 53 16.64 -22.91 2.29
CA GLY B 53 17.89 -22.20 2.10
C GLY B 53 18.14 -21.55 0.74
N ALA B 54 17.09 -21.48 -0.08
CA ALA B 54 17.24 -20.99 -1.47
C ALA B 54 17.80 -19.56 -1.48
N HIS B 55 17.21 -18.73 -0.61
CA HIS B 55 17.65 -17.34 -0.37
C HIS B 55 19.15 -17.13 -0.21
N ARG B 56 19.85 -18.15 0.26
CA ARG B 56 21.28 -17.99 0.48
C ARG B 56 22.07 -17.74 -0.79
N ALA B 57 21.68 -18.31 -1.93
CA ALA B 57 22.34 -18.02 -3.22
C ALA B 57 21.99 -16.62 -3.82
N GLY B 58 20.86 -16.08 -3.39
CA GLY B 58 20.41 -14.78 -3.89
C GLY B 58 19.53 -14.89 -5.12
N LEU B 59 19.40 -16.09 -5.64
CA LEU B 59 18.79 -16.39 -6.90
C LEU B 59 18.29 -17.82 -6.81
N ALA B 60 17.12 -18.05 -7.39
CA ALA B 60 16.55 -19.42 -7.45
C ALA B 60 15.68 -19.63 -8.67
N LYS B 61 15.70 -20.84 -9.21
CA LYS B 61 14.89 -21.22 -10.34
C LYS B 61 13.68 -22.03 -9.86
N VAL B 62 12.50 -21.64 -10.35
CA VAL B 62 11.27 -22.40 -10.16
C VAL B 62 10.70 -22.82 -11.54
N VAL B 63 10.57 -24.15 -11.74
CA VAL B 63 10.05 -24.70 -12.99
C VAL B 63 8.58 -25.04 -12.73
N PRO B 64 7.63 -24.24 -13.26
CA PRO B 64 6.24 -24.54 -12.94
C PRO B 64 5.77 -25.85 -13.58
N PRO B 65 4.60 -26.33 -13.16
CA PRO B 65 4.17 -27.61 -13.72
C PRO B 65 3.85 -27.43 -15.21
N LYS B 66 4.19 -28.45 -16.00
CA LYS B 66 4.17 -28.35 -17.47
C LYS B 66 2.75 -28.02 -18.00
N GLU B 67 1.69 -28.39 -17.30
CA GLU B 67 0.35 -28.02 -17.74
C GLU B 67 0.10 -26.48 -17.68
N TRP B 68 0.67 -25.80 -16.69
CA TRP B 68 0.42 -24.37 -16.48
C TRP B 68 0.95 -23.44 -17.60
N LYS B 69 0.11 -22.52 -18.08
CA LYS B 69 0.51 -21.50 -19.07
C LYS B 69 -0.18 -20.17 -18.72
N PRO B 70 0.57 -19.04 -18.76
CA PRO B 70 0.01 -17.70 -18.49
C PRO B 70 -0.68 -17.00 -19.69
N ARG B 71 -0.52 -17.56 -20.88
CA ARG B 71 -1.04 -16.98 -22.11
C ARG B 71 -1.17 -18.15 -23.07
N ALA B 72 -2.28 -18.25 -23.81
CA ALA B 72 -2.51 -19.39 -24.70
C ALA B 72 -1.57 -19.37 -25.89
N SER B 73 -1.32 -18.17 -26.44
CA SER B 73 -0.26 -18.02 -27.44
C SER B 73 0.29 -16.58 -27.53
N TYR B 74 1.38 -16.42 -28.30
CA TYR B 74 2.10 -15.16 -28.43
C TYR B 74 2.24 -14.70 -29.90
N ASP B 75 1.27 -14.99 -30.78
CA ASP B 75 1.38 -14.43 -32.17
C ASP B 75 0.49 -13.23 -32.46
N ASP B 76 0.06 -12.52 -31.41
CA ASP B 76 -0.79 -11.34 -31.56
C ASP B 76 -0.12 -10.07 -30.97
N ILE B 77 1.21 -10.05 -30.95
CA ILE B 77 1.99 -8.97 -30.30
C ILE B 77 2.97 -8.23 -31.24
N ASP B 78 2.86 -8.53 -32.52
CA ASP B 78 3.70 -7.90 -33.52
C ASP B 78 3.61 -6.38 -33.52
N ASP B 79 2.45 -5.81 -33.18
CA ASP B 79 2.28 -4.36 -33.13
C ASP B 79 2.36 -3.82 -31.71
N LEU B 80 2.74 -4.67 -30.75
CA LEU B 80 3.16 -4.16 -29.46
C LEU B 80 4.35 -3.19 -29.66
N VAL B 81 4.20 -2.00 -29.12
CA VAL B 81 5.25 -0.99 -29.17
C VAL B 81 6.27 -1.07 -28.00
N ILE B 82 7.56 -1.08 -28.35
CA ILE B 82 8.70 -0.94 -27.40
C ILE B 82 9.07 0.51 -27.48
N PRO B 83 8.75 1.33 -26.44
CA PRO B 83 8.92 2.80 -26.60
C PRO B 83 10.33 3.33 -26.74
N ALA B 84 11.29 2.68 -26.06
CA ALA B 84 12.61 3.23 -25.86
C ALA B 84 13.63 2.08 -25.80
N PRO B 85 13.79 1.38 -26.91
CA PRO B 85 14.84 0.42 -26.90
C PRO B 85 16.17 1.12 -26.69
N ILE B 86 17.12 0.40 -26.09
CA ILE B 86 18.45 0.91 -25.77
C ILE B 86 19.55 0.14 -26.57
N GLN B 87 20.36 0.88 -27.30
CA GLN B 87 21.58 0.32 -27.87
C GLN B 87 22.67 0.29 -26.75
N GLN B 88 23.19 -0.91 -26.48
CA GLN B 88 24.11 -1.16 -25.35
C GLN B 88 25.58 -1.03 -25.75
N LEU B 89 26.17 0.11 -25.46
CA LEU B 89 27.57 0.29 -25.71
C LEU B 89 28.34 -0.09 -24.48
N VAL B 90 29.38 -0.90 -24.67
CA VAL B 90 30.18 -1.38 -23.58
C VAL B 90 31.61 -1.02 -23.84
N THR B 91 32.25 -0.46 -22.84
CA THR B 91 33.69 -0.08 -22.87
C THR B 91 34.41 -0.90 -21.78
N GLY B 92 35.63 -1.39 -22.03
CA GLY B 92 36.35 -2.19 -21.00
C GLY B 92 37.30 -3.27 -21.50
N GLN B 93 37.97 -3.92 -20.55
CA GLN B 93 39.04 -4.89 -20.83
C GLN B 93 39.31 -5.78 -19.60
N SER B 94 39.99 -6.90 -19.84
CA SER B 94 40.30 -7.90 -18.79
C SER B 94 39.24 -7.97 -17.67
N GLY B 95 38.01 -8.26 -18.08
CA GLY B 95 36.91 -8.60 -17.19
C GLY B 95 36.14 -7.48 -16.50
N LEU B 96 36.51 -6.22 -16.75
CA LEU B 96 35.84 -5.05 -16.15
C LEU B 96 35.34 -4.09 -17.23
N PHE B 97 34.03 -3.83 -17.21
CA PHE B 97 33.41 -3.05 -18.29
C PHE B 97 32.37 -2.11 -17.74
N THR B 98 31.97 -1.16 -18.55
CA THR B 98 30.85 -0.26 -18.21
C THR B 98 29.91 -0.20 -19.41
N GLN B 99 28.60 -0.25 -19.14
CA GLN B 99 27.57 -0.38 -20.18
C GLN B 99 26.78 0.95 -20.22
N TYR B 100 26.79 1.60 -21.38
CA TYR B 100 26.09 2.88 -21.60
C TYR B 100 24.97 2.55 -22.55
N ASN B 101 23.75 2.91 -22.18
CA ASN B 101 22.53 2.57 -22.90
C ASN B 101 21.95 3.80 -23.63
N ILE B 102 22.00 3.82 -24.95
CA ILE B 102 21.51 4.94 -25.75
C ILE B 102 20.07 4.69 -26.21
N GLN B 103 19.10 5.48 -25.74
CA GLN B 103 17.69 5.37 -26.19
C GLN B 103 17.56 5.57 -27.70
N LYS B 104 16.90 4.65 -28.41
CA LYS B 104 16.48 4.88 -29.79
C LYS B 104 14.97 5.05 -29.87
N LYS B 105 14.47 5.50 -31.00
CA LYS B 105 13.02 5.77 -31.10
C LYS B 105 12.20 4.46 -31.00
N ALA B 106 10.92 4.62 -30.66
CA ALA B 106 9.94 3.53 -30.55
C ALA B 106 10.02 2.47 -31.66
N MET B 107 10.07 1.21 -31.26
CA MET B 107 10.17 0.08 -32.18
C MET B 107 8.99 -0.83 -31.92
N THR B 108 8.51 -1.52 -32.95
CA THR B 108 7.57 -2.65 -32.75
C THR B 108 8.30 -3.98 -32.49
N VAL B 109 7.57 -4.91 -31.86
CA VAL B 109 8.03 -6.30 -31.64
C VAL B 109 8.39 -6.91 -32.97
N ARG B 110 7.57 -6.69 -33.99
CA ARG B 110 7.85 -7.27 -35.32
C ARG B 110 9.24 -6.89 -35.85
N GLU B 111 9.50 -5.59 -35.81
CA GLU B 111 10.74 -4.97 -36.25
C GLU B 111 11.90 -5.39 -35.35
N PHE B 112 11.63 -5.48 -34.05
CA PHE B 112 12.64 -5.90 -33.11
C PHE B 112 13.11 -7.32 -33.45
N ARG B 113 12.16 -8.25 -33.58
CA ARG B 113 12.44 -9.63 -33.93
C ARG B 113 13.28 -9.72 -35.17
N LYS B 114 12.89 -9.02 -36.23
CA LYS B 114 13.59 -9.10 -37.50
C LYS B 114 15.07 -8.82 -37.34
N ILE B 115 15.35 -7.73 -36.64
CA ILE B 115 16.70 -7.21 -36.39
C ILE B 115 17.45 -8.21 -35.53
N ALA B 116 16.80 -8.71 -34.49
CA ALA B 116 17.40 -9.71 -33.62
C ALA B 116 17.81 -10.98 -34.34
N ASN B 117 16.99 -11.44 -35.27
CA ASN B 117 17.25 -12.71 -35.97
C ASN B 117 18.08 -12.50 -37.21
N SER B 118 18.33 -11.24 -37.58
CA SER B 118 19.18 -10.91 -38.74
C SER B 118 20.61 -11.44 -38.53
N ASP B 119 21.35 -11.60 -39.62
CA ASP B 119 22.75 -12.04 -39.56
C ASP B 119 23.60 -11.09 -38.71
N LYS B 120 23.29 -9.81 -38.75
CA LYS B 120 24.08 -8.85 -38.03
C LYS B 120 24.09 -9.18 -36.54
N TYR B 121 22.91 -9.50 -36.00
CA TYR B 121 22.71 -9.55 -34.56
C TYR B 121 22.44 -10.93 -34.00
N CYS B 122 22.33 -11.96 -34.83
CA CYS B 122 21.82 -13.27 -34.31
C CYS B 122 22.82 -14.00 -33.43
N THR B 123 22.30 -14.91 -32.64
CA THR B 123 23.11 -15.80 -31.85
C THR B 123 24.17 -16.46 -32.71
N PRO B 124 25.42 -16.53 -32.21
CA PRO B 124 26.45 -17.25 -32.99
C PRO B 124 26.27 -18.77 -32.94
N ARG B 125 27.14 -19.46 -33.66
CA ARG B 125 27.11 -20.92 -33.76
C ARG B 125 27.94 -21.40 -32.59
N TYR B 126 27.48 -22.44 -31.90
CA TYR B 126 28.22 -23.01 -30.75
C TYR B 126 27.69 -24.39 -30.31
N SER B 127 28.44 -25.07 -29.44
CA SER B 127 28.00 -26.38 -28.90
C SER B 127 27.20 -26.23 -27.58
N GLU B 128 27.88 -25.86 -26.48
CA GLU B 128 27.24 -25.78 -25.14
C GLU B 128 27.30 -24.40 -24.49
N PHE B 129 26.33 -24.08 -23.62
CA PHE B 129 26.21 -22.76 -22.93
C PHE B 129 27.60 -22.17 -22.64
N GLU B 130 28.49 -23.03 -22.17
CA GLU B 130 29.93 -22.81 -21.98
C GLU B 130 30.59 -21.91 -23.03
N GLU B 131 30.41 -22.32 -24.27
CA GLU B 131 31.12 -21.74 -25.39
C GLU B 131 30.57 -20.36 -25.69
N LEU B 132 29.24 -20.23 -25.54
CA LEU B 132 28.52 -18.99 -25.78
C LEU B 132 28.91 -17.95 -24.73
N GLU B 133 29.09 -18.41 -23.51
CA GLU B 133 29.56 -17.56 -22.42
C GLU B 133 30.90 -16.96 -22.75
N ARG B 134 31.78 -17.79 -23.28
CA ARG B 134 33.09 -17.33 -23.73
C ARG B 134 32.94 -16.32 -24.86
N LYS B 135 32.05 -16.57 -25.80
CA LYS B 135 31.82 -15.60 -26.87
C LYS B 135 31.19 -14.32 -26.30
N TYR B 136 30.28 -14.42 -25.33
CA TYR B 136 29.73 -13.24 -24.73
C TYR B 136 30.83 -12.33 -24.16
N TRP B 137 31.60 -12.88 -23.22
CA TRP B 137 32.73 -12.17 -22.58
C TRP B 137 33.85 -11.73 -23.56
N LYS B 138 34.02 -12.43 -24.69
CA LYS B 138 34.98 -12.02 -25.72
C LYS B 138 34.46 -10.86 -26.57
N ASN B 139 33.16 -10.88 -26.91
CA ASN B 139 32.62 -9.97 -27.91
C ASN B 139 31.67 -8.86 -27.38
N LEU B 140 31.54 -8.69 -26.07
CA LEU B 140 30.52 -7.73 -25.56
C LEU B 140 30.74 -6.25 -25.89
N THR B 141 31.97 -5.85 -26.21
CA THR B 141 32.21 -4.43 -26.61
C THR B 141 32.11 -4.21 -28.11
N PHE B 142 31.93 -5.28 -28.87
CA PHE B 142 31.82 -5.23 -30.33
C PHE B 142 30.37 -5.36 -30.74
N ASN B 143 30.08 -4.89 -31.95
CA ASN B 143 28.72 -4.91 -32.57
C ASN B 143 27.57 -4.65 -31.56
N PRO B 144 27.44 -3.39 -31.11
CA PRO B 144 26.50 -3.13 -30.02
C PRO B 144 25.06 -3.53 -30.33
N PRO B 145 24.44 -4.37 -29.47
CA PRO B 145 23.09 -4.82 -29.68
C PRO B 145 22.02 -3.85 -29.16
N ILE B 146 20.77 -4.20 -29.42
CA ILE B 146 19.63 -3.42 -29.00
C ILE B 146 18.73 -4.24 -28.10
N TYR B 147 18.42 -3.70 -26.92
CA TYR B 147 17.57 -4.33 -25.91
C TYR B 147 16.22 -3.62 -25.83
N GLY B 148 15.14 -4.35 -26.16
CA GLY B 148 13.80 -3.89 -25.96
C GLY B 148 13.41 -3.91 -24.50
N ALA B 149 14.10 -3.12 -23.67
CA ALA B 149 13.93 -3.19 -22.20
C ALA B 149 12.89 -2.22 -21.64
N ASP B 150 12.45 -2.49 -20.41
CA ASP B 150 11.65 -1.55 -19.59
C ASP B 150 10.31 -1.15 -20.25
N VAL B 151 9.65 -2.14 -20.83
CA VAL B 151 8.40 -1.90 -21.51
C VAL B 151 7.29 -2.10 -20.50
N ASN B 152 6.59 -1.02 -20.19
CA ASN B 152 5.44 -1.07 -19.30
C ASN B 152 4.40 -2.03 -19.85
N GLY B 153 4.05 -3.06 -19.08
CA GLY B 153 3.06 -4.02 -19.51
C GLY B 153 3.20 -5.45 -18.98
N THR B 154 2.25 -6.29 -19.42
CA THR B 154 2.19 -7.71 -19.12
C THR B 154 1.65 -8.52 -20.32
N LEU B 155 2.02 -9.81 -20.36
CA LEU B 155 1.51 -10.79 -21.30
C LEU B 155 0.70 -11.91 -20.66
N TYR B 156 0.46 -11.83 -19.35
CA TYR B 156 -0.47 -12.74 -18.70
C TYR B 156 -1.87 -12.40 -19.14
N GLU B 157 -2.65 -13.42 -19.52
CA GLU B 157 -4.13 -13.30 -19.64
C GLU B 157 -4.70 -13.04 -18.23
N LYS B 158 -5.86 -12.40 -18.14
CA LYS B 158 -6.40 -11.84 -16.87
C LYS B 158 -7.08 -12.85 -15.92
N HIS B 159 -7.59 -13.97 -16.45
CA HIS B 159 -8.09 -15.10 -15.63
C HIS B 159 -7.03 -15.83 -14.72
N VAL B 160 -5.75 -15.78 -15.12
CA VAL B 160 -4.65 -16.52 -14.46
C VAL B 160 -4.31 -15.92 -13.08
N ASP B 161 -4.49 -16.71 -12.02
CA ASP B 161 -4.25 -16.27 -10.66
C ASP B 161 -2.99 -16.83 -10.06
N GLU B 162 -2.29 -17.72 -10.77
CA GLU B 162 -1.07 -18.30 -10.26
C GLU B 162 0.12 -17.44 -10.73
N TRP B 163 0.83 -16.82 -9.80
CA TRP B 163 2.10 -16.17 -10.08
C TRP B 163 1.93 -15.06 -11.09
N ASN B 164 0.79 -14.35 -11.06
CA ASN B 164 0.53 -13.26 -12.00
C ASN B 164 1.39 -12.08 -11.59
N ILE B 165 2.35 -11.76 -12.45
CA ILE B 165 3.35 -10.73 -12.17
C ILE B 165 2.71 -9.34 -12.09
N GLY B 166 1.55 -9.15 -12.71
CA GLY B 166 0.75 -7.93 -12.53
C GLY B 166 0.10 -7.73 -11.17
N ARG B 167 0.06 -8.77 -10.35
CA ARG B 167 -0.70 -8.77 -9.10
C ARG B 167 -0.38 -9.97 -8.21
N LEU B 168 0.84 -9.99 -7.70
CA LEU B 168 1.29 -11.06 -6.81
C LEU B 168 0.72 -10.95 -5.40
N ARG B 169 0.19 -9.79 -5.04
CA ARG B 169 -0.53 -9.62 -3.78
C ARG B 169 0.40 -9.94 -2.60
N THR B 170 1.49 -9.16 -2.52
CA THR B 170 2.39 -9.17 -1.37
C THR B 170 2.38 -7.81 -0.69
N ILE B 171 3.02 -7.76 0.47
CA ILE B 171 3.06 -6.54 1.27
C ILE B 171 3.56 -5.30 0.51
N LEU B 172 4.18 -5.48 -0.66
CA LEU B 172 4.64 -4.34 -1.45
C LEU B 172 3.47 -3.52 -2.02
N ASP B 173 2.29 -4.12 -2.08
CA ASP B 173 1.08 -3.40 -2.46
C ASP B 173 0.76 -2.22 -1.51
N LEU B 174 1.25 -2.27 -0.26
CA LEU B 174 1.12 -1.14 0.67
C LEU B 174 1.68 0.19 0.16
N VAL B 175 2.74 0.16 -0.64
CA VAL B 175 3.31 1.37 -1.22
C VAL B 175 2.27 2.17 -2.05
N GLU B 176 1.40 1.46 -2.79
CA GLU B 176 0.28 2.08 -3.53
C GLU B 176 -1.05 2.13 -2.73
N LYS B 177 -1.38 1.06 -2.00
CA LYS B 177 -2.66 0.93 -1.26
C LYS B 177 -2.85 1.97 -0.14
N GLU B 178 -1.99 1.92 0.89
CA GLU B 178 -2.07 2.85 2.04
C GLU B 178 -1.21 4.14 1.88
N SER B 179 -0.28 4.16 0.91
CA SER B 179 0.64 5.31 0.70
C SER B 179 0.44 6.06 -0.64
N GLY B 180 -0.29 5.45 -1.58
CA GLY B 180 -0.75 6.15 -2.78
C GLY B 180 0.21 6.32 -3.95
N ILE B 181 1.36 5.63 -3.93
CA ILE B 181 2.44 5.83 -4.91
C ILE B 181 2.64 4.61 -5.88
N THR B 182 2.93 4.90 -7.15
CA THR B 182 3.11 3.93 -8.25
C THR B 182 4.52 4.12 -8.80
N ILE B 183 5.32 3.06 -8.81
CA ILE B 183 6.71 3.12 -9.28
C ILE B 183 6.92 2.07 -10.39
N GLU B 184 7.06 2.55 -11.64
CA GLU B 184 7.15 1.69 -12.82
C GLU B 184 8.23 0.62 -12.72
N GLY B 185 7.81 -0.65 -12.81
CA GLY B 185 8.74 -1.78 -12.78
C GLY B 185 8.96 -2.37 -11.40
N VAL B 186 8.63 -1.58 -10.37
CA VAL B 186 8.80 -1.98 -8.97
C VAL B 186 7.51 -2.62 -8.49
N ASN B 187 6.39 -1.89 -8.56
CA ASN B 187 5.06 -2.47 -8.27
C ASN B 187 4.12 -2.55 -9.49
N THR B 188 4.62 -2.25 -10.69
CA THR B 188 4.00 -2.60 -11.97
C THR B 188 4.97 -3.52 -12.79
N PRO B 189 4.44 -4.19 -13.81
CA PRO B 189 5.31 -5.10 -14.53
C PRO B 189 6.02 -4.47 -15.74
N TYR B 190 7.12 -5.10 -16.12
CA TYR B 190 7.99 -4.64 -17.19
C TYR B 190 8.24 -5.84 -18.11
N LEU B 191 8.30 -5.60 -19.41
CA LEU B 191 8.70 -6.60 -20.40
C LEU B 191 10.06 -6.24 -20.94
N TYR B 192 10.72 -7.26 -21.44
CA TYR B 192 12.08 -7.19 -21.89
C TYR B 192 12.24 -8.09 -23.08
N PHE B 193 12.35 -7.48 -24.25
CA PHE B 193 12.59 -8.21 -25.46
C PHE B 193 14.09 -8.23 -25.70
N GLY B 194 14.69 -9.42 -25.60
CA GLY B 194 16.12 -9.57 -25.72
C GLY B 194 16.60 -9.96 -27.09
N MET B 195 17.89 -9.74 -27.32
CA MET B 195 18.56 -10.32 -28.45
C MET B 195 19.95 -10.75 -27.98
N TRP B 196 20.66 -11.46 -28.84
CA TRP B 196 21.93 -12.02 -28.49
C TRP B 196 22.81 -10.92 -27.91
N LYS B 197 23.32 -11.15 -26.70
CA LYS B 197 24.40 -10.37 -26.15
C LYS B 197 23.92 -9.11 -25.46
N THR B 198 22.61 -8.94 -25.33
CA THR B 198 22.06 -7.88 -24.52
C THR B 198 22.24 -8.36 -23.10
N SER B 199 22.56 -7.43 -22.19
CA SER B 199 22.87 -7.79 -20.81
C SER B 199 22.34 -6.81 -19.76
N PHE B 200 22.32 -7.32 -18.53
CA PHE B 200 22.03 -6.56 -17.34
C PHE B 200 23.22 -6.66 -16.38
N ALA B 201 23.56 -5.51 -15.82
CA ALA B 201 24.79 -5.35 -15.06
C ALA B 201 24.58 -5.80 -13.65
N TRP B 202 25.68 -5.87 -12.90
CA TRP B 202 25.63 -6.25 -11.48
C TRP B 202 24.79 -5.28 -10.66
N HIS B 203 23.75 -5.80 -10.00
CA HIS B 203 22.90 -4.96 -9.16
C HIS B 203 22.08 -5.75 -8.16
N THR B 204 21.60 -5.04 -7.14
CA THR B 204 20.49 -5.49 -6.36
C THR B 204 19.26 -4.68 -6.81
N GLU B 205 18.11 -5.12 -6.34
CA GLU B 205 16.86 -4.48 -6.67
C GLU B 205 16.71 -3.18 -5.86
N ASP B 206 15.85 -2.29 -6.35
CA ASP B 206 15.55 -1.03 -5.64
C ASP B 206 15.05 -1.41 -4.27
N MET B 207 15.55 -0.69 -3.27
CA MET B 207 15.29 -0.96 -1.83
C MET B 207 15.64 -2.36 -1.39
N ASP B 208 16.61 -2.94 -2.08
CA ASP B 208 16.99 -4.34 -1.94
C ASP B 208 15.76 -5.23 -1.85
N LEU B 209 14.78 -4.96 -2.71
CA LEU B 209 13.58 -5.82 -2.81
C LEU B 209 13.87 -7.21 -3.40
N TYR B 210 12.85 -8.07 -3.37
CA TYR B 210 12.87 -9.29 -4.18
C TYR B 210 12.53 -8.98 -5.69
N SER B 211 12.79 -9.95 -6.57
CA SER B 211 12.21 -9.90 -7.89
C SER B 211 11.78 -11.25 -8.41
N ILE B 212 10.87 -11.18 -9.37
CA ILE B 212 10.38 -12.35 -10.07
C ILE B 212 10.59 -11.98 -11.55
N ASN B 213 11.21 -12.91 -12.31
N ASN B 213 11.13 -12.92 -12.33
CA ASN B 213 11.45 -12.80 -13.79
CA ASN B 213 11.40 -12.71 -13.74
C ASN B 213 10.83 -14.07 -14.35
C ASN B 213 10.98 -14.01 -14.49
N TYR B 214 9.91 -13.94 -15.30
CA TYR B 214 9.41 -15.11 -16.07
C TYR B 214 9.82 -14.92 -17.51
N LEU B 215 10.45 -15.94 -18.10
CA LEU B 215 10.80 -15.93 -19.50
C LEU B 215 9.58 -16.45 -20.26
N HIS B 216 8.79 -15.55 -20.87
CA HIS B 216 7.59 -15.97 -21.67
C HIS B 216 7.90 -16.90 -22.86
N PHE B 217 8.90 -16.53 -23.64
CA PHE B 217 9.28 -17.30 -24.80
C PHE B 217 10.67 -16.99 -25.29
N GLY B 218 11.17 -17.91 -26.10
CA GLY B 218 12.37 -17.68 -26.90
C GLY B 218 13.64 -18.26 -26.30
N GLU B 219 14.77 -17.68 -26.72
CA GLU B 219 16.05 -18.21 -26.43
C GLU B 219 16.37 -17.90 -24.97
N PRO B 220 17.27 -18.67 -24.34
CA PRO B 220 17.57 -18.51 -22.90
C PRO B 220 18.11 -17.16 -22.46
N LYS B 221 18.06 -16.92 -21.13
CA LYS B 221 18.72 -15.80 -20.45
C LYS B 221 19.62 -16.37 -19.39
N SER B 222 20.93 -16.15 -19.47
CA SER B 222 21.89 -16.75 -18.50
C SER B 222 22.18 -15.78 -17.39
N TRP B 223 22.27 -16.29 -16.15
CA TRP B 223 22.40 -15.47 -14.92
C TRP B 223 23.67 -15.77 -14.14
N TYR B 224 24.17 -14.76 -13.42
CA TYR B 224 25.17 -14.94 -12.35
C TYR B 224 24.60 -14.40 -11.04
N SER B 225 25.00 -14.99 -9.89
CA SER B 225 24.63 -14.46 -8.56
C SER B 225 25.77 -14.48 -7.55
N VAL B 226 25.68 -13.59 -6.58
CA VAL B 226 26.62 -13.54 -5.48
C VAL B 226 25.72 -13.70 -4.30
N PRO B 227 26.06 -14.61 -3.40
CA PRO B 227 25.22 -14.78 -2.25
C PRO B 227 25.12 -13.46 -1.44
N PRO B 228 23.91 -13.14 -0.92
CA PRO B 228 23.74 -11.99 -0.02
C PRO B 228 24.79 -11.88 1.07
N GLU B 229 25.11 -12.97 1.75
CA GLU B 229 26.19 -12.93 2.76
C GLU B 229 27.62 -12.62 2.25
N HIS B 230 27.84 -12.63 0.94
CA HIS B 230 29.11 -12.14 0.40
C HIS B 230 29.00 -10.86 -0.45
N GLY B 231 27.79 -10.29 -0.54
CA GLY B 231 27.55 -8.99 -1.17
C GLY B 231 28.52 -7.86 -0.82
N LYS B 232 28.71 -7.58 0.48
CA LYS B 232 29.66 -6.52 0.88
C LYS B 232 31.05 -6.69 0.21
N ARG B 233 31.49 -7.93 0.01
CA ARG B 233 32.79 -8.20 -0.62
C ARG B 233 32.84 -7.81 -2.10
N LEU B 234 31.72 -8.01 -2.82
CA LEU B 234 31.60 -7.54 -4.20
C LEU B 234 31.64 -6.04 -4.24
N GLU B 235 30.84 -5.37 -3.42
CA GLU B 235 30.83 -3.90 -3.32
C GLU B 235 32.20 -3.34 -3.09
N ARG B 236 32.90 -3.88 -2.10
CA ARG B 236 34.25 -3.40 -1.76
C ARG B 236 35.20 -3.54 -2.94
N LEU B 237 35.10 -4.67 -3.66
CA LEU B 237 35.90 -4.92 -4.86
C LEU B 237 35.53 -4.04 -6.08
N ALA B 238 34.24 -3.89 -6.31
CA ALA B 238 33.76 -3.02 -7.37
C ALA B 238 34.24 -1.61 -7.08
N LYS B 239 34.12 -1.17 -5.82
CA LYS B 239 34.51 0.18 -5.43
C LYS B 239 35.99 0.40 -5.76
N GLY B 240 36.80 -0.61 -5.47
CA GLY B 240 38.20 -0.59 -5.80
C GLY B 240 38.48 -0.52 -7.28
N PHE B 241 37.60 -1.09 -8.12
CA PHE B 241 37.77 -0.99 -9.58
C PHE B 241 37.36 0.31 -10.26
N PHE B 242 36.45 1.05 -9.63
CA PHE B 242 35.93 2.29 -10.18
C PHE B 242 35.92 3.29 -9.03
N PRO B 243 37.11 3.74 -8.61
CA PRO B 243 37.16 4.69 -7.45
C PRO B 243 36.47 6.05 -7.76
N GLY B 244 36.63 6.55 -9.01
CA GLY B 244 35.94 7.74 -9.50
C GLY B 244 34.42 7.65 -9.34
N SER B 245 33.85 6.54 -9.80
CA SER B 245 32.41 6.28 -9.68
C SER B 245 31.95 6.19 -8.22
N ALA B 246 32.83 5.67 -7.35
CA ALA B 246 32.57 5.56 -5.91
C ALA B 246 32.55 6.90 -5.13
N GLN B 247 33.36 7.89 -5.52
CA GLN B 247 33.30 9.23 -4.87
C GLN B 247 31.90 9.84 -5.08
N SER B 248 31.43 9.77 -6.33
CA SER B 248 30.14 10.37 -6.72
C SER B 248 28.98 9.73 -6.01
N CYS B 249 29.10 8.43 -5.73
CA CYS B 249 27.98 7.63 -5.24
C CYS B 249 28.44 6.39 -4.39
N GLU B 250 27.89 6.32 -3.17
CA GLU B 250 28.01 5.16 -2.29
C GLU B 250 27.47 3.95 -3.04
N ALA B 251 26.30 4.15 -3.64
CA ALA B 251 25.55 3.09 -4.27
C ALA B 251 25.65 3.16 -5.81
N PHE B 252 26.87 3.31 -6.34
CA PHE B 252 27.04 3.44 -7.79
C PHE B 252 26.68 2.18 -8.62
N LEU B 253 26.63 1.02 -7.95
CA LEU B 253 26.14 -0.22 -8.58
C LEU B 253 24.65 -0.11 -8.92
N ARG B 254 23.87 0.74 -8.22
CA ARG B 254 22.42 0.93 -8.53
C ARG B 254 22.12 1.72 -9.86
N HIS B 255 23.16 2.34 -10.42
CA HIS B 255 23.10 2.92 -11.74
C HIS B 255 22.95 1.81 -12.83
N LYS B 256 23.26 0.56 -12.46
CA LYS B 256 23.14 -0.64 -13.29
C LYS B 256 23.94 -0.58 -14.57
N MET B 257 25.20 -0.21 -14.41
CA MET B 257 26.14 0.10 -15.50
C MET B 257 27.46 -0.71 -15.51
N THR B 258 27.70 -1.51 -14.47
CA THR B 258 29.00 -2.12 -14.17
C THR B 258 29.03 -3.62 -14.43
N LEU B 259 29.84 -4.03 -15.38
CA LEU B 259 30.00 -5.49 -15.67
C LEU B 259 31.32 -6.01 -15.12
N ILE B 260 31.31 -7.25 -14.65
CA ILE B 260 32.48 -7.90 -14.06
C ILE B 260 32.34 -9.38 -14.45
N SER B 261 33.34 -9.89 -15.15
CA SER B 261 33.31 -11.28 -15.61
C SER B 261 33.33 -12.27 -14.45
N PRO B 262 32.81 -13.46 -14.68
CA PRO B 262 33.01 -14.47 -13.66
C PRO B 262 34.51 -14.76 -13.35
N LEU B 263 35.41 -14.68 -14.33
CA LEU B 263 36.84 -14.88 -14.06
C LEU B 263 37.47 -13.83 -13.13
N MET B 264 36.99 -12.58 -13.18
CA MET B 264 37.47 -11.54 -12.27
C MET B 264 36.97 -11.77 -10.87
N LEU B 265 35.70 -12.15 -10.73
CA LEU B 265 35.19 -12.50 -9.39
C LEU B 265 35.95 -13.66 -8.77
N LYS B 266 36.38 -14.60 -9.63
CA LYS B 266 37.06 -15.80 -9.21
C LYS B 266 38.51 -15.49 -8.81
N LYS B 267 39.18 -14.69 -9.64
CA LYS B 267 40.50 -14.18 -9.33
C LYS B 267 40.56 -13.34 -8.04
N TYR B 268 39.45 -12.79 -7.58
CA TYR B 268 39.41 -12.08 -6.30
C TYR B 268 38.64 -12.83 -5.21
N GLY B 269 38.51 -14.14 -5.35
CA GLY B 269 37.80 -14.97 -4.41
C GLY B 269 36.42 -14.54 -3.99
N ILE B 270 35.62 -13.94 -4.87
CA ILE B 270 34.22 -13.66 -4.56
C ILE B 270 33.38 -14.91 -4.93
N PRO B 271 32.69 -15.53 -3.98
CA PRO B 271 31.87 -16.65 -4.41
C PRO B 271 30.66 -16.19 -5.21
N PHE B 272 30.36 -16.92 -6.28
CA PHE B 272 29.26 -16.64 -7.18
C PHE B 272 28.74 -17.97 -7.73
N ASP B 273 27.58 -17.96 -8.35
CA ASP B 273 27.09 -19.15 -9.01
C ASP B 273 26.43 -18.71 -10.33
N LYS B 274 26.23 -19.63 -11.27
CA LYS B 274 25.65 -19.34 -12.57
C LYS B 274 24.48 -20.29 -12.83
N VAL B 275 23.50 -19.82 -13.59
CA VAL B 275 22.35 -20.64 -13.93
C VAL B 275 21.74 -20.06 -15.20
N THR B 276 21.35 -20.94 -16.14
CA THR B 276 20.71 -20.52 -17.38
C THR B 276 19.21 -20.80 -17.27
N GLN B 277 18.40 -19.80 -17.59
CA GLN B 277 16.95 -19.84 -17.46
C GLN B 277 16.39 -20.03 -18.86
N GLU B 278 15.38 -20.87 -18.98
CA GLU B 278 14.78 -21.19 -20.29
C GLU B 278 13.31 -20.85 -20.36
N ALA B 279 12.81 -20.82 -21.58
CA ALA B 279 11.40 -20.51 -21.79
C ALA B 279 10.54 -21.35 -20.88
N GLY B 280 9.72 -20.65 -20.10
CA GLY B 280 8.71 -21.25 -19.26
C GLY B 280 9.13 -21.28 -17.83
N GLU B 281 10.28 -20.69 -17.52
CA GLU B 281 10.82 -20.78 -16.17
C GLU B 281 10.84 -19.42 -15.47
N PHE B 282 10.70 -19.45 -14.15
CA PHE B 282 10.78 -18.27 -13.30
C PHE B 282 12.11 -18.22 -12.61
N MET B 283 12.67 -17.01 -12.47
CA MET B 283 13.82 -16.77 -11.58
C MET B 283 13.39 -15.79 -10.50
N ILE B 284 13.64 -16.16 -9.24
CA ILE B 284 13.47 -15.34 -8.04
C ILE B 284 14.81 -14.76 -7.57
N THR B 285 14.91 -13.44 -7.42
CA THR B 285 16.10 -12.82 -6.81
C THR B 285 15.69 -12.41 -5.42
N PHE B 286 16.62 -12.55 -4.48
CA PHE B 286 16.34 -12.36 -3.07
C PHE B 286 16.96 -11.04 -2.64
N PRO B 287 16.48 -10.48 -1.51
CA PRO B 287 17.03 -9.24 -0.98
C PRO B 287 18.53 -9.28 -0.78
N TYR B 288 19.17 -8.26 -1.33
CA TYR B 288 20.60 -8.08 -1.33
C TYR B 288 21.29 -9.21 -2.11
N GLY B 289 20.59 -9.75 -3.10
CA GLY B 289 21.17 -10.67 -4.05
C GLY B 289 21.67 -9.93 -5.27
N TYR B 290 22.99 -9.74 -5.39
CA TYR B 290 23.59 -9.15 -6.59
C TYR B 290 23.48 -10.19 -7.71
N HIS B 291 23.09 -9.72 -8.90
CA HIS B 291 23.03 -10.55 -10.07
C HIS B 291 23.33 -9.76 -11.30
N ALA B 292 23.79 -10.47 -12.30
CA ALA B 292 23.95 -9.93 -13.65
C ALA B 292 23.58 -11.03 -14.66
N GLY B 293 23.55 -10.70 -15.94
CA GLY B 293 23.34 -11.75 -16.93
C GLY B 293 23.28 -11.29 -18.35
N PHE B 294 22.92 -12.22 -19.23
CA PHE B 294 22.78 -11.93 -20.64
C PHE B 294 21.81 -12.86 -21.38
N ASN B 295 21.25 -12.35 -22.49
CA ASN B 295 20.34 -13.07 -23.32
C ASN B 295 21.10 -13.81 -24.44
N HIS B 296 20.64 -15.00 -24.76
CA HIS B 296 21.26 -15.84 -25.76
C HIS B 296 20.84 -15.44 -27.17
N GLY B 297 19.61 -14.94 -27.29
CA GLY B 297 19.06 -14.48 -28.57
C GLY B 297 17.68 -13.90 -28.35
N PHE B 298 16.80 -13.95 -29.36
CA PHE B 298 15.52 -13.27 -29.31
C PHE B 298 14.66 -13.93 -28.26
N ASN B 299 14.22 -13.13 -27.27
CA ASN B 299 13.39 -13.67 -26.22
C ASN B 299 12.50 -12.59 -25.63
N CYS B 300 11.56 -12.99 -24.77
CA CYS B 300 10.74 -12.07 -24.04
C CYS B 300 10.61 -12.51 -22.61
N ALA B 301 10.92 -11.59 -21.69
CA ALA B 301 10.75 -11.80 -20.24
C ALA B 301 9.90 -10.74 -19.56
N GLU B 302 9.31 -11.10 -18.42
CA GLU B 302 8.43 -10.19 -17.71
C GLU B 302 8.87 -10.21 -16.26
N SER B 303 9.04 -9.04 -15.63
CA SER B 303 9.42 -9.01 -14.21
C SER B 303 8.74 -7.92 -13.44
N THR B 304 8.88 -8.00 -12.11
CA THR B 304 8.46 -6.94 -11.17
C THR B 304 9.20 -7.13 -9.85
N ASN B 305 9.09 -6.20 -8.92
CA ASN B 305 9.67 -6.41 -7.59
C ASN B 305 8.61 -6.96 -6.68
N PHE B 306 8.97 -7.58 -5.57
CA PHE B 306 7.95 -7.96 -4.56
C PHE B 306 8.57 -8.07 -3.18
N ALA B 307 7.77 -8.42 -2.16
CA ALA B 307 8.32 -8.52 -0.80
C ALA B 307 7.65 -9.54 0.14
N THR B 308 8.39 -9.84 1.21
CA THR B 308 7.93 -10.62 2.37
C THR B 308 8.19 -9.79 3.63
N ARG B 309 7.82 -10.31 4.80
CA ARG B 309 8.12 -9.62 6.07
C ARG B 309 9.62 -9.47 6.32
N ARG B 310 10.38 -10.51 5.99
CA ARG B 310 11.85 -10.49 6.03
C ARG B 310 12.47 -9.31 5.27
N TRP B 311 11.88 -8.89 4.16
CA TRP B 311 12.42 -7.75 3.39
C TRP B 311 12.48 -6.41 4.14
N ILE B 312 11.55 -6.20 5.07
CA ILE B 312 11.37 -4.88 5.68
C ILE B 312 12.67 -4.33 6.29
N GLU B 313 13.43 -5.16 6.99
CA GLU B 313 14.72 -4.80 7.55
C GLU B 313 15.78 -4.45 6.46
N TYR B 314 15.75 -5.17 5.33
CA TYR B 314 16.63 -4.83 4.20
C TYR B 314 16.23 -3.45 3.66
N GLY B 315 14.93 -3.21 3.57
CA GLY B 315 14.40 -1.89 3.19
C GLY B 315 14.86 -0.71 4.03
N LYS B 316 14.77 -0.86 5.35
CA LYS B 316 15.27 0.16 6.29
C LYS B 316 16.78 0.37 6.20
N GLN B 317 17.50 -0.70 5.86
CA GLN B 317 18.96 -0.69 5.80
C GLN B 317 19.65 -0.52 4.44
N ALA B 318 18.88 -0.43 3.36
CA ALA B 318 19.47 -0.33 2.00
C ALA B 318 20.23 0.97 1.71
N VAL B 319 21.49 0.87 1.29
CA VAL B 319 22.28 2.05 0.91
C VAL B 319 21.83 2.54 -0.48
N LEU B 320 21.15 3.69 -0.52
CA LEU B 320 20.54 4.17 -1.75
C LEU B 320 21.45 5.05 -2.57
N CYS B 321 21.03 5.35 -3.79
CA CYS B 321 21.75 6.27 -4.68
C CYS B 321 21.33 7.68 -4.28
N SER B 322 22.32 8.54 -4.09
CA SER B 322 22.17 9.97 -3.73
C SER B 322 22.24 10.91 -4.95
N CYS B 323 23.05 10.52 -5.94
CA CYS B 323 23.46 11.41 -7.02
C CYS B 323 22.40 11.78 -8.04
N ARG B 324 21.17 11.27 -7.89
CA ARG B 324 19.98 11.77 -8.65
C ARG B 324 18.90 12.29 -7.72
N VAL B 328 14.77 6.17 -6.88
CA VAL B 328 13.68 5.39 -6.31
C VAL B 328 13.80 5.24 -4.77
N LYS B 329 13.08 6.11 -4.06
CA LYS B 329 13.06 6.19 -2.61
C LYS B 329 11.68 5.71 -2.15
N ILE B 330 11.62 4.66 -1.33
CA ILE B 330 10.34 4.22 -0.73
C ILE B 330 10.33 4.52 0.76
N SER B 331 9.26 5.18 1.22
CA SER B 331 9.06 5.41 2.64
C SER B 331 8.87 4.06 3.34
N MET B 332 9.76 3.75 4.26
CA MET B 332 9.65 2.51 5.03
C MET B 332 8.69 2.62 6.21
N ASP B 333 8.27 3.86 6.54
CA ASP B 333 7.38 4.15 7.69
C ASP B 333 6.19 3.19 7.81
N VAL B 334 5.34 3.17 6.79
CA VAL B 334 4.15 2.31 6.79
C VAL B 334 4.41 0.83 7.11
N PHE B 335 5.54 0.29 6.63
CA PHE B 335 5.94 -1.09 6.96
C PHE B 335 6.36 -1.20 8.40
N VAL B 336 7.31 -0.34 8.81
CA VAL B 336 7.83 -0.33 10.18
C VAL B 336 6.68 -0.12 11.15
N ARG B 337 5.93 0.97 10.94
CA ARG B 337 4.74 1.28 11.74
C ARG B 337 3.84 0.05 11.90
N LYS B 338 3.40 -0.55 10.81
CA LYS B 338 2.35 -1.56 10.88
C LYS B 338 2.81 -3.02 11.06
N PHE B 339 4.09 -3.33 10.81
CA PHE B 339 4.68 -4.68 11.09
C PHE B 339 5.74 -4.71 12.17
N GLN B 340 6.28 -3.54 12.51
CA GLN B 340 7.25 -3.43 13.57
C GLN B 340 6.84 -2.27 14.50
N PRO B 341 5.66 -2.38 15.15
CA PRO B 341 5.21 -1.27 15.99
C PRO B 341 6.24 -0.91 17.09
N GLU B 342 6.55 -1.89 17.94
CA GLU B 342 7.57 -1.77 19.03
C GLU B 342 8.94 -1.11 18.68
N ARG B 343 9.35 -1.06 17.41
CA ARG B 343 10.60 -0.34 17.01
C ARG B 343 10.39 1.06 16.38
N TYR B 344 9.15 1.53 16.24
CA TYR B 344 8.86 2.74 15.44
C TYR B 344 9.59 3.99 15.92
N LYS B 345 9.70 4.14 17.24
CA LYS B 345 10.42 5.26 17.87
C LYS B 345 11.93 5.09 17.72
N LEU B 346 12.40 3.90 18.12
CA LEU B 346 13.82 3.53 18.06
C LEU B 346 14.45 3.71 16.67
N TRP B 347 13.71 3.26 15.64
CA TRP B 347 14.14 3.33 14.24
C TRP B 347 14.17 4.78 13.76
N LYS B 348 13.10 5.54 14.07
CA LYS B 348 13.00 6.94 13.62
C LYS B 348 14.06 7.83 14.28
N ALA B 349 14.32 7.60 15.57
CA ALA B 349 15.45 8.23 16.28
C ALA B 349 16.83 8.04 15.59
N GLY B 350 17.08 6.82 15.09
CA GLY B 350 18.38 6.44 14.48
C GLY B 350 19.22 5.53 15.35
N LYS B 351 18.58 4.76 16.23
CA LYS B 351 19.27 3.87 17.17
C LYS B 351 18.74 2.41 17.10
N ASP B 352 18.23 1.99 15.95
CA ASP B 352 17.78 0.59 15.74
C ASP B 352 18.73 -0.16 14.82
N ASN B 353 20.04 -0.04 15.03
CA ASN B 353 21.01 -0.80 14.18
C ASN B 353 20.92 -2.30 14.46
N THR B 354 19.84 -2.90 13.95
CA THR B 354 19.62 -4.34 14.00
C THR B 354 20.51 -4.94 12.93
N VAL B 355 21.21 -6.01 13.29
CA VAL B 355 22.13 -6.66 12.38
C VAL B 355 21.35 -7.75 11.65
N ILE B 356 21.22 -7.59 10.32
CA ILE B 356 20.56 -8.62 9.50
C ILE B 356 21.45 -9.84 9.41
N ASP B 357 20.86 -11.00 9.65
CA ASP B 357 21.44 -12.30 9.37
C ASP B 357 20.83 -12.80 8.05
N HIS B 358 21.67 -12.87 7.03
CA HIS B 358 21.25 -13.24 5.68
C HIS B 358 20.82 -14.69 5.52
N THR B 359 21.13 -15.54 6.50
CA THR B 359 20.78 -16.95 6.41
C THR B 359 19.33 -17.25 6.85
N LEU B 360 18.71 -16.29 7.55
CA LEU B 360 17.44 -16.51 8.23
C LEU B 360 16.25 -16.42 7.29
N PRO B 361 15.40 -17.50 7.22
CA PRO B 361 14.22 -17.46 6.36
C PRO B 361 13.17 -16.49 6.88
N THR B 362 12.22 -16.18 6.02
CA THR B 362 11.16 -15.24 6.38
C THR B 362 10.24 -15.99 7.36
N PRO B 363 9.72 -15.30 8.40
CA PRO B 363 8.87 -15.99 9.42
C PRO B 363 7.67 -16.81 8.90
N GLU B 364 7.11 -16.42 7.75
CA GLU B 364 6.00 -17.15 7.08
C GLU B 364 6.27 -18.65 6.81
N ALA B 365 7.53 -19.08 6.94
CA ALA B 365 7.88 -20.50 7.02
C ALA B 365 7.92 -21.00 8.48
N ALA B 366 7.03 -20.47 9.33
CA ALA B 366 6.78 -21.01 10.68
C ALA B 366 6.22 -22.42 10.51
N GLU B 367 5.25 -22.55 9.60
CA GLU B 367 4.68 -23.86 9.20
C GLU B 367 5.60 -24.86 8.43
N PHE B 368 6.88 -24.53 8.18
CA PHE B 368 7.83 -25.42 7.44
C PHE B 368 9.17 -25.82 8.14
N LEU B 369 9.50 -25.23 9.31
CA LEU B 369 10.74 -25.58 10.06
C LEU B 369 10.46 -25.81 11.55
N ALA C 27 -39.90 8.54 -6.76
CA ALA C 27 -39.14 7.87 -5.64
C ALA C 27 -39.93 6.94 -4.71
N ARG C 28 -41.12 6.47 -5.12
CA ARG C 28 -41.80 5.37 -4.44
C ARG C 28 -41.07 4.05 -4.80
N ILE C 29 -41.08 3.08 -3.88
CA ILE C 29 -40.55 1.72 -4.14
C ILE C 29 -41.40 0.99 -5.19
N MET C 30 -40.72 0.48 -6.20
CA MET C 30 -41.29 -0.26 -7.31
C MET C 30 -41.12 -1.79 -7.10
N THR C 31 -42.07 -2.58 -7.61
CA THR C 31 -42.02 -4.03 -7.52
C THR C 31 -41.96 -4.58 -8.95
N PHE C 32 -41.17 -5.63 -9.16
CA PHE C 32 -41.00 -6.25 -10.49
C PHE C 32 -41.32 -7.74 -10.53
N TYR C 33 -41.78 -8.18 -11.68
CA TYR C 33 -42.30 -9.52 -11.86
C TYR C 33 -41.68 -10.00 -13.16
N PRO C 34 -40.39 -10.37 -13.12
CA PRO C 34 -39.73 -10.85 -14.35
C PRO C 34 -40.24 -12.20 -14.79
N THR C 35 -40.19 -12.46 -16.10
CA THR C 35 -40.37 -13.83 -16.64
C THR C 35 -39.09 -14.64 -16.38
N MET C 36 -39.22 -15.96 -16.52
CA MET C 36 -38.11 -16.89 -16.42
C MET C 36 -36.95 -16.46 -17.35
N GLU C 37 -37.24 -16.11 -18.60
CA GLU C 37 -36.17 -15.69 -19.51
C GLU C 37 -35.49 -14.40 -19.05
N GLU C 38 -36.26 -13.43 -18.54
CA GLU C 38 -35.70 -12.13 -18.06
C GLU C 38 -34.87 -12.27 -16.75
N PHE C 39 -35.38 -13.15 -15.90
CA PHE C 39 -34.77 -13.51 -14.60
C PHE C 39 -33.35 -14.06 -14.70
N ARG C 40 -33.03 -14.79 -15.79
CA ARG C 40 -31.77 -15.54 -15.93
C ARG C 40 -30.51 -14.69 -15.76
N ASN C 41 -30.42 -13.58 -16.50
CA ASN C 41 -29.23 -12.73 -16.39
C ASN C 41 -29.51 -11.68 -15.32
N PHE C 42 -28.71 -11.75 -14.25
CA PHE C 42 -28.84 -10.91 -13.06
C PHE C 42 -28.48 -9.47 -13.37
N SER C 43 -27.26 -9.24 -13.82
CA SER C 43 -26.78 -7.88 -14.06
C SER C 43 -27.63 -7.15 -15.08
N ARG C 44 -28.12 -7.89 -16.08
CA ARG C 44 -28.98 -7.34 -17.12
C ARG C 44 -30.30 -6.84 -16.52
N TYR C 45 -30.89 -7.67 -15.65
CA TYR C 45 -32.15 -7.30 -15.02
C TYR C 45 -32.02 -6.17 -13.99
N ILE C 46 -30.85 -6.04 -13.36
CA ILE C 46 -30.58 -4.92 -12.44
C ILE C 46 -30.54 -3.63 -13.25
N ALA C 47 -29.82 -3.65 -14.37
CA ALA C 47 -29.80 -2.54 -15.32
C ALA C 47 -31.20 -2.19 -15.80
N TYR C 48 -32.00 -3.22 -16.11
CA TYR C 48 -33.36 -2.98 -16.62
C TYR C 48 -34.22 -2.23 -15.62
N ILE C 49 -34.20 -2.64 -14.36
CA ILE C 49 -34.94 -1.89 -13.32
C ILE C 49 -34.42 -0.43 -13.09
N GLU C 50 -33.12 -0.19 -13.29
CA GLU C 50 -32.60 1.19 -13.26
C GLU C 50 -33.04 1.96 -14.51
N SER C 51 -33.18 1.24 -15.62
CA SER C 51 -33.80 1.82 -16.85
C SER C 51 -35.18 2.36 -16.50
N GLN C 52 -35.95 1.57 -15.76
CA GLN C 52 -37.28 1.96 -15.25
C GLN C 52 -37.25 2.90 -14.02
N GLY C 53 -36.11 3.47 -13.66
CA GLY C 53 -36.01 4.35 -12.48
C GLY C 53 -36.04 3.75 -11.06
N ALA C 54 -36.09 2.42 -10.91
CA ALA C 54 -36.15 1.76 -9.60
C ALA C 54 -35.17 2.25 -8.54
N HIS C 55 -33.94 2.52 -8.98
CA HIS C 55 -32.88 2.97 -8.09
C HIS C 55 -33.16 4.31 -7.44
N ARG C 56 -34.19 5.03 -7.87
CA ARG C 56 -34.47 6.33 -7.26
C ARG C 56 -35.06 6.23 -5.86
N ALA C 57 -35.86 5.20 -5.63
CA ALA C 57 -36.41 4.95 -4.31
C ALA C 57 -35.37 4.43 -3.30
N GLY C 58 -34.29 3.83 -3.80
CA GLY C 58 -33.23 3.31 -2.97
C GLY C 58 -33.39 1.83 -2.67
N LEU C 59 -34.49 1.24 -3.16
CA LEU C 59 -34.99 -0.05 -2.72
C LEU C 59 -36.07 -0.46 -3.72
N ALA C 60 -35.99 -1.68 -4.27
CA ALA C 60 -37.01 -2.26 -5.15
C ALA C 60 -37.21 -3.71 -4.78
N LYS C 61 -38.44 -4.21 -4.95
CA LYS C 61 -38.76 -5.59 -4.76
C LYS C 61 -38.74 -6.33 -6.10
N VAL C 62 -38.21 -7.55 -6.13
CA VAL C 62 -38.29 -8.37 -7.35
C VAL C 62 -38.95 -9.67 -7.00
N VAL C 63 -40.14 -9.92 -7.54
CA VAL C 63 -40.79 -11.21 -7.31
C VAL C 63 -40.34 -12.19 -8.39
N PRO C 64 -39.59 -13.24 -8.02
CA PRO C 64 -39.21 -14.17 -9.05
C PRO C 64 -40.44 -14.96 -9.55
N PRO C 65 -40.33 -15.57 -10.74
CA PRO C 65 -41.45 -16.33 -11.29
C PRO C 65 -41.66 -17.58 -10.46
N LYS C 66 -42.90 -18.02 -10.37
CA LYS C 66 -43.25 -19.01 -9.37
C LYS C 66 -42.79 -20.44 -9.68
N GLU C 67 -42.51 -20.76 -10.94
CA GLU C 67 -41.79 -22.01 -11.23
C GLU C 67 -40.41 -22.14 -10.52
N TRP C 68 -39.81 -21.01 -10.10
CA TRP C 68 -38.43 -21.00 -9.58
C TRP C 68 -38.30 -21.08 -8.06
N LYS C 69 -37.44 -21.99 -7.62
CA LYS C 69 -37.05 -22.12 -6.23
C LYS C 69 -35.54 -22.32 -6.17
N PRO C 70 -34.88 -21.84 -5.09
CA PRO C 70 -33.45 -22.05 -4.96
C PRO C 70 -33.12 -23.30 -4.12
N ARG C 71 -34.13 -23.98 -3.61
CA ARG C 71 -33.93 -25.16 -2.79
C ARG C 71 -35.24 -25.93 -2.74
N ALA C 72 -35.12 -27.25 -2.66
CA ALA C 72 -36.28 -28.13 -2.73
C ALA C 72 -37.17 -27.96 -1.52
N SER C 73 -36.60 -28.14 -0.32
CA SER C 73 -37.29 -27.91 0.95
C SER C 73 -36.33 -27.39 1.97
N TYR C 74 -36.85 -26.94 3.10
CA TYR C 74 -36.02 -26.41 4.18
C TYR C 74 -36.12 -27.39 5.35
N ASP C 75 -35.83 -28.66 5.08
CA ASP C 75 -36.05 -29.69 6.07
C ASP C 75 -34.90 -29.84 7.04
N ASP C 76 -33.68 -29.65 6.55
CA ASP C 76 -32.49 -29.70 7.40
C ASP C 76 -32.39 -28.58 8.48
N ILE C 77 -32.83 -27.35 8.15
CA ILE C 77 -32.42 -26.11 8.90
C ILE C 77 -32.54 -26.10 10.44
N ASP C 78 -33.45 -26.87 11.04
CA ASP C 78 -33.50 -26.92 12.52
C ASP C 78 -32.18 -27.38 13.19
N ASP C 79 -31.39 -28.23 12.50
CA ASP C 79 -30.07 -28.70 13.00
C ASP C 79 -28.88 -27.76 12.71
N LEU C 80 -29.10 -26.72 11.91
CA LEU C 80 -28.06 -25.75 11.54
C LEU C 80 -27.72 -24.89 12.77
N VAL C 81 -26.42 -24.65 12.94
CA VAL C 81 -25.87 -23.90 14.09
C VAL C 81 -25.78 -22.41 13.72
N ILE C 82 -26.25 -21.56 14.63
CA ILE C 82 -26.10 -20.10 14.56
C ILE C 82 -24.97 -19.76 15.52
N PRO C 83 -23.75 -19.52 14.99
CA PRO C 83 -22.57 -19.27 15.87
C PRO C 83 -22.63 -18.11 16.88
N ALA C 84 -23.22 -16.98 16.49
CA ALA C 84 -23.06 -15.71 17.24
C ALA C 84 -24.37 -14.92 17.25
N PRO C 85 -25.43 -15.49 17.84
CA PRO C 85 -26.70 -14.78 18.02
C PRO C 85 -26.55 -13.54 18.86
N ILE C 86 -27.36 -12.55 18.58
CA ILE C 86 -27.28 -11.25 19.25
C ILE C 86 -28.63 -10.98 19.88
N GLN C 87 -28.62 -10.45 21.07
CA GLN C 87 -29.83 -10.04 21.75
C GLN C 87 -29.86 -8.53 21.57
N GLN C 88 -30.93 -8.03 20.99
CA GLN C 88 -30.99 -6.65 20.53
C GLN C 88 -31.62 -5.73 21.59
N LEU C 89 -30.77 -5.11 22.43
CA LEU C 89 -31.27 -4.21 23.46
C LEU C 89 -31.48 -2.85 22.84
N VAL C 90 -32.65 -2.27 23.03
CA VAL C 90 -32.93 -0.96 22.50
C VAL C 90 -33.21 0.01 23.62
N THR C 91 -32.54 1.17 23.61
CA THR C 91 -32.83 2.28 24.53
C THR C 91 -33.23 3.54 23.73
N GLY C 92 -34.30 4.20 24.18
CA GLY C 92 -34.74 5.51 23.68
C GLY C 92 -36.22 5.82 23.92
N GLN C 93 -36.67 6.91 23.31
CA GLN C 93 -38.06 7.42 23.41
C GLN C 93 -38.29 8.37 22.24
N SER C 94 -39.53 8.83 22.06
CA SER C 94 -39.90 9.86 21.05
C SER C 94 -39.37 9.53 19.65
N GLY C 95 -39.55 8.27 19.26
CA GLY C 95 -39.17 7.77 17.95
C GLY C 95 -37.68 7.67 17.65
N LEU C 96 -36.82 7.83 18.68
CA LEU C 96 -35.35 7.82 18.51
C LEU C 96 -34.76 6.83 19.48
N PHE C 97 -33.96 5.92 18.97
CA PHE C 97 -33.47 4.82 19.76
C PHE C 97 -32.04 4.40 19.37
N THR C 98 -31.32 3.75 20.29
CA THR C 98 -30.06 3.12 19.98
C THR C 98 -30.22 1.64 20.29
N GLN C 99 -29.80 0.82 19.32
CA GLN C 99 -29.78 -0.64 19.43
C GLN C 99 -28.36 -1.16 19.82
N TYR C 100 -28.30 -1.98 20.86
CA TYR C 100 -27.06 -2.63 21.34
C TYR C 100 -27.18 -4.11 21.08
N ASN C 101 -26.23 -4.65 20.36
CA ASN C 101 -26.27 -6.02 19.94
C ASN C 101 -25.33 -6.88 20.82
N ILE C 102 -25.88 -7.53 21.83
CA ILE C 102 -25.08 -8.25 22.83
C ILE C 102 -24.94 -9.68 22.39
N GLN C 103 -23.72 -10.15 22.18
CA GLN C 103 -23.47 -11.50 21.66
C GLN C 103 -23.89 -12.52 22.71
N LYS C 104 -24.66 -13.53 22.29
CA LYS C 104 -25.08 -14.66 23.15
C LYS C 104 -24.42 -15.94 22.64
N LYS C 105 -24.53 -17.03 23.41
CA LYS C 105 -23.77 -18.24 23.06
C LYS C 105 -24.43 -18.97 21.89
N ALA C 106 -23.66 -19.79 21.19
CA ALA C 106 -24.15 -20.48 20.00
C ALA C 106 -25.37 -21.32 20.32
N MET C 107 -26.28 -21.39 19.34
CA MET C 107 -27.51 -22.16 19.44
C MET C 107 -27.88 -22.75 18.08
N THR C 108 -28.85 -23.64 18.12
CA THR C 108 -29.40 -24.24 16.89
C THR C 108 -30.58 -23.43 16.35
N VAL C 109 -30.90 -23.63 15.08
CA VAL C 109 -32.16 -23.08 14.57
C VAL C 109 -33.39 -23.61 15.32
N ARG C 110 -33.33 -24.85 15.81
CA ARG C 110 -34.40 -25.45 16.63
C ARG C 110 -34.62 -24.70 17.92
N GLU C 111 -33.53 -24.45 18.66
CA GLU C 111 -33.57 -23.68 19.91
C GLU C 111 -34.08 -22.25 19.63
N PHE C 112 -33.68 -21.72 18.47
CA PHE C 112 -34.08 -20.38 18.04
C PHE C 112 -35.58 -20.33 17.72
N ARG C 113 -36.05 -21.24 16.88
CA ARG C 113 -37.47 -21.37 16.56
C ARG C 113 -38.36 -21.45 17.82
N LYS C 114 -37.92 -22.25 18.77
CA LYS C 114 -38.66 -22.50 20.00
C LYS C 114 -38.84 -21.20 20.82
N ILE C 115 -37.77 -20.43 20.98
CA ILE C 115 -37.88 -19.14 21.65
C ILE C 115 -38.75 -18.17 20.83
N ALA C 116 -38.60 -18.19 19.50
CA ALA C 116 -39.36 -17.27 18.61
C ALA C 116 -40.88 -17.45 18.75
N ASN C 117 -41.31 -18.71 18.88
CA ASN C 117 -42.74 -19.03 18.92
C ASN C 117 -43.36 -19.01 20.33
N SER C 118 -42.55 -18.77 21.37
CA SER C 118 -43.03 -18.78 22.75
C SER C 118 -43.85 -17.53 23.08
N ASP C 119 -44.56 -17.54 24.21
CA ASP C 119 -45.53 -16.46 24.54
C ASP C 119 -44.85 -15.10 24.74
N LYS C 120 -43.70 -15.14 25.42
CA LYS C 120 -42.89 -13.95 25.66
C LYS C 120 -42.33 -13.26 24.36
N TYR C 121 -42.11 -14.02 23.28
CA TYR C 121 -41.40 -13.54 22.08
C TYR C 121 -42.16 -13.59 20.73
N CYS C 122 -43.38 -14.15 20.70
CA CYS C 122 -44.05 -14.46 19.42
C CYS C 122 -44.77 -13.26 18.87
N THR C 123 -44.98 -13.28 17.56
CA THR C 123 -45.73 -12.24 16.85
C THR C 123 -47.07 -11.92 17.56
N PRO C 124 -47.35 -10.63 17.88
CA PRO C 124 -48.67 -10.33 18.44
C PRO C 124 -49.82 -10.65 17.47
N ARG C 125 -51.05 -10.68 17.99
CA ARG C 125 -52.27 -10.92 17.19
C ARG C 125 -52.65 -9.59 16.56
N TYR C 126 -53.04 -9.59 15.28
CA TYR C 126 -53.37 -8.33 14.58
C TYR C 126 -54.50 -8.42 13.55
N PHE C 129 -51.44 -4.76 8.62
CA PHE C 129 -50.00 -4.51 8.57
C PHE C 129 -49.68 -3.31 9.43
N GLU C 130 -50.53 -2.29 9.35
CA GLU C 130 -50.25 -1.01 9.99
C GLU C 130 -50.37 -1.12 11.52
N GLU C 131 -51.21 -2.07 11.98
CA GLU C 131 -51.30 -2.39 13.44
C GLU C 131 -50.00 -3.06 13.97
N LEU C 132 -49.43 -3.96 13.17
CA LEU C 132 -48.18 -4.63 13.50
C LEU C 132 -47.01 -3.65 13.51
N GLU C 133 -46.99 -2.76 12.52
CA GLU C 133 -45.98 -1.70 12.46
C GLU C 133 -46.04 -0.82 13.73
N ARG C 134 -47.25 -0.45 14.12
CA ARG C 134 -47.46 0.41 15.29
C ARG C 134 -47.03 -0.24 16.59
N LYS C 135 -47.22 -1.56 16.67
CA LYS C 135 -46.80 -2.33 17.85
C LYS C 135 -45.27 -2.46 17.98
N TYR C 136 -44.58 -2.60 16.85
CA TYR C 136 -43.14 -2.60 16.86
C TYR C 136 -42.65 -1.27 17.42
N TRP C 137 -43.10 -0.15 16.84
CA TRP C 137 -42.62 1.18 17.27
C TRP C 137 -43.01 1.50 18.73
N LYS C 138 -44.03 0.81 19.26
CA LYS C 138 -44.42 0.86 20.69
C LYS C 138 -43.61 -0.04 21.61
N ASN C 139 -43.31 -1.24 21.14
CA ASN C 139 -42.72 -2.28 21.96
C ASN C 139 -41.21 -2.53 21.78
N LEU C 140 -40.54 -1.91 20.83
CA LEU C 140 -39.16 -2.35 20.49
C LEU C 140 -38.13 -2.31 21.59
N THR C 141 -38.38 -1.53 22.64
CA THR C 141 -37.48 -1.39 23.80
C THR C 141 -37.78 -2.39 24.90
N PHE C 142 -38.90 -3.11 24.76
CA PHE C 142 -39.28 -4.18 25.69
C PHE C 142 -38.87 -5.59 25.20
N ASN C 143 -38.63 -6.50 26.16
CA ASN C 143 -38.42 -7.93 25.90
C ASN C 143 -37.48 -8.21 24.72
N PRO C 144 -36.23 -7.71 24.81
CA PRO C 144 -35.26 -7.73 23.72
C PRO C 144 -35.11 -9.07 22.99
N PRO C 145 -35.51 -9.12 21.70
CA PRO C 145 -35.47 -10.43 21.02
C PRO C 145 -34.07 -10.88 20.68
N ILE C 146 -33.96 -12.12 20.24
CA ILE C 146 -32.68 -12.67 19.88
C ILE C 146 -32.75 -12.72 18.38
N TYR C 147 -31.71 -12.22 17.70
CA TYR C 147 -31.61 -12.26 16.23
C TYR C 147 -30.46 -13.17 15.85
N GLY C 148 -30.74 -14.19 15.04
CA GLY C 148 -29.73 -15.08 14.51
C GLY C 148 -29.03 -14.44 13.34
N ALA C 149 -28.40 -13.30 13.57
CA ALA C 149 -27.80 -12.53 12.47
C ALA C 149 -26.44 -13.10 12.11
N ASP C 150 -26.00 -12.84 10.86
CA ASP C 150 -24.60 -12.96 10.40
C ASP C 150 -24.02 -14.39 10.38
N VAL C 151 -24.85 -15.35 9.97
CA VAL C 151 -24.42 -16.71 9.84
C VAL C 151 -23.79 -16.84 8.46
N ASN C 152 -22.52 -17.20 8.37
CA ASN C 152 -21.89 -17.53 7.06
C ASN C 152 -22.53 -18.75 6.52
N GLY C 153 -22.96 -18.71 5.26
CA GLY C 153 -23.74 -19.80 4.67
C GLY C 153 -24.62 -19.38 3.50
N THR C 154 -25.04 -20.37 2.73
CA THR C 154 -26.10 -20.21 1.75
C THR C 154 -27.01 -21.40 1.85
N LEU C 155 -28.27 -21.18 1.54
CA LEU C 155 -29.28 -22.23 1.46
C LEU C 155 -29.72 -22.45 -0.01
N TYR C 156 -29.01 -21.84 -0.96
CA TYR C 156 -29.17 -22.17 -2.37
C TYR C 156 -28.47 -23.51 -2.60
N GLU C 157 -29.06 -24.35 -3.44
CA GLU C 157 -28.38 -25.53 -3.93
C GLU C 157 -27.30 -25.06 -4.90
N LYS C 158 -26.21 -25.81 -4.98
CA LYS C 158 -25.04 -25.36 -5.72
C LYS C 158 -25.34 -25.27 -7.23
N HIS C 159 -26.29 -26.10 -7.68
CA HIS C 159 -26.68 -26.19 -9.10
C HIS C 159 -27.50 -25.01 -9.71
N VAL C 160 -27.99 -24.07 -8.88
CA VAL C 160 -28.90 -22.98 -9.33
C VAL C 160 -28.14 -21.75 -9.92
N ASP C 161 -28.43 -21.40 -11.18
CA ASP C 161 -27.70 -20.34 -11.89
C ASP C 161 -28.32 -18.96 -11.72
N GLU C 162 -29.59 -18.92 -11.31
CA GLU C 162 -30.37 -17.69 -11.25
C GLU C 162 -30.26 -16.98 -9.89
N TRP C 163 -29.74 -15.75 -9.90
CA TRP C 163 -29.73 -14.90 -8.73
C TRP C 163 -29.13 -15.65 -7.52
N ASN C 164 -28.05 -16.42 -7.77
CA ASN C 164 -27.42 -17.22 -6.73
C ASN C 164 -26.51 -16.32 -5.92
N ILE C 165 -26.95 -16.02 -4.72
CA ILE C 165 -26.29 -15.03 -3.91
C ILE C 165 -24.80 -15.42 -3.66
N GLY C 166 -24.52 -16.72 -3.59
CA GLY C 166 -23.15 -17.22 -3.45
C GLY C 166 -22.22 -16.82 -4.56
N ARG C 167 -22.74 -16.68 -5.77
CA ARG C 167 -21.92 -16.35 -6.94
C ARG C 167 -22.72 -15.59 -8.00
N LEU C 168 -22.77 -14.26 -7.82
CA LEU C 168 -23.54 -13.39 -8.71
C LEU C 168 -22.78 -12.99 -9.98
N ARG C 169 -21.45 -13.07 -9.94
CA ARG C 169 -20.63 -12.75 -11.11
C ARG C 169 -20.78 -11.26 -11.54
N THR C 170 -20.98 -10.37 -10.57
CA THR C 170 -20.91 -8.93 -10.85
C THR C 170 -19.46 -8.54 -10.70
N ILE C 171 -19.15 -7.27 -11.01
CA ILE C 171 -17.77 -6.80 -10.91
C ILE C 171 -17.22 -6.67 -9.48
N LEU C 172 -18.04 -6.92 -8.47
CA LEU C 172 -17.54 -6.92 -7.12
C LEU C 172 -16.47 -8.01 -6.97
N ASP C 173 -16.67 -9.11 -7.70
CA ASP C 173 -15.74 -10.25 -7.81
C ASP C 173 -14.24 -9.92 -7.99
N LEU C 174 -13.94 -8.73 -8.52
CA LEU C 174 -12.58 -8.22 -8.63
C LEU C 174 -11.85 -8.01 -7.30
N VAL C 175 -12.60 -7.72 -6.23
CA VAL C 175 -12.01 -7.54 -4.88
C VAL C 175 -11.67 -8.90 -4.21
N GLU C 176 -11.97 -10.04 -4.85
CA GLU C 176 -11.42 -11.34 -4.44
C GLU C 176 -10.39 -11.90 -5.42
N LYS C 177 -10.68 -11.88 -6.72
CA LYS C 177 -9.78 -12.46 -7.72
C LYS C 177 -8.48 -11.69 -7.66
N GLU C 178 -8.55 -10.40 -7.94
CA GLU C 178 -7.34 -9.58 -8.02
C GLU C 178 -6.81 -9.24 -6.63
N SER C 179 -7.60 -8.50 -5.85
CA SER C 179 -7.22 -8.07 -4.49
C SER C 179 -6.91 -9.21 -3.44
N GLY C 180 -7.37 -10.45 -3.69
CA GLY C 180 -7.12 -11.60 -2.79
C GLY C 180 -8.00 -11.71 -1.54
N ILE C 181 -8.79 -10.67 -1.25
CA ILE C 181 -9.45 -10.50 0.07
C ILE C 181 -10.93 -11.00 0.13
N THR C 182 -11.24 -11.66 1.25
CA THR C 182 -12.60 -12.02 1.65
C THR C 182 -13.03 -11.01 2.72
N ILE C 183 -14.23 -10.45 2.52
CA ILE C 183 -14.91 -9.66 3.55
C ILE C 183 -16.24 -10.38 3.80
N GLU C 184 -16.46 -10.81 5.03
CA GLU C 184 -17.66 -11.55 5.36
C GLU C 184 -18.91 -10.68 5.25
N GLY C 185 -19.95 -11.27 4.65
CA GLY C 185 -21.23 -10.60 4.32
C GLY C 185 -21.23 -9.78 3.03
N VAL C 186 -20.04 -9.45 2.54
CA VAL C 186 -19.89 -8.48 1.46
C VAL C 186 -19.69 -9.19 0.12
N ASN C 187 -18.60 -9.94 -0.02
CA ASN C 187 -18.47 -10.86 -1.19
C ASN C 187 -18.69 -12.34 -0.78
N THR C 188 -19.23 -12.58 0.42
CA THR C 188 -19.75 -13.92 0.79
C THR C 188 -21.17 -13.75 1.30
N PRO C 189 -21.94 -14.83 1.24
CA PRO C 189 -23.32 -14.72 1.65
C PRO C 189 -23.48 -14.79 3.16
N TYR C 190 -24.43 -14.05 3.71
CA TYR C 190 -24.86 -14.20 5.09
C TYR C 190 -26.28 -14.77 5.14
N LEU C 191 -26.63 -15.42 6.26
CA LEU C 191 -28.01 -15.79 6.57
C LEU C 191 -28.47 -15.07 7.80
N TYR C 192 -29.77 -14.80 7.86
CA TYR C 192 -30.34 -14.13 9.01
C TYR C 192 -31.59 -14.84 9.47
N PHE C 193 -31.58 -15.33 10.71
CA PHE C 193 -32.78 -15.94 11.29
C PHE C 193 -33.49 -14.93 12.21
N GLY C 194 -34.72 -14.53 11.87
CA GLY C 194 -35.47 -13.49 12.63
C GLY C 194 -36.54 -14.05 13.55
N MET C 195 -36.85 -13.32 14.62
CA MET C 195 -38.09 -13.49 15.33
C MET C 195 -38.73 -12.14 15.34
N TRP C 196 -39.99 -12.12 15.76
CA TRP C 196 -40.78 -10.91 15.96
C TRP C 196 -39.93 -9.83 16.60
N LYS C 197 -39.96 -8.65 15.97
CA LYS C 197 -39.47 -7.42 16.58
C LYS C 197 -37.94 -7.36 16.55
N THR C 198 -37.29 -8.27 15.81
CA THR C 198 -35.87 -8.14 15.52
C THR C 198 -35.72 -7.11 14.41
N SER C 199 -34.62 -6.36 14.40
CA SER C 199 -34.56 -5.18 13.54
C SER C 199 -33.17 -4.80 13.05
N PHE C 200 -33.15 -4.16 11.87
CA PHE C 200 -31.93 -3.65 11.30
C PHE C 200 -32.06 -2.15 11.26
N ALA C 201 -30.99 -1.51 11.73
CA ALA C 201 -30.95 -0.07 11.86
C ALA C 201 -30.67 0.68 10.53
N TRP C 202 -31.03 1.96 10.54
CA TRP C 202 -30.67 2.91 9.45
C TRP C 202 -29.23 2.86 9.03
N HIS C 203 -28.99 2.48 7.79
CA HIS C 203 -27.62 2.37 7.28
C HIS C 203 -27.67 2.34 5.79
N THR C 204 -26.52 2.60 5.18
CA THR C 204 -26.26 2.21 3.82
C THR C 204 -25.33 1.03 3.92
N GLU C 205 -25.06 0.39 2.80
CA GLU C 205 -24.19 -0.77 2.78
C GLU C 205 -22.74 -0.32 2.87
N ASP C 206 -21.86 -1.24 3.21
CA ASP C 206 -20.41 -0.97 3.21
C ASP C 206 -20.01 -0.45 1.81
N MET C 207 -19.19 0.60 1.80
CA MET C 207 -18.77 1.32 0.59
C MET C 207 -19.93 1.77 -0.29
N ASP C 208 -21.13 1.90 0.29
CA ASP C 208 -22.35 2.32 -0.44
C ASP C 208 -22.63 1.37 -1.64
N LEU C 209 -22.32 0.10 -1.42
CA LEU C 209 -22.62 -0.95 -2.38
C LEU C 209 -24.14 -1.16 -2.51
N TYR C 210 -24.51 -2.03 -3.45
CA TYR C 210 -25.86 -2.58 -3.55
C TYR C 210 -25.97 -3.79 -2.63
N SER C 211 -27.20 -4.21 -2.35
CA SER C 211 -27.39 -5.45 -1.67
C SER C 211 -28.58 -6.17 -2.27
N ILE C 212 -28.55 -7.51 -2.15
CA ILE C 212 -29.60 -8.39 -2.58
C ILE C 212 -30.05 -9.13 -1.32
N ASN C 213 -31.34 -9.33 -1.16
CA ASN C 213 -31.88 -9.95 0.04
C ASN C 213 -33.03 -10.84 -0.41
N TYR C 214 -32.91 -12.17 -0.18
CA TYR C 214 -33.98 -13.13 -0.47
C TYR C 214 -34.49 -13.69 0.84
N LEU C 215 -35.79 -13.63 1.04
CA LEU C 215 -36.45 -14.27 2.17
C LEU C 215 -36.72 -15.73 1.82
N HIS C 216 -35.91 -16.65 2.33
CA HIS C 216 -36.09 -18.12 2.08
C HIS C 216 -37.42 -18.65 2.59
N PHE C 217 -37.79 -18.36 3.84
CA PHE C 217 -39.08 -18.82 4.39
C PHE C 217 -39.58 -18.06 5.61
N GLY C 218 -40.86 -18.25 5.89
CA GLY C 218 -41.47 -17.82 7.13
C GLY C 218 -42.16 -16.45 7.05
N GLU C 219 -42.32 -15.83 8.21
CA GLU C 219 -43.01 -14.55 8.32
C GLU C 219 -42.26 -13.41 7.60
N PRO C 220 -42.99 -12.38 7.16
CA PRO C 220 -42.35 -11.32 6.36
C PRO C 220 -41.30 -10.42 7.09
N LYS C 221 -40.62 -9.61 6.28
CA LYS C 221 -39.64 -8.63 6.71
C LYS C 221 -40.06 -7.27 6.13
N SER C 222 -40.36 -6.31 7.00
CA SER C 222 -40.80 -5.01 6.55
C SER C 222 -39.58 -4.07 6.48
N TRP C 223 -39.57 -3.19 5.48
CA TRP C 223 -38.47 -2.33 5.18
C TRP C 223 -38.91 -0.87 5.05
N TYR C 224 -38.03 0.05 5.43
CA TYR C 224 -38.16 1.50 5.23
C TYR C 224 -37.05 1.97 4.29
N SER C 225 -37.37 2.88 3.35
CA SER C 225 -36.38 3.45 2.41
C SER C 225 -36.36 5.01 2.44
N VAL C 226 -35.16 5.59 2.34
CA VAL C 226 -35.02 6.98 2.04
C VAL C 226 -34.31 6.98 0.69
N PRO C 227 -34.86 7.71 -0.30
CA PRO C 227 -34.23 7.79 -1.62
C PRO C 227 -32.84 8.43 -1.53
N PRO C 228 -31.86 7.92 -2.29
CA PRO C 228 -30.52 8.52 -2.23
C PRO C 228 -30.44 10.05 -2.33
N GLU C 229 -31.32 10.68 -3.10
CA GLU C 229 -31.24 12.15 -3.25
C GLU C 229 -31.64 12.86 -1.97
N HIS C 230 -32.13 12.14 -0.97
CA HIS C 230 -32.44 12.75 0.31
C HIS C 230 -31.62 12.22 1.51
N GLY C 231 -30.64 11.38 1.25
CA GLY C 231 -29.85 10.71 2.28
C GLY C 231 -28.95 11.59 3.12
N LYS C 232 -28.37 12.61 2.50
CA LYS C 232 -27.73 13.69 3.26
C LYS C 232 -28.68 14.29 4.33
N ARG C 233 -29.93 14.49 3.96
CA ARG C 233 -30.86 15.17 4.87
C ARG C 233 -31.16 14.27 6.07
N LEU C 234 -31.11 12.95 5.86
CA LEU C 234 -31.26 11.99 6.97
C LEU C 234 -30.04 12.07 7.84
N GLU C 235 -28.87 12.05 7.22
CA GLU C 235 -27.58 12.22 7.92
C GLU C 235 -27.55 13.51 8.74
N ARG C 236 -28.01 14.64 8.17
CA ARG C 236 -28.01 15.90 8.91
C ARG C 236 -28.99 15.77 10.07
N LEU C 237 -30.19 15.28 9.81
CA LEU C 237 -31.14 15.03 10.89
C LEU C 237 -30.60 14.13 12.04
N ALA C 238 -29.97 12.99 11.69
CA ALA C 238 -29.41 12.08 12.73
C ALA C 238 -28.32 12.75 13.54
N LYS C 239 -27.48 13.55 12.87
CA LYS C 239 -26.36 14.27 13.53
C LYS C 239 -26.81 15.34 14.57
N GLY C 240 -27.86 16.07 14.25
CA GLY C 240 -28.47 16.96 15.22
C GLY C 240 -28.99 16.25 16.45
N PHE C 241 -29.51 15.03 16.27
CA PHE C 241 -30.08 14.24 17.39
C PHE C 241 -29.09 13.40 18.17
N PHE C 242 -27.96 13.07 17.56
CA PHE C 242 -26.87 12.37 18.26
C PHE C 242 -25.56 13.11 18.04
N PRO C 243 -25.42 14.33 18.62
CA PRO C 243 -24.21 15.14 18.42
C PRO C 243 -22.91 14.52 18.98
N GLY C 244 -23.00 13.81 20.10
CA GLY C 244 -21.84 13.09 20.67
C GLY C 244 -21.27 12.03 19.73
N SER C 245 -22.18 11.25 19.14
CA SER C 245 -21.83 10.21 18.19
C SER C 245 -21.25 10.75 16.88
N ALA C 246 -21.74 11.92 16.43
CA ALA C 246 -21.17 12.60 15.24
C ALA C 246 -19.74 13.11 15.48
N GLN C 247 -19.54 13.74 16.64
CA GLN C 247 -18.18 14.10 17.11
C GLN C 247 -17.23 12.90 17.08
N SER C 248 -17.55 11.86 17.86
CA SER C 248 -16.69 10.67 17.92
C SER C 248 -16.49 10.09 16.53
N CYS C 249 -17.60 9.86 15.81
CA CYS C 249 -17.51 9.32 14.45
C CYS C 249 -18.37 10.04 13.40
N GLU C 250 -17.79 10.15 12.22
CA GLU C 250 -18.31 10.96 11.14
C GLU C 250 -19.48 10.19 10.52
N ALA C 251 -19.16 8.98 10.06
CA ALA C 251 -20.11 8.02 9.51
C ALA C 251 -20.71 7.13 10.60
N PHE C 252 -21.20 7.71 11.68
CA PHE C 252 -21.65 6.87 12.82
C PHE C 252 -22.89 6.00 12.55
N LEU C 253 -23.74 6.46 11.65
CA LEU C 253 -24.82 5.62 11.14
C LEU C 253 -24.26 4.26 10.70
N ARG C 254 -23.01 4.23 10.24
CA ARG C 254 -22.38 2.95 9.85
C ARG C 254 -22.21 1.95 10.97
N HIS C 255 -22.32 2.41 12.21
CA HIS C 255 -22.38 1.52 13.36
C HIS C 255 -23.64 0.60 13.37
N LYS C 256 -24.69 1.01 12.63
CA LYS C 256 -25.96 0.27 12.48
C LYS C 256 -26.54 0.05 13.85
N MET C 257 -26.61 1.15 14.59
CA MET C 257 -27.19 1.20 15.91
C MET C 257 -28.31 2.22 15.99
N THR C 258 -28.64 2.93 14.93
CA THR C 258 -29.54 4.08 15.09
C THR C 258 -30.91 3.84 14.47
N LEU C 259 -31.95 3.91 15.30
CA LEU C 259 -33.31 3.65 14.91
C LEU C 259 -34.08 4.96 14.98
N ILE C 260 -34.80 5.25 13.90
CA ILE C 260 -35.57 6.47 13.80
C ILE C 260 -36.91 6.08 13.24
N SER C 261 -37.99 6.37 13.97
CA SER C 261 -39.34 5.93 13.56
C SER C 261 -39.88 6.70 12.36
N PRO C 262 -40.84 6.11 11.64
CA PRO C 262 -41.40 6.83 10.50
C PRO C 262 -42.11 8.14 10.88
N LEU C 263 -42.64 8.23 12.10
CA LEU C 263 -43.23 9.46 12.59
C LEU C 263 -42.20 10.58 12.70
N MET C 264 -41.01 10.27 13.19
CA MET C 264 -39.96 11.29 13.26
C MET C 264 -39.57 11.72 11.87
N LEU C 265 -39.39 10.77 10.96
CA LEU C 265 -39.04 11.13 9.60
C LEU C 265 -40.06 12.12 8.98
N LYS C 266 -41.36 11.83 9.14
CA LYS C 266 -42.44 12.68 8.64
C LYS C 266 -42.40 14.08 9.23
N LYS C 267 -42.25 14.16 10.55
CA LYS C 267 -42.13 15.43 11.26
C LYS C 267 -41.03 16.33 10.71
N TYR C 268 -39.85 15.73 10.57
CA TYR C 268 -38.66 16.45 10.08
C TYR C 268 -38.56 16.51 8.57
N GLY C 269 -39.61 16.20 7.83
CA GLY C 269 -39.61 16.37 6.39
C GLY C 269 -38.66 15.48 5.61
N ILE C 270 -38.31 14.29 6.12
CA ILE C 270 -37.49 13.33 5.36
C ILE C 270 -38.45 12.45 4.56
N PRO C 271 -38.42 12.52 3.23
CA PRO C 271 -39.27 11.57 2.53
C PRO C 271 -38.73 10.12 2.64
N PHE C 272 -39.67 9.18 2.79
CA PHE C 272 -39.41 7.75 2.92
C PHE C 272 -40.57 6.92 2.32
N ASP C 273 -40.31 5.66 1.99
CA ASP C 273 -41.36 4.73 1.64
C ASP C 273 -41.25 3.47 2.50
N LYS C 274 -42.29 2.61 2.44
CA LYS C 274 -42.41 1.31 3.12
C LYS C 274 -42.69 0.23 2.10
N VAL C 275 -42.31 -0.98 2.43
CA VAL C 275 -42.61 -2.14 1.62
C VAL C 275 -42.46 -3.37 2.52
N THR C 276 -43.22 -4.42 2.22
CA THR C 276 -43.14 -5.64 3.02
C THR C 276 -42.66 -6.78 2.19
N GLN C 277 -41.63 -7.46 2.66
CA GLN C 277 -41.01 -8.57 1.89
C GLN C 277 -41.62 -9.84 2.41
N GLU C 278 -42.19 -10.64 1.53
CA GLU C 278 -42.79 -11.92 1.94
C GLU C 278 -41.93 -13.07 1.42
N ALA C 279 -42.20 -14.25 1.92
CA ALA C 279 -41.37 -15.42 1.64
C ALA C 279 -41.26 -15.59 0.16
N GLY C 280 -40.06 -15.82 -0.32
CA GLY C 280 -39.81 -16.03 -1.73
C GLY C 280 -39.68 -14.79 -2.60
N GLU C 281 -39.43 -13.61 -2.02
CA GLU C 281 -39.27 -12.39 -2.82
C GLU C 281 -37.90 -11.80 -2.53
N PHE C 282 -37.40 -10.98 -3.46
CA PHE C 282 -36.11 -10.31 -3.35
C PHE C 282 -36.31 -8.85 -3.07
N MET C 283 -35.35 -8.25 -2.35
CA MET C 283 -35.25 -6.83 -2.20
C MET C 283 -33.85 -6.47 -2.62
N ILE C 284 -33.74 -5.38 -3.39
CA ILE C 284 -32.49 -4.83 -3.81
C ILE C 284 -32.34 -3.45 -3.16
N THR C 285 -31.23 -3.22 -2.48
CA THR C 285 -30.83 -1.88 -2.10
C THR C 285 -29.79 -1.36 -3.09
N PHE C 286 -29.85 -0.06 -3.33
CA PHE C 286 -29.02 0.62 -4.33
C PHE C 286 -28.01 1.50 -3.59
N PRO C 287 -26.93 1.90 -4.30
CA PRO C 287 -25.97 2.76 -3.63
C PRO C 287 -26.62 3.99 -3.03
N TYR C 288 -26.11 4.31 -1.85
CA TYR C 288 -26.51 5.41 -1.03
C TYR C 288 -28.00 5.37 -0.65
N GLY C 289 -28.53 4.13 -0.51
CA GLY C 289 -29.93 3.86 -0.19
C GLY C 289 -30.15 3.44 1.25
N TYR C 290 -30.41 4.43 2.09
CA TYR C 290 -30.56 4.19 3.50
C TYR C 290 -31.83 3.37 3.62
N HIS C 291 -31.74 2.30 4.40
CA HIS C 291 -32.90 1.49 4.74
C HIS C 291 -32.82 1.05 6.15
N ALA C 292 -33.97 0.63 6.67
CA ALA C 292 -34.07 0.06 7.99
C ALA C 292 -35.32 -0.81 8.04
N GLY C 293 -35.42 -1.73 8.99
CA GLY C 293 -36.61 -2.59 9.01
C GLY C 293 -36.72 -3.51 10.18
N PHE C 294 -37.75 -4.35 10.18
CA PHE C 294 -37.97 -5.30 11.25
C PHE C 294 -38.63 -6.58 10.71
N ASN C 295 -38.42 -7.69 11.43
CA ASN C 295 -39.01 -8.97 11.09
C ASN C 295 -40.36 -9.16 11.81
N HIS C 296 -41.35 -9.69 11.11
CA HIS C 296 -42.71 -9.96 11.67
C HIS C 296 -42.75 -11.19 12.56
N GLY C 297 -41.91 -12.19 12.28
CA GLY C 297 -41.83 -13.41 13.10
C GLY C 297 -40.68 -14.34 12.72
N PHE C 298 -40.82 -15.63 12.98
CA PHE C 298 -39.76 -16.56 12.65
C PHE C 298 -39.55 -16.57 11.17
N ASN C 299 -38.32 -16.37 10.71
CA ASN C 299 -38.06 -16.37 9.25
C ASN C 299 -36.58 -16.58 8.89
N CYS C 300 -36.27 -16.61 7.61
CA CYS C 300 -34.90 -16.78 7.20
C CYS C 300 -34.60 -16.04 5.91
N ALA C 301 -33.58 -15.16 5.94
CA ALA C 301 -33.14 -14.38 4.77
C ALA C 301 -31.69 -14.62 4.46
N GLU C 302 -31.32 -14.40 3.21
CA GLU C 302 -29.93 -14.52 2.83
C GLU C 302 -29.55 -13.26 2.09
N SER C 303 -28.38 -12.70 2.35
CA SER C 303 -27.95 -11.53 1.58
C SER C 303 -26.46 -11.50 1.28
N THR C 304 -26.13 -10.59 0.37
CA THR C 304 -24.77 -10.17 0.18
C THR C 304 -24.74 -8.78 -0.49
N ASN C 305 -23.53 -8.25 -0.74
CA ASN C 305 -23.39 -7.06 -1.56
C ASN C 305 -23.02 -7.41 -3.01
N PHE C 306 -23.22 -6.45 -3.89
CA PHE C 306 -22.80 -6.58 -5.30
C PHE C 306 -22.61 -5.21 -5.88
N ALA C 307 -22.00 -5.15 -7.06
CA ALA C 307 -21.79 -3.89 -7.78
C ALA C 307 -22.26 -3.93 -9.22
N THR C 308 -22.36 -2.74 -9.79
CA THR C 308 -22.46 -2.48 -11.23
C THR C 308 -21.49 -1.32 -11.51
N ARG C 309 -21.33 -0.94 -12.78
CA ARG C 309 -20.34 0.11 -13.14
C ARG C 309 -20.67 1.46 -12.45
N ARG C 310 -21.96 1.78 -12.38
CA ARG C 310 -22.45 2.94 -11.62
C ARG C 310 -21.89 3.09 -10.23
N TRP C 311 -21.73 1.98 -9.50
CA TRP C 311 -21.32 2.01 -8.08
C TRP C 311 -19.96 2.65 -7.85
N ILE C 312 -19.02 2.36 -8.77
CA ILE C 312 -17.59 2.71 -8.65
C ILE C 312 -17.41 4.14 -8.11
N GLU C 313 -18.22 5.07 -8.64
CA GLU C 313 -18.16 6.46 -8.24
C GLU C 313 -18.66 6.68 -6.78
N TYR C 314 -19.69 5.93 -6.37
CA TYR C 314 -20.14 5.94 -4.94
C TYR C 314 -19.08 5.31 -4.02
N GLY C 315 -18.41 4.27 -4.51
CA GLY C 315 -17.29 3.63 -3.79
C GLY C 315 -16.17 4.61 -3.48
N LYS C 316 -15.84 5.43 -4.48
CA LYS C 316 -14.82 6.50 -4.36
C LYS C 316 -15.18 7.56 -3.35
N GLN C 317 -16.46 7.96 -3.36
CA GLN C 317 -16.92 9.09 -2.54
C GLN C 317 -17.51 8.75 -1.18
N ALA C 318 -17.71 7.47 -0.87
CA ALA C 318 -18.31 7.05 0.40
C ALA C 318 -17.56 7.54 1.66
N VAL C 319 -18.30 8.05 2.62
CA VAL C 319 -17.77 8.57 3.86
C VAL C 319 -17.76 7.37 4.79
N LEU C 320 -16.59 6.97 5.27
CA LEU C 320 -16.46 5.72 6.03
C LEU C 320 -16.34 5.94 7.52
N CYS C 321 -16.55 4.86 8.28
CA CYS C 321 -16.30 4.87 9.73
C CYS C 321 -14.78 4.92 9.96
N SER C 322 -14.38 5.75 10.92
CA SER C 322 -12.98 6.15 11.14
C SER C 322 -12.41 5.68 12.49
N CYS C 323 -13.23 4.99 13.30
CA CYS C 323 -13.09 4.95 14.76
C CYS C 323 -13.05 3.55 15.46
N ARG C 324 -13.04 2.43 14.71
CA ARG C 324 -13.06 1.08 15.30
C ARG C 324 -11.81 0.24 14.95
N LYS C 329 -13.56 -1.52 4.83
CA LYS C 329 -12.81 -0.61 3.96
C LYS C 329 -12.20 -1.31 2.73
N ILE C 330 -12.63 -0.93 1.53
CA ILE C 330 -12.10 -1.45 0.26
C ILE C 330 -11.32 -0.38 -0.50
N SER C 331 -10.26 -0.83 -1.19
CA SER C 331 -9.43 0.02 -2.03
C SER C 331 -10.04 -0.04 -3.42
N MET C 332 -10.24 1.12 -4.02
CA MET C 332 -10.95 1.25 -5.29
C MET C 332 -10.07 1.12 -6.54
N ASP C 333 -8.78 0.85 -6.38
CA ASP C 333 -7.81 1.12 -7.46
C ASP C 333 -8.06 0.26 -8.70
N VAL C 334 -8.29 -1.03 -8.46
CA VAL C 334 -8.61 -1.97 -9.54
C VAL C 334 -9.81 -1.56 -10.37
N PHE C 335 -10.80 -0.94 -9.73
CA PHE C 335 -12.02 -0.43 -10.40
C PHE C 335 -11.74 0.77 -11.29
N VAL C 336 -10.98 1.74 -10.74
CA VAL C 336 -10.63 2.97 -11.46
C VAL C 336 -9.73 2.60 -12.66
N ARG C 337 -8.68 1.80 -12.40
CA ARG C 337 -7.80 1.35 -13.49
C ARG C 337 -8.56 0.64 -14.62
N LYS C 338 -9.44 -0.29 -14.27
CA LYS C 338 -10.10 -1.12 -15.28
C LYS C 338 -11.23 -0.42 -16.06
N PHE C 339 -11.99 0.43 -15.37
CA PHE C 339 -13.20 1.07 -15.94
C PHE C 339 -13.09 2.58 -16.17
N GLN C 340 -12.35 3.30 -15.32
CA GLN C 340 -12.09 4.74 -15.46
C GLN C 340 -10.58 5.00 -15.63
N PRO C 341 -9.94 4.41 -16.68
CA PRO C 341 -8.46 4.43 -16.76
C PRO C 341 -7.86 5.84 -16.72
N GLU C 342 -8.45 6.75 -17.50
CA GLU C 342 -7.98 8.15 -17.65
C GLU C 342 -7.95 8.97 -16.36
N ARG C 343 -8.79 8.61 -15.40
CA ARG C 343 -8.90 9.36 -14.16
C ARG C 343 -8.01 8.82 -13.04
N TYR C 344 -7.12 7.85 -13.33
CA TYR C 344 -6.40 7.14 -12.26
C TYR C 344 -5.44 8.00 -11.42
N LYS C 345 -4.63 8.84 -12.07
CA LYS C 345 -3.67 9.68 -11.32
C LYS C 345 -4.37 10.90 -10.74
N LEU C 346 -5.30 11.45 -11.53
CA LEU C 346 -6.22 12.49 -11.06
C LEU C 346 -6.84 12.10 -9.70
N TRP C 347 -7.40 10.90 -9.62
CA TRP C 347 -8.01 10.38 -8.38
C TRP C 347 -6.95 10.05 -7.30
N LYS C 348 -5.85 9.42 -7.71
CA LYS C 348 -4.73 9.20 -6.78
C LYS C 348 -4.17 10.52 -6.19
N ALA C 349 -4.01 11.54 -7.04
CA ALA C 349 -3.66 12.91 -6.61
C ALA C 349 -4.61 13.47 -5.53
N GLY C 350 -5.90 13.29 -5.75
CA GLY C 350 -6.93 13.91 -4.91
C GLY C 350 -7.71 15.00 -5.61
N LYS C 351 -7.55 15.12 -6.94
CA LYS C 351 -8.27 16.09 -7.74
C LYS C 351 -9.77 15.72 -7.90
N THR C 354 -15.70 14.91 -9.31
CA THR C 354 -17.01 14.53 -9.81
C THR C 354 -18.04 14.79 -8.75
N VAL C 355 -19.22 15.21 -9.20
CA VAL C 355 -20.45 15.25 -8.41
C VAL C 355 -21.30 14.07 -8.91
N ILE C 356 -21.88 13.29 -7.99
CA ILE C 356 -22.76 12.18 -8.36
C ILE C 356 -24.18 12.71 -8.58
N ASP C 357 -24.82 12.25 -9.65
CA ASP C 357 -26.23 12.49 -9.94
C ASP C 357 -26.96 11.17 -9.67
N HIS C 358 -27.72 11.13 -8.56
CA HIS C 358 -28.39 9.90 -8.07
C HIS C 358 -29.58 9.50 -8.92
N THR C 359 -30.01 10.38 -9.80
CA THR C 359 -31.12 10.08 -10.74
C THR C 359 -30.69 9.10 -11.89
N LEU C 360 -29.40 9.06 -12.22
CA LEU C 360 -28.91 8.44 -13.47
C LEU C 360 -28.77 6.92 -13.42
N PRO C 361 -29.32 6.21 -14.42
CA PRO C 361 -29.08 4.77 -14.40
C PRO C 361 -27.61 4.38 -14.66
N THR C 362 -27.33 3.10 -14.45
CA THR C 362 -26.00 2.52 -14.73
C THR C 362 -25.84 2.38 -16.26
N PRO C 363 -24.62 2.65 -16.81
CA PRO C 363 -24.30 2.49 -18.25
C PRO C 363 -24.85 1.24 -18.96
N GLU C 364 -24.91 0.08 -18.28
CA GLU C 364 -25.48 -1.19 -18.84
C GLU C 364 -26.96 -1.09 -19.29
N ALA C 365 -27.69 -0.13 -18.72
CA ALA C 365 -29.06 0.16 -19.12
C ALA C 365 -29.21 0.84 -20.49
N ALA C 366 -28.10 1.31 -21.08
CA ALA C 366 -28.06 1.95 -22.43
C ALA C 366 -28.93 1.24 -23.49
N GLU C 367 -28.82 -0.08 -23.55
CA GLU C 367 -29.65 -0.89 -24.45
C GLU C 367 -31.17 -0.80 -24.18
N PHE C 368 -31.57 -0.40 -22.97
CA PHE C 368 -32.99 -0.10 -22.65
C PHE C 368 -33.36 1.42 -22.77
N LEU C 369 -32.55 2.21 -23.49
CA LEU C 369 -32.72 3.68 -23.60
C LEU C 369 -32.44 4.24 -24.99
N SER D 20 -37.60 -12.61 70.96
CA SER D 20 -37.04 -12.18 69.62
C SER D 20 -38.11 -11.65 68.64
N GLU D 21 -39.29 -12.28 68.70
CA GLU D 21 -40.51 -11.77 68.03
C GLU D 21 -41.03 -10.47 68.66
N THR D 22 -40.61 -10.24 69.91
CA THR D 22 -40.84 -8.97 70.63
C THR D 22 -39.96 -7.78 70.14
N LEU D 23 -38.74 -8.06 69.71
CA LEU D 23 -37.80 -7.01 69.30
C LEU D 23 -38.00 -6.67 67.82
N ASN D 24 -38.04 -5.37 67.54
CA ASN D 24 -38.22 -4.80 66.20
C ASN D 24 -39.45 -5.45 65.50
N PRO D 25 -40.61 -5.42 66.17
CA PRO D 25 -41.83 -6.08 65.66
C PRO D 25 -42.29 -5.55 64.29
N SER D 26 -42.00 -4.27 64.01
CA SER D 26 -42.22 -3.69 62.70
C SER D 26 -41.21 -4.15 61.63
N ALA D 27 -40.08 -4.71 62.04
CA ALA D 27 -38.99 -5.11 61.13
C ALA D 27 -38.43 -3.95 60.28
N ARG D 28 -38.27 -2.79 60.90
CA ARG D 28 -37.81 -1.58 60.18
C ARG D 28 -36.30 -1.54 60.15
N ILE D 29 -35.73 -0.78 59.23
CA ILE D 29 -34.28 -0.59 59.18
C ILE D 29 -33.84 0.24 60.36
N MET D 30 -33.08 -0.39 61.24
CA MET D 30 -32.49 0.25 62.39
C MET D 30 -31.13 0.82 61.99
N THR D 31 -30.72 1.85 62.72
CA THR D 31 -29.42 2.50 62.58
C THR D 31 -28.71 2.43 63.91
N PHE D 32 -27.38 2.26 63.90
CA PHE D 32 -26.61 2.12 65.14
C PHE D 32 -25.39 3.02 65.22
N TYR D 33 -25.09 3.52 66.42
CA TYR D 33 -23.98 4.45 66.60
C TYR D 33 -23.01 3.91 67.65
N PRO D 34 -22.24 2.86 67.30
CA PRO D 34 -21.34 2.32 68.29
C PRO D 34 -20.24 3.32 68.65
N THR D 35 -19.78 3.24 69.89
CA THR D 35 -18.59 3.96 70.31
C THR D 35 -17.37 3.17 69.82
N MET D 36 -16.18 3.71 69.99
CA MET D 36 -14.97 2.98 69.62
C MET D 36 -14.84 1.61 70.32
N GLU D 37 -15.22 1.51 71.60
CA GLU D 37 -15.06 0.24 72.34
C GLU D 37 -15.92 -0.83 71.71
N GLU D 38 -17.19 -0.50 71.51
CA GLU D 38 -18.19 -1.39 70.88
C GLU D 38 -17.82 -1.84 69.44
N PHE D 39 -17.44 -0.85 68.65
CA PHE D 39 -17.04 -1.00 67.26
C PHE D 39 -15.82 -1.93 67.07
N ARG D 40 -14.87 -1.88 68.00
CA ARG D 40 -13.61 -2.67 67.81
C ARG D 40 -13.80 -4.13 67.39
N ASN D 41 -14.82 -4.79 67.96
CA ASN D 41 -15.08 -6.18 67.68
C ASN D 41 -16.25 -6.32 66.68
N PHE D 42 -15.88 -6.59 65.42
CA PHE D 42 -16.84 -6.73 64.31
C PHE D 42 -17.89 -7.77 64.63
N SER D 43 -17.44 -9.01 64.82
CA SER D 43 -18.33 -10.13 65.11
C SER D 43 -19.18 -9.91 66.37
N ARG D 44 -18.57 -9.39 67.46
CA ARG D 44 -19.36 -9.04 68.64
C ARG D 44 -20.46 -8.06 68.28
N TYR D 45 -20.15 -7.02 67.51
CA TYR D 45 -21.14 -5.98 67.21
C TYR D 45 -22.28 -6.45 66.30
N ILE D 46 -22.00 -7.29 65.31
CA ILE D 46 -23.07 -7.93 64.51
C ILE D 46 -24.03 -8.64 65.47
N ALA D 47 -23.50 -9.42 66.40
CA ALA D 47 -24.35 -10.11 67.37
C ALA D 47 -25.15 -9.14 68.22
N TYR D 48 -24.56 -8.01 68.62
CA TYR D 48 -25.30 -7.01 69.39
C TYR D 48 -26.53 -6.50 68.63
N ILE D 49 -26.34 -6.05 67.40
CA ILE D 49 -27.45 -5.50 66.63
C ILE D 49 -28.55 -6.54 66.31
N GLU D 50 -28.14 -7.80 66.26
CA GLU D 50 -29.11 -8.90 66.18
C GLU D 50 -29.83 -9.11 67.53
N SER D 51 -29.12 -8.95 68.64
CA SER D 51 -29.76 -8.89 69.96
C SER D 51 -30.87 -7.82 70.05
N GLN D 52 -30.74 -6.75 69.27
CA GLN D 52 -31.77 -5.69 69.15
C GLN D 52 -32.83 -5.87 68.04
N GLY D 53 -32.82 -6.99 67.32
CA GLY D 53 -33.79 -7.27 66.24
C GLY D 53 -33.47 -6.69 64.84
N ALA D 54 -32.30 -6.09 64.68
CA ALA D 54 -31.90 -5.43 63.40
C ALA D 54 -32.10 -6.32 62.14
N HIS D 55 -31.74 -7.59 62.31
CA HIS D 55 -31.84 -8.58 61.25
C HIS D 55 -33.24 -8.81 60.69
N ARG D 56 -34.29 -8.48 61.43
CA ARG D 56 -35.64 -8.72 60.92
C ARG D 56 -35.93 -7.90 59.69
N ALA D 57 -35.24 -6.75 59.54
CA ALA D 57 -35.41 -5.85 58.41
C ALA D 57 -34.68 -6.29 57.16
N GLY D 58 -33.64 -7.09 57.35
CA GLY D 58 -32.83 -7.57 56.25
C GLY D 58 -31.64 -6.69 55.97
N LEU D 59 -31.68 -5.49 56.55
CA LEU D 59 -30.81 -4.42 56.21
C LEU D 59 -30.72 -3.58 57.45
N ALA D 60 -29.50 -3.24 57.84
CA ALA D 60 -29.21 -2.36 58.99
C ALA D 60 -28.07 -1.37 58.64
N LYS D 61 -28.11 -0.16 59.22
CA LYS D 61 -27.07 0.87 59.02
C LYS D 61 -26.19 1.02 60.26
N VAL D 62 -24.90 1.23 60.10
CA VAL D 62 -24.00 1.40 61.26
C VAL D 62 -23.10 2.59 60.97
N VAL D 63 -23.27 3.65 61.78
CA VAL D 63 -22.51 4.87 61.66
C VAL D 63 -21.33 4.72 62.58
N PRO D 64 -20.10 4.59 62.02
CA PRO D 64 -18.95 4.36 62.88
C PRO D 64 -18.54 5.66 63.60
N PRO D 65 -17.77 5.57 64.68
CA PRO D 65 -17.32 6.75 65.38
C PRO D 65 -16.54 7.70 64.48
N LYS D 66 -16.73 9.01 64.69
CA LYS D 66 -16.06 10.09 63.91
C LYS D 66 -14.52 9.99 63.92
N GLU D 67 -13.96 9.50 65.00
CA GLU D 67 -12.52 9.30 65.11
C GLU D 67 -12.06 8.41 63.95
N TRP D 68 -12.60 7.18 63.92
CA TRP D 68 -12.15 6.09 63.02
C TRP D 68 -12.23 6.42 61.53
N LYS D 69 -11.08 6.24 60.87
CA LYS D 69 -10.88 6.51 59.45
C LYS D 69 -10.20 5.29 58.86
N PRO D 70 -10.80 4.68 57.80
CA PRO D 70 -10.13 3.54 57.16
C PRO D 70 -9.02 3.95 56.20
N ARG D 71 -8.94 5.23 55.88
CA ARG D 71 -7.93 5.77 54.98
C ARG D 71 -7.71 7.28 55.28
N ALA D 72 -6.48 7.77 55.08
CA ALA D 72 -6.18 9.16 55.52
C ALA D 72 -6.93 10.16 54.65
N SER D 73 -6.81 10.03 53.35
CA SER D 73 -7.69 10.74 52.45
C SER D 73 -7.90 9.99 51.13
N TYR D 74 -8.84 10.48 50.32
CA TYR D 74 -9.16 9.86 49.07
C TYR D 74 -8.66 10.67 47.85
N ASP D 75 -7.50 11.32 47.98
CA ASP D 75 -6.94 12.12 46.88
C ASP D 75 -5.88 11.35 46.06
N ASP D 76 -5.69 10.07 46.39
CA ASP D 76 -4.57 9.26 45.90
C ASP D 76 -5.11 7.95 45.26
N ILE D 77 -6.27 8.04 44.61
CA ILE D 77 -6.93 6.89 43.99
C ILE D 77 -7.10 6.96 42.45
N ASP D 78 -6.73 8.06 41.78
CA ASP D 78 -6.81 8.19 40.30
C ASP D 78 -6.25 7.03 39.45
N ASP D 79 -5.20 6.36 39.93
CA ASP D 79 -4.50 5.36 39.13
C ASP D 79 -5.12 4.00 39.31
N LEU D 80 -6.03 3.85 40.26
CA LEU D 80 -6.77 2.59 40.40
C LEU D 80 -7.40 2.24 39.06
N VAL D 81 -7.35 0.94 38.74
CA VAL D 81 -7.94 0.40 37.51
C VAL D 81 -9.24 -0.37 37.78
N ILE D 82 -10.24 -0.01 36.97
CA ILE D 82 -11.52 -0.67 36.82
C ILE D 82 -11.42 -1.50 35.54
N PRO D 83 -11.26 -2.83 35.68
CA PRO D 83 -10.95 -3.67 34.54
C PRO D 83 -12.12 -4.04 33.61
N ALA D 84 -13.33 -4.05 34.16
CA ALA D 84 -14.51 -4.49 33.45
C ALA D 84 -15.74 -3.61 33.82
N PRO D 85 -15.71 -2.30 33.47
CA PRO D 85 -16.90 -1.48 33.69
C PRO D 85 -18.07 -2.01 32.88
N ILE D 86 -19.27 -1.79 33.41
CA ILE D 86 -20.46 -2.35 32.81
C ILE D 86 -21.38 -1.19 32.45
N GLN D 87 -21.80 -1.15 31.19
CA GLN D 87 -22.79 -0.17 30.78
C GLN D 87 -24.15 -0.83 31.04
N GLN D 88 -25.00 -0.13 31.77
CA GLN D 88 -26.17 -0.75 32.38
C GLN D 88 -27.43 -0.47 31.60
N LEU D 89 -27.80 -1.41 30.76
CA LEU D 89 -28.90 -1.22 29.83
C LEU D 89 -30.17 -1.82 30.45
N VAL D 90 -31.18 -0.99 30.68
CA VAL D 90 -32.43 -1.43 31.36
C VAL D 90 -33.64 -1.34 30.43
N THR D 91 -34.45 -2.36 30.50
CA THR D 91 -35.58 -2.54 29.61
C THR D 91 -36.82 -2.85 30.44
N GLY D 92 -37.98 -2.36 30.02
CA GLY D 92 -39.18 -2.54 30.79
C GLY D 92 -40.02 -1.31 30.98
N GLN D 93 -41.15 -1.53 31.64
CA GLN D 93 -42.15 -0.48 31.95
C GLN D 93 -43.02 -0.88 33.15
N SER D 94 -43.74 0.11 33.69
CA SER D 94 -44.72 -0.13 34.76
C SER D 94 -44.06 -0.65 36.04
N GLY D 95 -42.86 -0.15 36.34
CA GLY D 95 -42.11 -0.60 37.53
C GLY D 95 -41.60 -2.04 37.50
N LEU D 96 -41.57 -2.70 36.32
CA LEU D 96 -40.97 -4.02 36.14
C LEU D 96 -39.89 -3.94 35.04
N PHE D 97 -38.65 -4.22 35.41
CA PHE D 97 -37.52 -4.07 34.47
C PHE D 97 -36.53 -5.18 34.58
N THR D 98 -35.71 -5.24 33.54
CA THR D 98 -34.61 -6.20 33.48
C THR D 98 -33.35 -5.44 33.03
N GLN D 99 -32.27 -5.61 33.79
CA GLN D 99 -31.04 -4.89 33.61
C GLN D 99 -30.02 -5.80 32.96
N TYR D 100 -29.51 -5.38 31.80
CA TYR D 100 -28.44 -6.04 31.09
C TYR D 100 -27.14 -5.26 31.29
N ASN D 101 -26.06 -5.95 31.54
CA ASN D 101 -24.79 -5.29 31.77
C ASN D 101 -23.92 -5.56 30.54
N ILE D 102 -23.38 -4.51 29.93
CA ILE D 102 -22.51 -4.65 28.77
C ILE D 102 -21.10 -4.30 29.16
N GLN D 103 -20.20 -5.29 29.06
CA GLN D 103 -18.79 -5.07 29.39
C GLN D 103 -18.16 -4.07 28.44
N LYS D 104 -17.43 -3.12 29.02
CA LYS D 104 -16.68 -2.09 28.31
C LYS D 104 -15.18 -2.24 28.57
N LYS D 105 -14.36 -1.55 27.79
CA LYS D 105 -12.90 -1.56 27.99
C LYS D 105 -12.53 -0.89 29.32
N ALA D 106 -11.52 -1.47 29.95
CA ALA D 106 -10.93 -0.98 31.20
C ALA D 106 -10.67 0.54 31.18
N MET D 107 -10.93 1.20 32.32
CA MET D 107 -10.55 2.60 32.50
C MET D 107 -9.98 2.84 33.87
N THR D 108 -9.40 4.02 34.08
CA THR D 108 -8.97 4.43 35.39
C THR D 108 -10.08 5.15 36.15
N VAL D 109 -9.89 5.27 37.45
CA VAL D 109 -10.82 5.98 38.34
C VAL D 109 -10.87 7.41 37.90
N ARG D 110 -9.69 7.99 37.62
CA ARG D 110 -9.60 9.32 36.99
C ARG D 110 -10.48 9.49 35.73
N GLU D 111 -10.32 8.58 34.77
CA GLU D 111 -11.19 8.53 33.57
C GLU D 111 -12.72 8.35 33.95
N PHE D 112 -12.99 7.46 34.91
CA PHE D 112 -14.35 7.20 35.34
C PHE D 112 -14.94 8.46 35.98
N ARG D 113 -14.22 9.07 36.92
CA ARG D 113 -14.71 10.27 37.60
C ARG D 113 -15.13 11.34 36.62
N LYS D 114 -14.29 11.54 35.62
CA LYS D 114 -14.48 12.53 34.58
C LYS D 114 -15.79 12.25 33.88
N ILE D 115 -15.98 10.98 33.46
CA ILE D 115 -17.18 10.59 32.76
C ILE D 115 -18.43 10.72 33.68
N ALA D 116 -18.29 10.32 34.93
CA ALA D 116 -19.38 10.42 35.91
C ALA D 116 -19.84 11.82 36.08
N ASN D 117 -18.88 12.72 36.16
CA ASN D 117 -19.18 14.10 36.49
C ASN D 117 -19.64 14.90 35.28
N SER D 118 -19.37 14.41 34.07
CA SER D 118 -19.73 15.09 32.81
C SER D 118 -21.23 15.33 32.68
N ASP D 119 -21.59 16.23 31.76
CA ASP D 119 -22.97 16.69 31.57
C ASP D 119 -23.85 15.58 31.04
N LYS D 120 -23.23 14.65 30.34
CA LYS D 120 -23.97 13.53 29.78
C LYS D 120 -24.51 12.61 30.89
N TYR D 121 -23.77 12.49 31.99
CA TYR D 121 -24.01 11.45 32.96
C TYR D 121 -24.26 11.91 34.34
N CYS D 122 -24.07 13.19 34.65
CA CYS D 122 -24.14 13.63 36.05
C CYS D 122 -25.56 13.62 36.63
N THR D 123 -25.60 13.62 37.94
CA THR D 123 -26.78 13.67 38.76
C THR D 123 -27.69 14.86 38.39
N PRO D 124 -28.98 14.62 38.17
CA PRO D 124 -29.80 15.74 37.84
C PRO D 124 -30.03 16.63 39.03
N ARG D 125 -30.39 17.86 38.69
CA ARG D 125 -30.70 18.92 39.61
C ARG D 125 -32.04 18.60 40.28
N TYR D 126 -32.13 18.83 41.58
CA TYR D 126 -33.27 18.39 42.36
C TYR D 126 -33.34 19.03 43.76
N SER D 127 -34.42 18.76 44.52
CA SER D 127 -34.69 19.40 45.84
C SER D 127 -34.72 18.48 47.07
N GLU D 128 -35.58 17.46 47.00
CA GLU D 128 -35.80 16.48 48.08
C GLU D 128 -35.52 15.11 47.51
N PHE D 129 -34.99 14.20 48.33
CA PHE D 129 -34.70 12.82 47.88
C PHE D 129 -35.78 12.22 46.98
N GLU D 130 -37.00 12.24 47.49
CA GLU D 130 -38.20 11.77 46.72
C GLU D 130 -38.26 12.23 45.26
N GLU D 131 -37.90 13.47 44.97
CA GLU D 131 -37.81 13.91 43.58
C GLU D 131 -36.74 13.12 42.79
N LEU D 132 -35.59 12.88 43.41
CA LEU D 132 -34.50 12.15 42.76
C LEU D 132 -34.88 10.70 42.51
N GLU D 133 -35.47 10.08 43.52
CA GLU D 133 -36.09 8.75 43.36
C GLU D 133 -37.10 8.71 42.20
N ARG D 134 -37.95 9.73 42.11
CA ARG D 134 -38.87 9.87 41.00
C ARG D 134 -38.13 9.94 39.66
N LYS D 135 -37.04 10.71 39.64
CA LYS D 135 -36.22 10.85 38.44
C LYS D 135 -35.56 9.52 38.09
N TYR D 136 -35.08 8.80 39.09
CA TYR D 136 -34.49 7.49 38.86
C TYR D 136 -35.48 6.52 38.15
N TRP D 137 -36.66 6.32 38.73
CA TRP D 137 -37.68 5.34 38.20
C TRP D 137 -38.31 5.76 36.90
N LYS D 138 -38.32 7.06 36.64
CA LYS D 138 -38.78 7.60 35.37
C LYS D 138 -37.70 7.44 34.28
N ASN D 139 -36.42 7.55 34.65
CA ASN D 139 -35.35 7.66 33.67
C ASN D 139 -34.41 6.47 33.55
N LEU D 140 -34.61 5.42 34.34
CA LEU D 140 -33.63 4.32 34.35
C LEU D 140 -33.41 3.57 33.02
N THR D 141 -34.40 3.58 32.09
CA THR D 141 -34.21 3.02 30.72
C THR D 141 -33.51 3.91 29.67
N PHE D 142 -33.20 5.16 30.03
CA PHE D 142 -32.59 6.11 29.11
C PHE D 142 -31.12 6.40 29.48
N ASN D 143 -30.36 6.90 28.52
CA ASN D 143 -28.93 7.22 28.70
C ASN D 143 -28.23 6.27 29.66
N PRO D 144 -28.07 5.01 29.22
CA PRO D 144 -27.60 3.97 30.13
C PRO D 144 -26.24 4.30 30.74
N PRO D 145 -26.14 4.28 32.06
CA PRO D 145 -24.94 4.75 32.69
C PRO D 145 -23.91 3.65 32.75
N ILE D 146 -22.71 4.03 33.22
CA ILE D 146 -21.60 3.10 33.34
C ILE D 146 -21.20 2.95 34.81
N TYR D 147 -21.06 1.69 35.24
CA TYR D 147 -20.83 1.31 36.64
C TYR D 147 -19.46 0.61 36.70
N GLY D 148 -18.52 1.17 37.45
CA GLY D 148 -17.25 0.48 37.71
C GLY D 148 -17.45 -0.57 38.79
N ALA D 149 -18.16 -1.63 38.47
CA ALA D 149 -18.61 -2.59 39.46
C ALA D 149 -17.64 -3.77 39.56
N ASP D 150 -17.57 -4.36 40.75
CA ASP D 150 -16.91 -5.66 41.01
C ASP D 150 -15.44 -5.65 40.74
N VAL D 151 -14.78 -4.58 41.18
CA VAL D 151 -13.35 -4.45 41.04
C VAL D 151 -12.72 -5.13 42.26
N ASN D 152 -11.88 -6.15 42.03
CA ASN D 152 -11.12 -6.73 43.10
C ASN D 152 -10.22 -5.59 43.62
N GLY D 153 -10.38 -5.28 44.91
CA GLY D 153 -9.66 -4.15 45.51
C GLY D 153 -10.14 -3.78 46.90
N THR D 154 -9.37 -2.90 47.54
CA THR D 154 -9.76 -2.27 48.80
C THR D 154 -9.27 -0.85 48.79
N LEU D 155 -9.91 0.03 49.55
CA LEU D 155 -9.38 1.37 49.87
C LEU D 155 -8.97 1.51 51.35
N TYR D 156 -9.04 0.43 52.12
CA TYR D 156 -8.54 0.43 53.49
C TYR D 156 -7.02 0.52 53.46
N GLU D 157 -6.45 1.29 54.35
CA GLU D 157 -5.02 1.21 54.57
C GLU D 157 -4.68 -0.09 55.33
N LYS D 158 -3.45 -0.56 55.14
CA LYS D 158 -3.02 -1.90 55.62
C LYS D 158 -3.24 -2.08 57.13
N HIS D 159 -2.91 -1.04 57.90
CA HIS D 159 -2.89 -1.05 59.39
C HIS D 159 -4.26 -1.14 60.09
N VAL D 160 -5.34 -0.83 59.38
CA VAL D 160 -6.66 -0.69 59.99
C VAL D 160 -7.26 -2.04 60.44
N ASP D 161 -7.39 -2.22 61.74
CA ASP D 161 -7.88 -3.49 62.29
C ASP D 161 -9.40 -3.60 62.53
N GLU D 162 -10.15 -2.51 62.40
CA GLU D 162 -11.57 -2.50 62.78
C GLU D 162 -12.37 -2.58 61.48
N TRP D 163 -13.24 -3.57 61.36
CA TRP D 163 -14.16 -3.68 60.22
C TRP D 163 -13.46 -3.57 58.87
N ASN D 164 -12.28 -4.17 58.74
CA ASN D 164 -11.55 -4.23 57.47
C ASN D 164 -12.18 -5.34 56.60
N ILE D 165 -12.93 -4.89 55.58
CA ILE D 165 -13.65 -5.71 54.63
C ILE D 165 -12.74 -6.73 53.88
N GLY D 166 -11.48 -6.41 53.70
CA GLY D 166 -10.56 -7.36 53.09
C GLY D 166 -10.15 -8.52 53.97
N ARG D 167 -10.54 -8.50 55.24
CA ARG D 167 -10.16 -9.52 56.21
C ARG D 167 -11.01 -9.41 57.49
N LEU D 168 -12.32 -9.60 57.37
CA LEU D 168 -13.20 -9.56 58.55
C LEU D 168 -12.97 -10.74 59.51
N ARG D 169 -12.37 -11.83 59.02
CA ARG D 169 -12.01 -13.01 59.82
C ARG D 169 -13.23 -13.77 60.42
N THR D 170 -14.33 -13.96 59.69
CA THR D 170 -15.50 -14.68 60.25
C THR D 170 -15.45 -16.16 59.83
N ILE D 171 -16.40 -16.97 60.28
CA ILE D 171 -16.40 -18.41 59.91
C ILE D 171 -16.49 -18.68 58.42
N LEU D 172 -16.90 -17.69 57.62
CA LEU D 172 -16.85 -17.86 56.18
C LEU D 172 -15.43 -18.23 55.67
N ASP D 173 -14.41 -17.83 56.40
CA ASP D 173 -13.05 -18.23 56.04
C ASP D 173 -12.84 -19.73 55.97
N LEU D 174 -13.55 -20.49 56.80
CA LEU D 174 -13.48 -21.95 56.68
C LEU D 174 -13.67 -22.53 55.26
N VAL D 175 -14.33 -21.82 54.36
CA VAL D 175 -14.40 -22.18 52.93
C VAL D 175 -12.99 -22.17 52.29
N GLU D 176 -12.16 -21.16 52.62
CA GLU D 176 -10.76 -21.04 52.13
C GLU D 176 -9.73 -21.97 52.85
N LYS D 177 -9.89 -22.14 54.17
CA LYS D 177 -8.96 -22.90 55.02
C LYS D 177 -9.24 -24.42 54.99
N GLU D 178 -10.48 -24.80 55.32
CA GLU D 178 -10.92 -26.21 55.46
C GLU D 178 -11.52 -26.87 54.16
N SER D 179 -11.55 -26.12 53.06
CA SER D 179 -11.94 -26.65 51.75
C SER D 179 -11.20 -25.99 50.54
N GLY D 180 -10.04 -25.37 50.78
CA GLY D 180 -9.21 -24.78 49.70
C GLY D 180 -9.50 -23.33 49.38
N VAL D 186 -15.27 -14.64 47.36
CA VAL D 186 -16.52 -14.28 48.07
C VAL D 186 -16.26 -13.61 49.43
N ASN D 187 -15.16 -14.00 50.07
CA ASN D 187 -14.66 -13.29 51.26
C ASN D 187 -13.50 -12.30 50.99
N THR D 188 -13.22 -11.98 49.73
CA THR D 188 -12.22 -10.96 49.39
C THR D 188 -13.01 -9.70 49.12
N PRO D 189 -12.32 -8.54 49.09
CA PRO D 189 -13.01 -7.26 49.02
C PRO D 189 -13.27 -6.80 47.60
N TYR D 190 -14.40 -6.14 47.34
CA TYR D 190 -14.70 -5.55 46.03
C TYR D 190 -15.06 -4.08 46.13
N LEU D 191 -14.71 -3.34 45.09
CA LEU D 191 -15.03 -1.90 44.94
C LEU D 191 -16.08 -1.65 43.87
N TYR D 192 -16.90 -0.65 44.13
CA TYR D 192 -17.99 -0.26 43.26
C TYR D 192 -17.90 1.27 43.08
N PHE D 193 -17.42 1.67 41.91
CA PHE D 193 -17.35 3.06 41.56
C PHE D 193 -18.65 3.36 40.84
N GLY D 194 -19.53 4.09 41.51
CA GLY D 194 -20.84 4.41 40.96
C GLY D 194 -20.92 5.72 40.21
N MET D 195 -21.89 5.82 39.31
CA MET D 195 -22.35 7.12 38.85
C MET D 195 -23.87 7.18 38.97
N TRP D 196 -24.41 8.37 38.68
CA TRP D 196 -25.86 8.61 38.68
C TRP D 196 -26.64 7.49 37.97
N LYS D 197 -27.57 6.93 38.73
CA LYS D 197 -28.51 5.86 38.39
C LYS D 197 -27.99 4.53 37.87
N THR D 198 -26.76 4.20 38.28
CA THR D 198 -26.29 2.84 38.22
C THR D 198 -27.03 2.11 39.29
N SER D 199 -27.37 0.85 39.01
CA SER D 199 -28.27 0.09 39.91
C SER D 199 -27.77 -1.28 40.26
N PHE D 200 -28.23 -1.75 41.41
CA PHE D 200 -28.21 -3.20 41.73
C PHE D 200 -29.63 -3.71 41.88
N ALA D 201 -29.89 -4.80 41.16
CA ALA D 201 -31.19 -5.44 41.10
C ALA D 201 -31.53 -6.14 42.39
N TRP D 202 -32.78 -6.59 42.50
CA TRP D 202 -33.26 -7.37 43.65
C TRP D 202 -32.52 -8.71 43.81
N HIS D 203 -31.96 -8.93 45.00
CA HIS D 203 -31.31 -10.20 45.33
C HIS D 203 -31.11 -10.35 46.80
N THR D 204 -30.91 -11.62 47.19
CA THR D 204 -30.21 -11.98 48.40
C THR D 204 -28.78 -12.28 48.01
N GLU D 205 -27.87 -12.35 48.97
CA GLU D 205 -26.48 -12.72 48.65
C GLU D 205 -26.37 -14.18 48.20
N ASP D 206 -25.30 -14.50 47.46
CA ASP D 206 -24.97 -15.89 47.13
C ASP D 206 -25.02 -16.69 48.47
N MET D 207 -25.64 -17.88 48.41
CA MET D 207 -25.80 -18.77 49.56
C MET D 207 -26.46 -18.11 50.77
N ASP D 208 -27.19 -17.02 50.50
CA ASP D 208 -27.89 -16.24 51.50
C ASP D 208 -26.99 -15.82 52.63
N LEU D 209 -25.78 -15.43 52.26
CA LEU D 209 -24.80 -14.92 53.21
C LEU D 209 -25.16 -13.49 53.69
N TYR D 210 -24.34 -13.01 54.62
CA TYR D 210 -24.40 -11.65 55.03
C TYR D 210 -23.58 -10.85 54.00
N SER D 211 -23.79 -9.53 53.98
CA SER D 211 -22.82 -8.65 53.34
C SER D 211 -22.61 -7.40 54.14
N ILE D 212 -21.47 -6.78 53.87
CA ILE D 212 -21.09 -5.50 54.46
C ILE D 212 -20.71 -4.60 53.28
N ASN D 213 -21.09 -3.33 53.34
CA ASN D 213 -20.91 -2.37 52.24
C ASN D 213 -20.59 -1.05 52.91
N TYR D 214 -19.38 -0.55 52.70
CA TYR D 214 -18.97 0.74 53.23
C TYR D 214 -18.86 1.73 52.11
N LEU D 215 -19.50 2.89 52.25
CA LEU D 215 -19.40 3.93 51.25
C LEU D 215 -18.19 4.83 51.59
N HIS D 216 -17.09 4.73 50.83
CA HIS D 216 -15.86 5.44 51.18
C HIS D 216 -16.03 6.97 51.05
N PHE D 217 -16.59 7.40 49.94
CA PHE D 217 -16.69 8.83 49.62
C PHE D 217 -17.76 9.00 48.56
N GLY D 218 -18.25 10.22 48.40
CA GLY D 218 -18.97 10.60 47.23
C GLY D 218 -20.43 10.75 47.49
N GLU D 219 -21.19 10.69 46.40
CA GLU D 219 -22.65 10.89 46.48
C GLU D 219 -23.35 9.63 46.96
N PRO D 220 -24.49 9.80 47.68
CA PRO D 220 -25.13 8.67 48.40
C PRO D 220 -25.55 7.46 47.55
N LYS D 221 -25.79 6.35 48.24
CA LYS D 221 -26.37 5.14 47.67
C LYS D 221 -27.71 4.89 48.36
N SER D 222 -28.79 4.70 47.59
CA SER D 222 -30.12 4.47 48.17
C SER D 222 -30.48 3.03 48.00
N TRP D 223 -31.20 2.53 49.02
CA TRP D 223 -31.49 1.11 49.15
C TRP D 223 -32.95 0.88 49.41
N TYR D 224 -33.42 -0.28 48.96
CA TYR D 224 -34.75 -0.87 49.31
C TYR D 224 -34.57 -2.28 49.86
N SER D 225 -35.40 -2.65 50.81
CA SER D 225 -35.24 -3.93 51.51
C SER D 225 -36.59 -4.59 51.82
N VAL D 226 -36.62 -5.91 51.75
CA VAL D 226 -37.79 -6.71 52.08
C VAL D 226 -37.36 -7.58 53.26
N PRO D 227 -38.09 -7.52 54.39
CA PRO D 227 -37.73 -8.37 55.52
C PRO D 227 -37.61 -9.84 55.08
N PRO D 228 -36.60 -10.57 55.61
CA PRO D 228 -36.54 -12.02 55.47
C PRO D 228 -37.86 -12.74 55.70
N GLU D 229 -38.60 -12.37 56.74
CA GLU D 229 -39.86 -13.03 57.04
C GLU D 229 -40.90 -12.88 55.92
N HIS D 230 -40.66 -11.97 54.97
CA HIS D 230 -41.53 -11.75 53.78
C HIS D 230 -40.90 -11.98 52.40
N GLY D 231 -39.64 -12.39 52.37
CA GLY D 231 -38.94 -12.66 51.11
C GLY D 231 -39.61 -13.64 50.16
N LYS D 232 -40.37 -14.60 50.72
CA LYS D 232 -41.10 -15.57 49.87
C LYS D 232 -42.22 -14.91 49.12
N ARG D 233 -42.82 -13.89 49.72
CA ARG D 233 -43.88 -13.10 49.11
C ARG D 233 -43.28 -12.28 47.97
N LEU D 234 -42.10 -11.69 48.14
CA LEU D 234 -41.35 -11.07 47.00
C LEU D 234 -41.10 -12.02 45.84
N GLU D 235 -40.61 -13.22 46.16
CA GLU D 235 -40.38 -14.28 45.15
C GLU D 235 -41.64 -14.63 44.37
N ARG D 236 -42.78 -14.76 45.06
CA ARG D 236 -44.04 -15.12 44.39
C ARG D 236 -44.53 -14.00 43.51
N LEU D 237 -44.36 -12.77 43.92
CA LEU D 237 -44.64 -11.65 43.04
C LEU D 237 -43.75 -11.65 41.79
N ALA D 238 -42.44 -11.72 42.00
CA ALA D 238 -41.46 -11.69 40.88
C ALA D 238 -41.67 -12.83 39.91
N LYS D 239 -42.07 -13.99 40.44
CA LYS D 239 -42.41 -15.17 39.63
C LYS D 239 -43.66 -14.94 38.79
N GLY D 240 -44.64 -14.28 39.39
CA GLY D 240 -45.84 -13.96 38.67
C GLY D 240 -45.57 -13.00 37.54
N PHE D 241 -44.65 -12.05 37.72
CA PHE D 241 -44.45 -10.99 36.73
C PHE D 241 -43.40 -11.27 35.67
N PHE D 242 -42.59 -12.29 35.87
CA PHE D 242 -41.59 -12.69 34.90
C PHE D 242 -41.69 -14.21 34.74
N PRO D 243 -42.90 -14.70 34.35
CA PRO D 243 -43.13 -16.17 34.27
C PRO D 243 -42.15 -16.89 33.33
N GLY D 244 -41.70 -16.23 32.24
CA GLY D 244 -40.66 -16.80 31.35
C GLY D 244 -39.39 -17.23 32.11
N SER D 245 -38.91 -16.31 32.95
CA SER D 245 -37.69 -16.46 33.75
C SER D 245 -37.81 -17.48 34.86
N ALA D 246 -38.94 -17.46 35.59
CA ALA D 246 -39.24 -18.53 36.60
C ALA D 246 -39.26 -19.95 36.01
N GLN D 247 -39.84 -20.10 34.81
CA GLN D 247 -39.94 -21.40 34.15
C GLN D 247 -38.54 -21.92 33.85
N SER D 248 -37.71 -21.03 33.33
CA SER D 248 -36.31 -21.34 33.02
C SER D 248 -35.43 -21.68 34.22
N CYS D 249 -35.74 -21.11 35.39
CA CYS D 249 -34.88 -21.23 36.58
C CYS D 249 -35.66 -20.87 37.88
N GLU D 250 -35.51 -21.69 38.91
CA GLU D 250 -36.24 -21.46 40.17
C GLU D 250 -35.76 -20.15 40.77
N ALA D 251 -34.43 -20.01 40.85
CA ALA D 251 -33.77 -18.92 41.54
C ALA D 251 -33.33 -17.79 40.61
N PHE D 252 -34.19 -17.35 39.69
CA PHE D 252 -33.81 -16.42 38.65
C PHE D 252 -33.46 -15.02 39.21
N LEU D 253 -33.98 -14.70 40.38
CA LEU D 253 -33.51 -13.52 41.09
C LEU D 253 -31.98 -13.50 41.29
N ARG D 254 -31.37 -14.68 41.47
CA ARG D 254 -29.91 -14.84 41.60
C ARG D 254 -29.16 -14.41 40.39
N HIS D 255 -29.81 -14.33 39.22
CA HIS D 255 -29.16 -13.74 38.06
C HIS D 255 -28.92 -12.24 38.26
N LYS D 256 -29.62 -11.62 39.21
CA LYS D 256 -29.36 -10.25 39.64
C LYS D 256 -29.62 -9.25 38.56
N MET D 257 -30.71 -9.48 37.82
CA MET D 257 -31.10 -8.62 36.70
C MET D 257 -32.52 -8.03 36.85
N THR D 258 -33.24 -8.37 37.91
CA THR D 258 -34.65 -8.05 37.98
C THR D 258 -34.87 -6.82 38.86
N LEU D 259 -35.36 -5.75 38.24
CA LEU D 259 -35.68 -4.50 38.95
C LEU D 259 -37.20 -4.40 39.06
N ILE D 260 -37.67 -4.11 40.28
CA ILE D 260 -39.09 -3.97 40.59
C ILE D 260 -39.21 -2.71 41.42
N SER D 261 -40.05 -1.78 41.03
CA SER D 261 -40.10 -0.50 41.72
C SER D 261 -40.86 -0.62 43.02
N PRO D 262 -40.58 0.26 44.00
CA PRO D 262 -41.34 0.20 45.26
C PRO D 262 -42.86 0.41 45.11
N LEU D 263 -43.31 1.20 44.14
CA LEU D 263 -44.76 1.38 43.95
C LEU D 263 -45.47 0.08 43.56
N MET D 264 -44.84 -0.73 42.70
CA MET D 264 -45.28 -2.11 42.46
C MET D 264 -45.31 -2.96 43.72
N LEU D 265 -44.30 -2.86 44.57
CA LEU D 265 -44.36 -3.62 45.82
C LEU D 265 -45.56 -3.17 46.69
N LYS D 266 -45.78 -1.86 46.74
CA LYS D 266 -46.85 -1.31 47.53
C LYS D 266 -48.17 -1.72 46.89
N LYS D 267 -48.26 -1.65 45.57
CA LYS D 267 -49.48 -2.09 44.85
C LYS D 267 -49.97 -3.50 45.22
N TYR D 268 -49.03 -4.41 45.50
CA TYR D 268 -49.32 -5.79 45.88
C TYR D 268 -49.10 -6.11 47.34
N GLY D 269 -48.98 -5.08 48.18
CA GLY D 269 -48.90 -5.30 49.63
C GLY D 269 -47.61 -5.93 50.18
N ILE D 270 -46.54 -6.02 49.39
CA ILE D 270 -45.25 -6.60 49.87
C ILE D 270 -44.65 -5.55 50.83
N PRO D 271 -44.40 -5.92 52.09
CA PRO D 271 -43.76 -4.98 53.00
C PRO D 271 -42.29 -4.74 52.61
N PHE D 272 -41.91 -3.48 52.48
CA PHE D 272 -40.54 -3.08 52.17
C PHE D 272 -40.21 -1.81 52.97
N ASP D 273 -38.94 -1.47 53.05
CA ASP D 273 -38.50 -0.21 53.65
C ASP D 273 -37.44 0.36 52.75
N LYS D 274 -37.09 1.63 52.95
CA LYS D 274 -35.98 2.23 52.25
C LYS D 274 -35.06 2.98 53.18
N VAL D 275 -33.85 3.21 52.69
CA VAL D 275 -32.85 3.93 53.42
C VAL D 275 -31.80 4.39 52.45
N THR D 276 -31.20 5.53 52.77
CA THR D 276 -30.19 6.15 51.96
C THR D 276 -28.91 6.10 52.80
N GLN D 277 -27.83 5.66 52.14
CA GLN D 277 -26.51 5.49 52.72
C GLN D 277 -25.69 6.67 52.23
N GLU D 278 -25.09 7.36 53.18
CA GLU D 278 -24.18 8.44 52.88
C GLU D 278 -22.74 8.05 53.23
N ALA D 279 -21.78 8.81 52.71
CA ALA D 279 -20.33 8.59 52.94
C ALA D 279 -19.98 8.42 54.42
N GLY D 280 -19.10 7.47 54.69
CA GLY D 280 -18.68 7.16 56.03
C GLY D 280 -19.53 6.13 56.72
N GLU D 281 -20.61 5.68 56.08
CA GLU D 281 -21.59 4.75 56.71
C GLU D 281 -21.50 3.31 56.17
N PHE D 282 -21.68 2.33 57.07
CA PHE D 282 -21.80 0.90 56.73
C PHE D 282 -23.26 0.49 56.56
N MET D 283 -23.50 -0.42 55.63
CA MET D 283 -24.77 -1.13 55.52
C MET D 283 -24.43 -2.61 55.72
N ILE D 284 -25.27 -3.30 56.50
CA ILE D 284 -25.19 -4.76 56.68
C ILE D 284 -26.43 -5.39 56.05
N THR D 285 -26.25 -6.35 55.13
CA THR D 285 -27.42 -7.15 54.68
C THR D 285 -27.32 -8.48 55.41
N PHE D 286 -28.46 -9.01 55.82
CA PHE D 286 -28.56 -10.19 56.63
C PHE D 286 -29.07 -11.35 55.79
N PRO D 287 -28.85 -12.59 56.23
CA PRO D 287 -29.20 -13.72 55.39
C PRO D 287 -30.66 -13.73 54.99
N TYR D 288 -30.88 -13.99 53.73
CA TYR D 288 -32.21 -13.99 53.09
C TYR D 288 -32.92 -12.61 53.01
N GLY D 289 -32.16 -11.52 53.21
CA GLY D 289 -32.67 -10.14 53.11
C GLY D 289 -32.55 -9.63 51.67
N TYR D 290 -33.65 -9.63 50.92
CA TYR D 290 -33.66 -9.07 49.55
C TYR D 290 -33.44 -7.53 49.56
N HIS D 291 -32.62 -7.04 48.64
CA HIS D 291 -32.31 -5.64 48.59
C HIS D 291 -32.00 -5.24 47.19
N ALA D 292 -32.15 -3.94 46.94
CA ALA D 292 -31.91 -3.30 45.62
C ALA D 292 -31.65 -1.83 45.81
N GLY D 293 -31.21 -1.16 44.79
CA GLY D 293 -30.88 0.22 44.94
C GLY D 293 -30.12 0.84 43.79
N PHE D 294 -29.64 2.04 44.07
CA PHE D 294 -29.09 2.90 43.06
C PHE D 294 -28.19 3.98 43.62
N ASN D 295 -27.27 4.45 42.77
CA ASN D 295 -26.28 5.48 43.14
C ASN D 295 -26.77 6.91 42.74
N HIS D 296 -26.58 7.86 43.63
CA HIS D 296 -26.97 9.27 43.38
C HIS D 296 -26.02 9.97 42.41
N GLY D 297 -24.79 9.46 42.31
CA GLY D 297 -23.77 10.03 41.46
C GLY D 297 -22.43 9.39 41.78
N PHE D 298 -21.33 10.12 41.55
CA PHE D 298 -20.00 9.58 41.73
C PHE D 298 -19.73 9.19 43.19
N ASN D 299 -19.33 7.94 43.40
CA ASN D 299 -19.03 7.43 44.73
C ASN D 299 -18.24 6.12 44.61
N CYS D 300 -17.75 5.64 45.74
CA CYS D 300 -17.08 4.37 45.76
C CYS D 300 -17.47 3.64 47.01
N ALA D 301 -17.96 2.42 46.84
CA ALA D 301 -18.37 1.57 47.96
C ALA D 301 -17.52 0.31 47.96
N GLU D 302 -17.28 -0.24 49.14
CA GLU D 302 -16.47 -1.45 49.32
C GLU D 302 -17.32 -2.52 50.00
N SER D 303 -17.29 -3.75 49.49
CA SER D 303 -18.05 -4.86 50.11
C SER D 303 -17.41 -6.22 50.01
N THR D 304 -17.95 -7.13 50.81
CA THR D 304 -17.62 -8.55 50.76
C THR D 304 -18.76 -9.29 51.43
N ASN D 305 -18.77 -10.62 51.39
CA ASN D 305 -19.78 -11.38 52.17
C ASN D 305 -19.15 -11.85 53.49
N PHE D 306 -19.96 -12.21 54.48
CA PHE D 306 -19.43 -12.82 55.70
C PHE D 306 -20.43 -13.74 56.35
N ALA D 307 -20.07 -14.36 57.49
CA ALA D 307 -21.01 -15.22 58.21
C ALA D 307 -20.99 -15.10 59.72
N THR D 308 -22.02 -15.68 60.32
CA THR D 308 -22.13 -15.96 61.74
C THR D 308 -22.63 -17.39 61.87
N ARG D 309 -22.52 -18.00 63.04
CA ARG D 309 -23.14 -19.32 63.24
C ARG D 309 -24.58 -19.41 62.63
N ARG D 310 -25.41 -18.38 62.84
CA ARG D 310 -26.80 -18.36 62.34
C ARG D 310 -26.90 -18.60 60.86
N TRP D 311 -25.96 -18.05 60.09
CA TRP D 311 -25.97 -18.21 58.63
C TRP D 311 -26.02 -19.70 58.19
N ILE D 312 -25.37 -20.60 58.93
CA ILE D 312 -25.18 -21.97 58.47
C ILE D 312 -26.47 -22.65 58.00
N GLU D 313 -27.50 -22.59 58.83
CA GLU D 313 -28.80 -23.15 58.44
C GLU D 313 -29.32 -22.52 57.14
N TYR D 314 -29.07 -21.22 56.95
CA TYR D 314 -29.45 -20.50 55.72
C TYR D 314 -28.72 -21.03 54.52
N GLY D 315 -27.42 -21.24 54.62
CA GLY D 315 -26.68 -21.83 53.50
C GLY D 315 -27.12 -23.25 53.12
N LYS D 316 -27.43 -24.08 54.12
CA LYS D 316 -27.96 -25.43 53.91
C LYS D 316 -29.25 -25.37 53.14
N GLN D 317 -30.11 -24.38 53.47
CA GLN D 317 -31.46 -24.31 52.88
C GLN D 317 -31.61 -23.35 51.72
N ALA D 318 -30.52 -22.75 51.24
CA ALA D 318 -30.60 -21.70 50.22
C ALA D 318 -30.99 -22.30 48.87
N VAL D 319 -32.02 -21.75 48.21
CA VAL D 319 -32.45 -22.23 46.87
C VAL D 319 -31.59 -21.58 45.81
N LEU D 320 -30.98 -22.39 44.96
CA LEU D 320 -29.87 -21.96 44.11
C LEU D 320 -30.18 -21.98 42.62
N CYS D 321 -29.50 -21.14 41.87
CA CYS D 321 -29.70 -21.06 40.43
C CYS D 321 -29.28 -22.39 39.84
N SER D 322 -30.19 -23.00 39.07
CA SER D 322 -29.98 -24.28 38.40
C SER D 322 -29.46 -24.17 36.94
N CYS D 323 -29.84 -23.11 36.24
CA CYS D 323 -29.66 -22.99 34.79
C CYS D 323 -28.22 -22.78 34.26
N ARG D 324 -27.33 -22.25 35.09
CA ARG D 324 -25.94 -22.03 34.71
C ARG D 324 -25.14 -23.05 35.48
N VAL D 328 -21.77 -21.64 40.63
CA VAL D 328 -21.83 -20.41 41.45
C VAL D 328 -22.00 -20.77 42.95
N LYS D 329 -21.18 -21.68 43.50
CA LYS D 329 -21.61 -22.57 44.63
C LYS D 329 -20.61 -22.90 45.76
N ILE D 330 -21.08 -22.82 47.00
CA ILE D 330 -20.28 -23.14 48.20
C ILE D 330 -20.84 -24.41 48.83
N SER D 331 -19.93 -25.30 49.22
CA SER D 331 -20.29 -26.56 49.82
C SER D 331 -20.42 -26.31 51.32
N MET D 332 -21.54 -26.76 51.89
CA MET D 332 -21.82 -26.56 53.28
C MET D 332 -21.16 -27.62 54.18
N ASP D 333 -20.87 -28.78 53.60
CA ASP D 333 -20.28 -29.93 54.30
C ASP D 333 -19.30 -29.59 55.46
N VAL D 334 -18.36 -28.70 55.18
CA VAL D 334 -17.35 -28.33 56.17
C VAL D 334 -17.96 -27.60 57.38
N PHE D 335 -18.99 -26.80 57.13
CA PHE D 335 -19.75 -26.15 58.23
C PHE D 335 -20.60 -27.10 59.03
N VAL D 336 -21.23 -28.08 58.37
CA VAL D 336 -22.07 -29.04 59.08
C VAL D 336 -21.21 -29.91 60.03
N ARG D 337 -20.08 -30.39 59.52
CA ARG D 337 -19.15 -31.19 60.31
C ARG D 337 -18.77 -30.44 61.57
N LYS D 338 -18.44 -29.17 61.44
CA LYS D 338 -17.86 -28.42 62.57
C LYS D 338 -18.91 -27.98 63.58
N PHE D 339 -19.95 -27.34 63.09
CA PHE D 339 -20.89 -26.70 63.99
C PHE D 339 -22.08 -27.56 64.32
N GLN D 340 -22.40 -28.51 63.46
CA GLN D 340 -23.52 -29.41 63.67
C GLN D 340 -23.12 -30.92 63.51
N PRO D 341 -22.01 -31.40 64.16
CA PRO D 341 -21.57 -32.83 63.98
C PRO D 341 -22.69 -33.84 64.21
N GLU D 342 -23.48 -33.59 65.24
CA GLU D 342 -24.64 -34.41 65.55
C GLU D 342 -25.63 -34.56 64.37
N ARG D 343 -25.84 -33.47 63.62
CA ARG D 343 -26.78 -33.49 62.50
C ARG D 343 -26.15 -33.94 61.20
N TYR D 344 -24.86 -34.25 61.20
CA TYR D 344 -24.15 -34.54 59.97
C TYR D 344 -24.73 -35.71 59.19
N LYS D 345 -25.05 -36.80 59.89
CA LYS D 345 -25.62 -37.97 59.25
C LYS D 345 -26.96 -37.66 58.57
N LEU D 346 -27.89 -37.11 59.36
CA LEU D 346 -29.26 -36.76 58.93
C LEU D 346 -29.20 -35.85 57.71
N TRP D 347 -28.40 -34.78 57.82
CA TRP D 347 -28.20 -33.82 56.73
C TRP D 347 -27.64 -34.45 55.47
N LYS D 348 -26.64 -35.29 55.62
CA LYS D 348 -26.11 -36.01 54.48
C LYS D 348 -27.23 -36.87 53.86
N ALA D 349 -28.02 -37.53 54.72
CA ALA D 349 -29.17 -38.32 54.27
C ALA D 349 -30.41 -37.49 53.80
N GLY D 350 -30.22 -36.22 53.43
CA GLY D 350 -31.31 -35.34 52.97
C GLY D 350 -32.51 -35.21 53.90
N LYS D 351 -32.38 -35.68 55.15
CA LYS D 351 -33.46 -35.73 56.15
C LYS D 351 -33.39 -34.64 57.26
N ASP D 352 -32.48 -33.66 57.13
CA ASP D 352 -32.39 -32.56 58.09
C ASP D 352 -33.31 -31.47 57.57
N ASN D 353 -34.32 -31.18 58.36
CA ASN D 353 -35.47 -30.40 57.90
C ASN D 353 -35.87 -29.30 58.93
N THR D 354 -34.87 -28.76 59.62
CA THR D 354 -35.01 -27.59 60.50
C THR D 354 -35.74 -26.47 59.76
N VAL D 355 -36.88 -26.05 60.30
CA VAL D 355 -37.55 -24.87 59.80
C VAL D 355 -36.78 -23.67 60.33
N ILE D 356 -36.51 -22.68 59.48
CA ILE D 356 -35.83 -21.46 59.87
C ILE D 356 -36.83 -20.40 60.45
N ASP D 357 -36.54 -19.92 61.65
CA ASP D 357 -37.24 -18.77 62.23
C ASP D 357 -36.36 -17.52 61.99
N HIS D 358 -36.89 -16.63 61.16
CA HIS D 358 -36.18 -15.42 60.77
C HIS D 358 -36.05 -14.38 61.87
N THR D 359 -36.90 -14.45 62.90
CA THR D 359 -36.81 -13.50 64.02
C THR D 359 -35.62 -13.75 64.94
N LEU D 360 -35.07 -14.95 64.90
CA LEU D 360 -34.19 -15.44 65.96
C LEU D 360 -32.78 -14.85 65.80
N PRO D 361 -32.22 -14.24 66.87
CA PRO D 361 -30.87 -13.72 66.76
C PRO D 361 -29.82 -14.83 66.75
N THR D 362 -28.63 -14.54 66.25
CA THR D 362 -27.54 -15.53 66.21
C THR D 362 -27.20 -15.89 67.67
N PRO D 363 -26.78 -17.14 67.93
CA PRO D 363 -26.50 -17.53 69.33
C PRO D 363 -25.25 -16.87 69.99
N GLU D 364 -24.37 -16.23 69.18
CA GLU D 364 -23.25 -15.40 69.70
C GLU D 364 -23.74 -14.15 70.48
N ALA D 365 -25.06 -13.90 70.45
CA ALA D 365 -25.73 -12.89 71.27
C ALA D 365 -26.17 -13.40 72.65
N ALA D 366 -25.65 -14.54 73.12
CA ALA D 366 -25.94 -15.04 74.46
C ALA D 366 -25.54 -14.05 75.57
N GLU D 367 -24.41 -13.35 75.37
CA GLU D 367 -23.80 -12.41 76.38
C GLU D 367 -24.57 -11.10 76.74
N PHE D 368 -25.39 -10.58 75.82
CA PHE D 368 -26.12 -9.31 76.03
C PHE D 368 -27.44 -9.52 76.77
#